data_6AUC
# 
_entry.id   6AUC 
# 
_audit_conform.dict_name       mmcif_pdbx.dic 
_audit_conform.dict_version    5.379 
_audit_conform.dict_location   http://mmcif.pdb.org/dictionaries/ascii/mmcif_pdbx.dic 
# 
loop_
_database_2.database_id 
_database_2.database_code 
_database_2.pdbx_database_accession 
_database_2.pdbx_DOI 
PDB   6AUC         pdb_00006auc 10.2210/pdb6auc/pdb 
WWPDB D_1000229870 ?            ?                   
# 
_pdbx_database_status.status_code                     REL 
_pdbx_database_status.status_code_sf                  REL 
_pdbx_database_status.status_code_mr                  ? 
_pdbx_database_status.entry_id                        6AUC 
_pdbx_database_status.recvd_initial_deposition_date   2017-08-31 
_pdbx_database_status.SG_entry                        N 
_pdbx_database_status.deposit_site                    RCSB 
_pdbx_database_status.process_site                    RCSB 
_pdbx_database_status.status_code_cs                  ? 
_pdbx_database_status.methods_development_category    ? 
_pdbx_database_status.pdb_format_compatible           Y 
_pdbx_database_status.status_code_nmr_data            ? 
# 
loop_
_audit_author.name 
_audit_author.pdbx_ordinal 
_audit_author.identifier_ORCID 
'Olshansky, L.'      1 ? 
'Vallapurackal, J.'  2 ? 
'Huerta-Lavorie, R.' 3 ? 
'Tilley, T.D.'       4 ? 
'Borovik, A.S.'      5 ? 
# 
_citation.abstract                  ? 
_citation.abstract_id_CAS           ? 
_citation.book_id_ISBN              ? 
_citation.book_publisher            ? 
_citation.book_publisher_city       ? 
_citation.book_title                ? 
_citation.coordinate_linkage        ? 
_citation.country                   US 
_citation.database_id_Medline       ? 
_citation.details                   ? 
_citation.id                        primary 
_citation.journal_abbrev            'J. Am. Chem. Soc.' 
_citation.journal_id_ASTM           JACSAT 
_citation.journal_id_CSD            ? 
_citation.journal_id_ISSN           1520-5126 
_citation.journal_full              ? 
_citation.journal_issue             ? 
_citation.journal_volume            140 
_citation.language                  ? 
_citation.page_first                2739 
_citation.page_last                 2742 
_citation.title                     'Artificial Metalloproteins Containing Co' 
_citation.year                      2018 
_citation.database_id_CSD           ? 
_citation.pdbx_database_id_DOI      10.1021/jacs.7b13052 
_citation.pdbx_database_id_PubMed   29401385 
_citation.unpublished_flag          ? 
# 
loop_
_citation_author.citation_id 
_citation_author.name 
_citation_author.ordinal 
_citation_author.identifier_ORCID 
primary 'Olshansky, L.'      1 ? 
primary 'Huerta-Lavorie, R.' 2 ? 
primary 'Nguyen, A.I.'       3 ? 
primary 'Vallapurackal, J.'  4 ? 
primary 'Furst, A.'          5 ? 
primary 'Tilley, T.D.'       6 ? 
primary 'Borovik, A.S.'      7 ? 
# 
_cell.angle_alpha                  90.00 
_cell.angle_alpha_esd              ? 
_cell.angle_beta                   90.00 
_cell.angle_beta_esd               ? 
_cell.angle_gamma                  90.00 
_cell.angle_gamma_esd              ? 
_cell.entry_id                     6AUC 
_cell.details                      ? 
_cell.formula_units_Z              ? 
_cell.length_a                     57.580 
_cell.length_a_esd                 ? 
_cell.length_b                     57.580 
_cell.length_b_esd                 ? 
_cell.length_c                     183.790 
_cell.length_c_esd                 ? 
_cell.volume                       ? 
_cell.volume_esd                   ? 
_cell.Z_PDB                        16 
_cell.reciprocal_angle_alpha       ? 
_cell.reciprocal_angle_beta        ? 
_cell.reciprocal_angle_gamma       ? 
_cell.reciprocal_angle_alpha_esd   ? 
_cell.reciprocal_angle_beta_esd    ? 
_cell.reciprocal_angle_gamma_esd   ? 
_cell.reciprocal_length_a          ? 
_cell.reciprocal_length_b          ? 
_cell.reciprocal_length_c          ? 
_cell.reciprocal_length_a_esd      ? 
_cell.reciprocal_length_b_esd      ? 
_cell.reciprocal_length_c_esd      ? 
_cell.pdbx_unique_axis             ? 
# 
_symmetry.entry_id                         6AUC 
_symmetry.cell_setting                     ? 
_symmetry.Int_Tables_number                98 
_symmetry.space_group_name_Hall            ? 
_symmetry.space_group_name_H-M             'I 41 2 2' 
_symmetry.pdbx_full_space_group_name_H-M   ? 
# 
loop_
_entity.id 
_entity.type 
_entity.src_method 
_entity.pdbx_description 
_entity.formula_weight 
_entity.pdbx_number_of_molecules 
_entity.pdbx_ec 
_entity.pdbx_mutation 
_entity.pdbx_fragment 
_entity.details 
1 polymer     man Streptavidin                                     16510.930 1  ? 'E101Q, K121A' ? ? 
2 non-polymer syn 'N-biotin-C-Co4(mu3-O)4(Py)4(H2O)4-beta-alanine' 995.516   1  ? ?              ? ? 
3 water       nat water                                            18.015    72 ? ?              ? ? 
# 
_entity_poly.entity_id                      1 
_entity_poly.type                           'polypeptide(L)' 
_entity_poly.nstd_linkage                   no 
_entity_poly.nstd_monomer                   no 
_entity_poly.pdbx_seq_one_letter_code       
;MASMTGGQQMGRDEAGITGTWYNQLGSTFIVTAGADGALTGTYESAVGNAESRYVLTGRYDSAPATDGSGTALGWTVAWK
NNYRNAHSATTWSGQYVGGAQARINTQWLLTSGTTEANAWASTLVGHDTFTKVKPSAASIDAAKKAGVNNGNPLDAVQQ
;
_entity_poly.pdbx_seq_one_letter_code_can   
;MASMTGGQQMGRDEAGITGTWYNQLGSTFIVTAGADGALTGTYESAVGNAESRYVLTGRYDSAPATDGSGTALGWTVAWK
NNYRNAHSATTWSGQYVGGAQARINTQWLLTSGTTEANAWASTLVGHDTFTKVKPSAASIDAAKKAGVNNGNPLDAVQQ
;
_entity_poly.pdbx_strand_id                 A 
_entity_poly.pdbx_target_identifier         ? 
# 
loop_
_entity_poly_seq.entity_id 
_entity_poly_seq.num 
_entity_poly_seq.mon_id 
_entity_poly_seq.hetero 
1 1   MET n 
1 2   ALA n 
1 3   SER n 
1 4   MET n 
1 5   THR n 
1 6   GLY n 
1 7   GLY n 
1 8   GLN n 
1 9   GLN n 
1 10  MET n 
1 11  GLY n 
1 12  ARG n 
1 13  ASP n 
1 14  GLU n 
1 15  ALA n 
1 16  GLY n 
1 17  ILE n 
1 18  THR n 
1 19  GLY n 
1 20  THR n 
1 21  TRP n 
1 22  TYR n 
1 23  ASN n 
1 24  GLN n 
1 25  LEU n 
1 26  GLY n 
1 27  SER n 
1 28  THR n 
1 29  PHE n 
1 30  ILE n 
1 31  VAL n 
1 32  THR n 
1 33  ALA n 
1 34  GLY n 
1 35  ALA n 
1 36  ASP n 
1 37  GLY n 
1 38  ALA n 
1 39  LEU n 
1 40  THR n 
1 41  GLY n 
1 42  THR n 
1 43  TYR n 
1 44  GLU n 
1 45  SER n 
1 46  ALA n 
1 47  VAL n 
1 48  GLY n 
1 49  ASN n 
1 50  ALA n 
1 51  GLU n 
1 52  SER n 
1 53  ARG n 
1 54  TYR n 
1 55  VAL n 
1 56  LEU n 
1 57  THR n 
1 58  GLY n 
1 59  ARG n 
1 60  TYR n 
1 61  ASP n 
1 62  SER n 
1 63  ALA n 
1 64  PRO n 
1 65  ALA n 
1 66  THR n 
1 67  ASP n 
1 68  GLY n 
1 69  SER n 
1 70  GLY n 
1 71  THR n 
1 72  ALA n 
1 73  LEU n 
1 74  GLY n 
1 75  TRP n 
1 76  THR n 
1 77  VAL n 
1 78  ALA n 
1 79  TRP n 
1 80  LYS n 
1 81  ASN n 
1 82  ASN n 
1 83  TYR n 
1 84  ARG n 
1 85  ASN n 
1 86  ALA n 
1 87  HIS n 
1 88  SER n 
1 89  ALA n 
1 90  THR n 
1 91  THR n 
1 92  TRP n 
1 93  SER n 
1 94  GLY n 
1 95  GLN n 
1 96  TYR n 
1 97  VAL n 
1 98  GLY n 
1 99  GLY n 
1 100 ALA n 
1 101 GLN n 
1 102 ALA n 
1 103 ARG n 
1 104 ILE n 
1 105 ASN n 
1 106 THR n 
1 107 GLN n 
1 108 TRP n 
1 109 LEU n 
1 110 LEU n 
1 111 THR n 
1 112 SER n 
1 113 GLY n 
1 114 THR n 
1 115 THR n 
1 116 GLU n 
1 117 ALA n 
1 118 ASN n 
1 119 ALA n 
1 120 TRP n 
1 121 ALA n 
1 122 SER n 
1 123 THR n 
1 124 LEU n 
1 125 VAL n 
1 126 GLY n 
1 127 HIS n 
1 128 ASP n 
1 129 THR n 
1 130 PHE n 
1 131 THR n 
1 132 LYS n 
1 133 VAL n 
1 134 LYS n 
1 135 PRO n 
1 136 SER n 
1 137 ALA n 
1 138 ALA n 
1 139 SER n 
1 140 ILE n 
1 141 ASP n 
1 142 ALA n 
1 143 ALA n 
1 144 LYS n 
1 145 LYS n 
1 146 ALA n 
1 147 GLY n 
1 148 VAL n 
1 149 ASN n 
1 150 ASN n 
1 151 GLY n 
1 152 ASN n 
1 153 PRO n 
1 154 LEU n 
1 155 ASP n 
1 156 ALA n 
1 157 VAL n 
1 158 GLN n 
1 159 GLN n 
# 
_entity_src_gen.entity_id                          1 
_entity_src_gen.pdbx_src_id                        1 
_entity_src_gen.pdbx_alt_source_flag               sample 
_entity_src_gen.pdbx_seq_type                      'Biological sequence' 
_entity_src_gen.pdbx_beg_seq_num                   1 
_entity_src_gen.pdbx_end_seq_num                   159 
_entity_src_gen.gene_src_common_name               ? 
_entity_src_gen.gene_src_genus                     ? 
_entity_src_gen.pdbx_gene_src_gene                 ? 
_entity_src_gen.gene_src_species                   ? 
_entity_src_gen.gene_src_strain                    ? 
_entity_src_gen.gene_src_tissue                    ? 
_entity_src_gen.gene_src_tissue_fraction           ? 
_entity_src_gen.gene_src_details                   ? 
_entity_src_gen.pdbx_gene_src_fragment             ? 
_entity_src_gen.pdbx_gene_src_scientific_name      'Streptomyces avidinii' 
_entity_src_gen.pdbx_gene_src_ncbi_taxonomy_id     1895 
_entity_src_gen.pdbx_gene_src_variant              ? 
_entity_src_gen.pdbx_gene_src_cell_line            ? 
_entity_src_gen.pdbx_gene_src_atcc                 ? 
_entity_src_gen.pdbx_gene_src_organ                ? 
_entity_src_gen.pdbx_gene_src_organelle            ? 
_entity_src_gen.pdbx_gene_src_cell                 ? 
_entity_src_gen.pdbx_gene_src_cellular_location    ? 
_entity_src_gen.host_org_common_name               ? 
_entity_src_gen.pdbx_host_org_scientific_name      'Escherichia coli' 
_entity_src_gen.pdbx_host_org_ncbi_taxonomy_id     562 
_entity_src_gen.host_org_genus                     ? 
_entity_src_gen.pdbx_host_org_gene                 ? 
_entity_src_gen.pdbx_host_org_organ                ? 
_entity_src_gen.host_org_species                   ? 
_entity_src_gen.pdbx_host_org_tissue               ? 
_entity_src_gen.pdbx_host_org_tissue_fraction      ? 
_entity_src_gen.pdbx_host_org_strain               ? 
_entity_src_gen.pdbx_host_org_variant              ? 
_entity_src_gen.pdbx_host_org_cell_line            ? 
_entity_src_gen.pdbx_host_org_atcc                 ? 
_entity_src_gen.pdbx_host_org_culture_collection   ? 
_entity_src_gen.pdbx_host_org_cell                 ? 
_entity_src_gen.pdbx_host_org_organelle            ? 
_entity_src_gen.pdbx_host_org_cellular_location    ? 
_entity_src_gen.pdbx_host_org_vector_type          ? 
_entity_src_gen.pdbx_host_org_vector               ? 
_entity_src_gen.host_org_details                   ? 
_entity_src_gen.expression_system_id               ? 
_entity_src_gen.plasmid_name                       ? 
_entity_src_gen.plasmid_details                    ? 
_entity_src_gen.pdbx_description                   ? 
# 
_struct_ref.id                         1 
_struct_ref.db_name                    UNP 
_struct_ref.db_code                    SAV_STRAV 
_struct_ref.pdbx_db_accession          P22629 
_struct_ref.pdbx_db_isoform            ? 
_struct_ref.entity_id                  1 
_struct_ref.pdbx_seq_one_letter_code   
;EAGITGTWYNQLGSTFIVTAGADGALTGTYESAVGNAESRYVLTGRYDSAPATDGSGTALGWTVAWKNNYRNAHSATTWS
GQYVGGAEARINTQWLLTSGTTEANAWKSTLVGHDTFTKVKPSAASIDAAKKAGVNNGNPLDAVQQ
;
_struct_ref.pdbx_align_begin           38 
# 
_struct_ref_seq.align_id                      1 
_struct_ref_seq.ref_id                        1 
_struct_ref_seq.pdbx_PDB_id_code              6AUC 
_struct_ref_seq.pdbx_strand_id                A 
_struct_ref_seq.seq_align_beg                 14 
_struct_ref_seq.pdbx_seq_align_beg_ins_code   ? 
_struct_ref_seq.seq_align_end                 159 
_struct_ref_seq.pdbx_seq_align_end_ins_code   ? 
_struct_ref_seq.pdbx_db_accession             P22629 
_struct_ref_seq.db_align_beg                  38 
_struct_ref_seq.pdbx_db_align_beg_ins_code    ? 
_struct_ref_seq.db_align_end                  183 
_struct_ref_seq.pdbx_db_align_end_ins_code    ? 
_struct_ref_seq.pdbx_auth_seq_align_beg       14 
_struct_ref_seq.pdbx_auth_seq_align_end       159 
# 
loop_
_struct_ref_seq_dif.align_id 
_struct_ref_seq_dif.pdbx_pdb_id_code 
_struct_ref_seq_dif.mon_id 
_struct_ref_seq_dif.pdbx_pdb_strand_id 
_struct_ref_seq_dif.seq_num 
_struct_ref_seq_dif.pdbx_pdb_ins_code 
_struct_ref_seq_dif.pdbx_seq_db_name 
_struct_ref_seq_dif.pdbx_seq_db_accession_code 
_struct_ref_seq_dif.db_mon_id 
_struct_ref_seq_dif.pdbx_seq_db_seq_num 
_struct_ref_seq_dif.details 
_struct_ref_seq_dif.pdbx_auth_seq_num 
_struct_ref_seq_dif.pdbx_ordinal 
1 6AUC MET A 1   ? UNP P22629 ?   ?   'expression tag'      1   1  
1 6AUC ALA A 2   ? UNP P22629 ?   ?   'expression tag'      2   2  
1 6AUC SER A 3   ? UNP P22629 ?   ?   'expression tag'      3   3  
1 6AUC MET A 4   ? UNP P22629 ?   ?   'expression tag'      4   4  
1 6AUC THR A 5   ? UNP P22629 ?   ?   'expression tag'      5   5  
1 6AUC GLY A 6   ? UNP P22629 ?   ?   'expression tag'      6   6  
1 6AUC GLY A 7   ? UNP P22629 ?   ?   'expression tag'      7   7  
1 6AUC GLN A 8   ? UNP P22629 ?   ?   'expression tag'      8   8  
1 6AUC GLN A 9   ? UNP P22629 ?   ?   'expression tag'      9   9  
1 6AUC MET A 10  ? UNP P22629 ?   ?   'expression tag'      10  10 
1 6AUC GLY A 11  ? UNP P22629 ?   ?   'expression tag'      11  11 
1 6AUC ARG A 12  ? UNP P22629 ?   ?   'expression tag'      12  12 
1 6AUC ASP A 13  ? UNP P22629 ?   ?   'expression tag'      13  13 
1 6AUC GLN A 101 ? UNP P22629 GLU 125 'engineered mutation' 101 14 
1 6AUC ALA A 121 ? UNP P22629 LYS 145 'engineered mutation' 121 15 
# 
loop_
_chem_comp.id 
_chem_comp.type 
_chem_comp.mon_nstd_flag 
_chem_comp.name 
_chem_comp.pdbx_synonyms 
_chem_comp.formula 
_chem_comp.formula_weight 
ALA 'L-peptide linking' y ALANINE                                          ? 'C3 H7 N O2'           89.093  
ARG 'L-peptide linking' y ARGININE                                         ? 'C6 H15 N4 O2 1'       175.209 
ASN 'L-peptide linking' y ASPARAGINE                                       ? 'C4 H8 N2 O3'          132.118 
ASP 'L-peptide linking' y 'ASPARTIC ACID'                                  ? 'C4 H7 N O4'           133.103 
GLN 'L-peptide linking' y GLUTAMINE                                        ? 'C5 H10 N2 O3'         146.144 
GLU 'L-peptide linking' y 'GLUTAMIC ACID'                                  ? 'C5 H9 N O4'           147.129 
GLY 'peptide linking'   y GLYCINE                                          ? 'C2 H5 N O2'           75.067  
HIS 'L-peptide linking' y HISTIDINE                                        ? 'C6 H10 N3 O2 1'       156.162 
HOH non-polymer         . WATER                                            ? 'H2 O'                 18.015  
ILE 'L-peptide linking' y ISOLEUCINE                                       ? 'C6 H13 N O2'          131.173 
LEU 'L-peptide linking' y LEUCINE                                          ? 'C6 H13 N O2'          131.173 
LYS 'L-peptide linking' y LYSINE                                           ? 'C6 H15 N2 O2 1'       147.195 
MET 'L-peptide linking' y METHIONINE                                       ? 'C5 H11 N O2 S'        149.211 
OLS non-polymer         . 'N-biotin-C-Co4(mu3-O)4(Py)4(H2O)4-beta-alanine' ? 'C33 H41 Co4 N7 O12 S' 995.516 
PHE 'L-peptide linking' y PHENYLALANINE                                    ? 'C9 H11 N O2'          165.189 
PRO 'L-peptide linking' y PROLINE                                          ? 'C5 H9 N O2'           115.130 
SER 'L-peptide linking' y SERINE                                           ? 'C3 H7 N O3'           105.093 
THR 'L-peptide linking' y THREONINE                                        ? 'C4 H9 N O3'           119.119 
TRP 'L-peptide linking' y TRYPTOPHAN                                       ? 'C11 H12 N2 O2'        204.225 
TYR 'L-peptide linking' y TYROSINE                                         ? 'C9 H11 N O3'          181.189 
VAL 'L-peptide linking' y VALINE                                           ? 'C5 H11 N O2'          117.146 
# 
_exptl.absorpt_coefficient_mu     ? 
_exptl.absorpt_correction_T_max   ? 
_exptl.absorpt_correction_T_min   ? 
_exptl.absorpt_correction_type    ? 
_exptl.absorpt_process_details    ? 
_exptl.entry_id                   6AUC 
_exptl.crystals_number            1 
_exptl.details                    ? 
_exptl.method                     'X-RAY DIFFRACTION' 
_exptl.method_details             ? 
# 
_exptl_crystal.colour                      ? 
_exptl_crystal.density_diffrn              ? 
_exptl_crystal.density_Matthews            2.31 
_exptl_crystal.density_method              ? 
_exptl_crystal.density_percent_sol         46.67 
_exptl_crystal.description                 ? 
_exptl_crystal.F_000                       ? 
_exptl_crystal.id                          1 
_exptl_crystal.preparation                 ? 
_exptl_crystal.size_max                    ? 
_exptl_crystal.size_mid                    ? 
_exptl_crystal.size_min                    ? 
_exptl_crystal.size_rad                    ? 
_exptl_crystal.colour_lustre               ? 
_exptl_crystal.colour_modifier             ? 
_exptl_crystal.colour_primary              ? 
_exptl_crystal.density_meas                ? 
_exptl_crystal.density_meas_esd            ? 
_exptl_crystal.density_meas_gt             ? 
_exptl_crystal.density_meas_lt             ? 
_exptl_crystal.density_meas_temp           ? 
_exptl_crystal.density_meas_temp_esd       ? 
_exptl_crystal.density_meas_temp_gt        ? 
_exptl_crystal.density_meas_temp_lt        ? 
_exptl_crystal.pdbx_crystal_image_url      ? 
_exptl_crystal.pdbx_crystal_image_format   ? 
_exptl_crystal.pdbx_mosaicity              ? 
_exptl_crystal.pdbx_mosaicity_esd          ? 
# 
_exptl_crystal_grow.apparatus       ? 
_exptl_crystal_grow.atmosphere      ? 
_exptl_crystal_grow.crystal_id      1 
_exptl_crystal_grow.details         ? 
_exptl_crystal_grow.method          'VAPOR DIFFUSION, SITTING DROP' 
_exptl_crystal_grow.method_ref      ? 
_exptl_crystal_grow.pH              ? 
_exptl_crystal_grow.pressure        ? 
_exptl_crystal_grow.pressure_esd    ? 
_exptl_crystal_grow.seeding         ? 
_exptl_crystal_grow.seeding_ref     ? 
_exptl_crystal_grow.temp            298 
_exptl_crystal_grow.temp_details    ? 
_exptl_crystal_grow.temp_esd        ? 
_exptl_crystal_grow.time            ? 
_exptl_crystal_grow.pdbx_details    '2.6 M ammonium sulfate, 0.1 M sodium acetate, pH 4.0' 
_exptl_crystal_grow.pdbx_pH_range   ? 
# 
_diffrn.ambient_environment    ? 
_diffrn.ambient_temp           100 
_diffrn.ambient_temp_details   ? 
_diffrn.ambient_temp_esd       ? 
_diffrn.crystal_id             1 
_diffrn.crystal_support        ? 
_diffrn.crystal_treatment      ? 
_diffrn.details                ? 
_diffrn.id                     1 
_diffrn.ambient_pressure       ? 
_diffrn.ambient_pressure_esd   ? 
_diffrn.ambient_pressure_gt    ? 
_diffrn.ambient_pressure_lt    ? 
_diffrn.ambient_temp_gt        ? 
_diffrn.ambient_temp_lt        ? 
# 
_diffrn_detector.details                      ? 
_diffrn_detector.detector                     CCD 
_diffrn_detector.diffrn_id                    1 
_diffrn_detector.type                         'ADSC QUANTUM 315r' 
_diffrn_detector.area_resol_mean              ? 
_diffrn_detector.dtime                        ? 
_diffrn_detector.pdbx_frames_total            ? 
_diffrn_detector.pdbx_collection_time_total   ? 
_diffrn_detector.pdbx_collection_date         2017-04-15 
# 
_diffrn_radiation.collimation                      ? 
_diffrn_radiation.diffrn_id                        1 
_diffrn_radiation.filter_edge                      ? 
_diffrn_radiation.inhomogeneity                    ? 
_diffrn_radiation.monochromator                    ? 
_diffrn_radiation.polarisn_norm                    ? 
_diffrn_radiation.polarisn_ratio                   ? 
_diffrn_radiation.probe                            ? 
_diffrn_radiation.type                             ? 
_diffrn_radiation.xray_symbol                      ? 
_diffrn_radiation.wavelength_id                    1 
_diffrn_radiation.pdbx_monochromatic_or_laue_m_l   M 
_diffrn_radiation.pdbx_wavelength_list             ? 
_diffrn_radiation.pdbx_wavelength                  ? 
_diffrn_radiation.pdbx_diffrn_protocol             'SINGLE WAVELENGTH' 
_diffrn_radiation.pdbx_analyzer                    ? 
_diffrn_radiation.pdbx_scattering_type             x-ray 
# 
_diffrn_radiation_wavelength.id           1 
_diffrn_radiation_wavelength.wavelength   1 
_diffrn_radiation_wavelength.wt           1.0 
# 
_diffrn_source.current                     ? 
_diffrn_source.details                     ? 
_diffrn_source.diffrn_id                   1 
_diffrn_source.power                       ? 
_diffrn_source.size                        ? 
_diffrn_source.source                      SYNCHROTRON 
_diffrn_source.target                      ? 
_diffrn_source.type                        'ALS BEAMLINE 8.2.1' 
_diffrn_source.voltage                     ? 
_diffrn_source.take-off_angle              ? 
_diffrn_source.pdbx_wavelength_list        1 
_diffrn_source.pdbx_wavelength             ? 
_diffrn_source.pdbx_synchrotron_beamline   8.2.1 
_diffrn_source.pdbx_synchrotron_site       ALS 
# 
_reflns.B_iso_Wilson_estimate            ? 
_reflns.entry_id                         6AUC 
_reflns.data_reduction_details           ? 
_reflns.data_reduction_method            ? 
_reflns.d_resolution_high                1.46 
_reflns.d_resolution_low                 54.95 
_reflns.details                          ? 
_reflns.limit_h_max                      ? 
_reflns.limit_h_min                      ? 
_reflns.limit_k_max                      ? 
_reflns.limit_k_min                      ? 
_reflns.limit_l_max                      ? 
_reflns.limit_l_min                      ? 
_reflns.number_all                       ? 
_reflns.number_obs                       27278 
_reflns.observed_criterion               ? 
_reflns.observed_criterion_F_max         ? 
_reflns.observed_criterion_F_min         ? 
_reflns.observed_criterion_I_max         ? 
_reflns.observed_criterion_I_min         ? 
_reflns.observed_criterion_sigma_F       ? 
_reflns.observed_criterion_sigma_I       ? 
_reflns.percent_possible_obs             99.9 
_reflns.R_free_details                   ? 
_reflns.Rmerge_F_all                     ? 
_reflns.Rmerge_F_obs                     ? 
_reflns.Friedel_coverage                 ? 
_reflns.number_gt                        ? 
_reflns.threshold_expression             ? 
_reflns.pdbx_redundancy                  8.3 
_reflns.pdbx_Rmerge_I_obs                ? 
_reflns.pdbx_Rmerge_I_all                ? 
_reflns.pdbx_Rsym_value                  ? 
_reflns.pdbx_netI_over_av_sigmaI         ? 
_reflns.pdbx_netI_over_sigmaI            13.2 
_reflns.pdbx_res_netI_over_av_sigmaI_2   ? 
_reflns.pdbx_res_netI_over_sigmaI_2      ? 
_reflns.pdbx_chi_squared                 ? 
_reflns.pdbx_scaling_rejects             ? 
_reflns.pdbx_d_res_high_opt              ? 
_reflns.pdbx_d_res_low_opt               ? 
_reflns.pdbx_d_res_opt_method            ? 
_reflns.phase_calculation_details        ? 
_reflns.pdbx_Rrim_I_all                  ? 
_reflns.pdbx_Rpim_I_all                  ? 
_reflns.pdbx_d_opt                       ? 
_reflns.pdbx_number_measured_all         ? 
_reflns.pdbx_diffrn_id                   1 
_reflns.pdbx_ordinal                     1 
_reflns.pdbx_CC_half                     0.995 
_reflns.pdbx_R_split                     ? 
# 
_reflns_shell.d_res_high                  1.46 
_reflns_shell.d_res_low                   1.49 
_reflns_shell.meanI_over_sigI_all         ? 
_reflns_shell.meanI_over_sigI_obs         ? 
_reflns_shell.number_measured_all         ? 
_reflns_shell.number_measured_obs         ? 
_reflns_shell.number_possible             ? 
_reflns_shell.number_unique_all           ? 
_reflns_shell.number_unique_obs           ? 
_reflns_shell.percent_possible_all        ? 
_reflns_shell.percent_possible_obs        ? 
_reflns_shell.Rmerge_F_all                ? 
_reflns_shell.Rmerge_F_obs                ? 
_reflns_shell.Rmerge_I_all                ? 
_reflns_shell.Rmerge_I_obs                ? 
_reflns_shell.meanI_over_sigI_gt          ? 
_reflns_shell.meanI_over_uI_all           ? 
_reflns_shell.meanI_over_uI_gt            ? 
_reflns_shell.number_measured_gt          ? 
_reflns_shell.number_unique_gt            ? 
_reflns_shell.percent_possible_gt         ? 
_reflns_shell.Rmerge_F_gt                 ? 
_reflns_shell.Rmerge_I_gt                 ? 
_reflns_shell.pdbx_redundancy             ? 
_reflns_shell.pdbx_Rsym_value             ? 
_reflns_shell.pdbx_chi_squared            ? 
_reflns_shell.pdbx_netI_over_sigmaI_all   ? 
_reflns_shell.pdbx_netI_over_sigmaI_obs   ? 
_reflns_shell.pdbx_Rrim_I_all             ? 
_reflns_shell.pdbx_Rpim_I_all             ? 
_reflns_shell.pdbx_rejects                ? 
_reflns_shell.pdbx_ordinal                1 
_reflns_shell.pdbx_diffrn_id              1 
_reflns_shell.pdbx_CC_half                ? 
_reflns_shell.pdbx_R_split                ? 
# 
_refine.aniso_B[1][1]                            -0.12 
_refine.aniso_B[1][2]                            0.00 
_refine.aniso_B[1][3]                            0.00 
_refine.aniso_B[2][2]                            -0.12 
_refine.aniso_B[2][3]                            0.00 
_refine.aniso_B[3][3]                            0.24 
_refine.B_iso_max                                ? 
_refine.B_iso_mean                               16.799 
_refine.B_iso_min                                ? 
_refine.correlation_coeff_Fo_to_Fc               0.957 
_refine.correlation_coeff_Fo_to_Fc_free          0.954 
_refine.details                                  'HYDROGENS HAVE BEEN ADDED IN THE RIDING POSITIONS' 
_refine.diff_density_max                         ? 
_refine.diff_density_max_esd                     ? 
_refine.diff_density_min                         ? 
_refine.diff_density_min_esd                     ? 
_refine.diff_density_rms                         ? 
_refine.diff_density_rms_esd                     ? 
_refine.entry_id                                 6AUC 
_refine.pdbx_refine_id                           'X-RAY DIFFRACTION' 
_refine.ls_abs_structure_details                 ? 
_refine.ls_abs_structure_Flack                   ? 
_refine.ls_abs_structure_Flack_esd               ? 
_refine.ls_abs_structure_Rogers                  ? 
_refine.ls_abs_structure_Rogers_esd              ? 
_refine.ls_d_res_high                            1.46 
_refine.ls_d_res_low                             54.95 
_refine.ls_extinction_coef                       ? 
_refine.ls_extinction_coef_esd                   ? 
_refine.ls_extinction_expression                 ? 
_refine.ls_extinction_method                     ? 
_refine.ls_goodness_of_fit_all                   ? 
_refine.ls_goodness_of_fit_all_esd               ? 
_refine.ls_goodness_of_fit_obs                   ? 
_refine.ls_goodness_of_fit_obs_esd               ? 
_refine.ls_hydrogen_treatment                    ? 
_refine.ls_matrix_type                           ? 
_refine.ls_number_constraints                    ? 
_refine.ls_number_parameters                     ? 
_refine.ls_number_reflns_all                     ? 
_refine.ls_number_reflns_obs                     25836 
_refine.ls_number_reflns_R_free                  1383 
_refine.ls_number_reflns_R_work                  ? 
_refine.ls_number_restraints                     ? 
_refine.ls_percent_reflns_obs                    99.70 
_refine.ls_percent_reflns_R_free                 5.1 
_refine.ls_R_factor_all                          ? 
_refine.ls_R_factor_obs                          0.17900 
_refine.ls_R_factor_R_free                       0.20061 
_refine.ls_R_factor_R_free_error                 ? 
_refine.ls_R_factor_R_free_error_details         ? 
_refine.ls_R_factor_R_work                       0.17786 
_refine.ls_R_Fsqd_factor_obs                     ? 
_refine.ls_R_I_factor_obs                        ? 
_refine.ls_redundancy_reflns_all                 ? 
_refine.ls_redundancy_reflns_obs                 ? 
_refine.ls_restrained_S_all                      ? 
_refine.ls_restrained_S_obs                      ? 
_refine.ls_shift_over_esd_max                    ? 
_refine.ls_shift_over_esd_mean                   ? 
_refine.ls_structure_factor_coef                 ? 
_refine.ls_weighting_details                     ? 
_refine.ls_weighting_scheme                      ? 
_refine.ls_wR_factor_all                         ? 
_refine.ls_wR_factor_obs                         ? 
_refine.ls_wR_factor_R_free                      ? 
_refine.ls_wR_factor_R_work                      ? 
_refine.occupancy_max                            ? 
_refine.occupancy_min                            ? 
_refine.solvent_model_details                    ? 
_refine.solvent_model_param_bsol                 ? 
_refine.solvent_model_param_ksol                 ? 
_refine.ls_R_factor_gt                           ? 
_refine.ls_goodness_of_fit_gt                    ? 
_refine.ls_goodness_of_fit_ref                   ? 
_refine.ls_shift_over_su_max                     ? 
_refine.ls_shift_over_su_max_lt                  ? 
_refine.ls_shift_over_su_mean                    ? 
_refine.ls_shift_over_su_mean_lt                 ? 
_refine.pdbx_ls_sigma_I                          ? 
_refine.pdbx_ls_sigma_F                          ? 
_refine.pdbx_ls_sigma_Fsqd                       ? 
_refine.pdbx_data_cutoff_high_absF               ? 
_refine.pdbx_data_cutoff_high_rms_absF           ? 
_refine.pdbx_data_cutoff_low_absF                ? 
_refine.pdbx_isotropic_thermal_model             ? 
_refine.pdbx_ls_cross_valid_method               THROUGHOUT 
_refine.pdbx_method_to_determine_struct          'MOLECULAR REPLACEMENT' 
_refine.pdbx_starting_model                      2QCB 
_refine.pdbx_stereochemistry_target_values       ? 
_refine.pdbx_R_Free_selection_details            RANDOM 
_refine.pdbx_stereochem_target_val_spec_case     ? 
_refine.pdbx_overall_ESU_R                       0.058 
_refine.pdbx_overall_ESU_R_Free                  0.060 
_refine.pdbx_solvent_vdw_probe_radii             1.20 
_refine.pdbx_solvent_ion_probe_radii             0.80 
_refine.pdbx_solvent_shrinkage_radii             0.80 
_refine.pdbx_real_space_R                        ? 
_refine.pdbx_density_correlation                 ? 
_refine.pdbx_pd_number_of_powder_patterns        ? 
_refine.pdbx_pd_number_of_points                 ? 
_refine.pdbx_pd_meas_number_of_points            ? 
_refine.pdbx_pd_proc_ls_prof_R_factor            ? 
_refine.pdbx_pd_proc_ls_prof_wR_factor           ? 
_refine.pdbx_pd_Marquardt_correlation_coeff      ? 
_refine.pdbx_pd_Fsqrd_R_factor                   ? 
_refine.pdbx_pd_ls_matrix_band_width             ? 
_refine.pdbx_overall_phase_error                 ? 
_refine.pdbx_overall_SU_R_free_Cruickshank_DPI   ? 
_refine.pdbx_overall_SU_R_free_Blow_DPI          ? 
_refine.pdbx_overall_SU_R_Blow_DPI               ? 
_refine.pdbx_TLS_residual_ADP_flag               ? 
_refine.pdbx_diffrn_id                           1 
_refine.overall_SU_B                             0.943 
_refine.overall_SU_ML                            0.036 
_refine.overall_SU_R_Cruickshank_DPI             ? 
_refine.overall_SU_R_free                        ? 
_refine.overall_FOM_free_R_set                   ? 
_refine.overall_FOM_work_R_set                   ? 
_refine.pdbx_average_fsc_overall                 ? 
_refine.pdbx_average_fsc_work                    ? 
_refine.pdbx_average_fsc_free                    ? 
# 
_refine_hist.pdbx_refine_id                   'X-RAY DIFFRACTION' 
_refine_hist.cycle_id                         1 
_refine_hist.pdbx_number_atoms_protein        911 
_refine_hist.pdbx_number_atoms_nucleic_acid   0 
_refine_hist.pdbx_number_atoms_ligand         57 
_refine_hist.number_atoms_solvent             72 
_refine_hist.number_atoms_total               1040 
_refine_hist.d_res_high                       1.46 
_refine_hist.d_res_low                        54.95 
# 
loop_
_refine_ls_restr.pdbx_refine_id 
_refine_ls_restr.criterion 
_refine_ls_restr.dev_ideal 
_refine_ls_restr.dev_ideal_target 
_refine_ls_restr.number 
_refine_ls_restr.rejects 
_refine_ls_restr.type 
_refine_ls_restr.weight 
_refine_ls_restr.pdbx_restraint_function 
'X-RAY DIFFRACTION' ? 0.044  0.021  1011 ? r_bond_refined_d             ? ? 
'X-RAY DIFFRACTION' ? 0.003  0.020  828  ? r_bond_other_d               ? ? 
'X-RAY DIFFRACTION' ? 5.915  2.802  1495 ? r_angle_refined_deg          ? ? 
'X-RAY DIFFRACTION' ? 2.393  3.000  1886 ? r_angle_other_deg            ? ? 
'X-RAY DIFFRACTION' ? 7.311  5.000  121  ? r_dihedral_angle_1_deg       ? ? 
'X-RAY DIFFRACTION' ? 27.098 23.488 43   ? r_dihedral_angle_2_deg       ? ? 
'X-RAY DIFFRACTION' ? 12.167 15.000 126  ? r_dihedral_angle_3_deg       ? ? 
'X-RAY DIFFRACTION' ? 11.041 15.000 6    ? r_dihedral_angle_4_deg       ? ? 
'X-RAY DIFFRACTION' ? 0.286  0.200  150  ? r_chiral_restr               ? ? 
'X-RAY DIFFRACTION' ? 0.014  0.020  1162 ? r_gen_planes_refined         ? ? 
'X-RAY DIFFRACTION' ? 0.001  0.020  246  ? r_gen_planes_other           ? ? 
'X-RAY DIFFRACTION' ? ?      ?      ?    ? r_nbd_refined                ? ? 
'X-RAY DIFFRACTION' ? ?      ?      ?    ? r_nbd_other                  ? ? 
'X-RAY DIFFRACTION' ? ?      ?      ?    ? r_nbtor_refined              ? ? 
'X-RAY DIFFRACTION' ? ?      ?      ?    ? r_nbtor_other                ? ? 
'X-RAY DIFFRACTION' ? ?      ?      ?    ? r_xyhbond_nbd_refined        ? ? 
'X-RAY DIFFRACTION' ? ?      ?      ?    ? r_xyhbond_nbd_other          ? ? 
'X-RAY DIFFRACTION' ? ?      ?      ?    ? r_metal_ion_refined          ? ? 
'X-RAY DIFFRACTION' ? ?      ?      ?    ? r_metal_ion_other            ? ? 
'X-RAY DIFFRACTION' ? ?      ?      ?    ? r_symmetry_vdw_refined       ? ? 
'X-RAY DIFFRACTION' ? ?      ?      ?    ? r_symmetry_vdw_other         ? ? 
'X-RAY DIFFRACTION' ? ?      ?      ?    ? r_symmetry_hbond_refined     ? ? 
'X-RAY DIFFRACTION' ? ?      ?      ?    ? r_symmetry_hbond_other       ? ? 
'X-RAY DIFFRACTION' ? ?      ?      ?    ? r_symmetry_metal_ion_refined ? ? 
'X-RAY DIFFRACTION' ? ?      ?      ?    ? r_symmetry_metal_ion_other   ? ? 
'X-RAY DIFFRACTION' ? 2.101  1.461  487  ? r_mcbond_it                  ? ? 
'X-RAY DIFFRACTION' ? 2.071  1.457  486  ? r_mcbond_other               ? ? 
'X-RAY DIFFRACTION' ? 2.987  2.186  607  ? r_mcangle_it                 ? ? 
'X-RAY DIFFRACTION' ? 2.986  2.190  608  ? r_mcangle_other              ? ? 
'X-RAY DIFFRACTION' ? 4.238  1.861  523  ? r_scbond_it                  ? ? 
'X-RAY DIFFRACTION' ? 3.137  1.659  456  ? r_scbond_other               ? ? 
'X-RAY DIFFRACTION' ? ?      ?      ?    ? r_scangle_it                 ? ? 
'X-RAY DIFFRACTION' ? 4.448  2.388  684  ? r_scangle_other              ? ? 
'X-RAY DIFFRACTION' ? 6.016  18.439 1126 ? r_long_range_B_refined       ? ? 
'X-RAY DIFFRACTION' ? 5.791  17.360 1066 ? r_long_range_B_other         ? ? 
'X-RAY DIFFRACTION' ? ?      ?      ?    ? r_rigid_bond_restr           ? ? 
'X-RAY DIFFRACTION' ? ?      ?      ?    ? r_sphericity_free            ? ? 
'X-RAY DIFFRACTION' ? ?      ?      ?    ? r_sphericity_bonded          ? ? 
# 
_refine_ls_shell.pdbx_refine_id                   'X-RAY DIFFRACTION' 
_refine_ls_shell.d_res_high                       1.463 
_refine_ls_shell.d_res_low                        1.501 
_refine_ls_shell.number_reflns_all                ? 
_refine_ls_shell.number_reflns_obs                ? 
_refine_ls_shell.number_reflns_R_free             100 
_refine_ls_shell.number_reflns_R_work             1881 
_refine_ls_shell.percent_reflns_obs               100.00 
_refine_ls_shell.percent_reflns_R_free            ? 
_refine_ls_shell.R_factor_all                     ? 
_refine_ls_shell.R_factor_obs                     ? 
_refine_ls_shell.R_factor_R_free                  0.239 
_refine_ls_shell.R_factor_R_free_error            ? 
_refine_ls_shell.R_factor_R_work                  0.241 
_refine_ls_shell.redundancy_reflns_all            ? 
_refine_ls_shell.redundancy_reflns_obs            ? 
_refine_ls_shell.wR_factor_all                    ? 
_refine_ls_shell.wR_factor_obs                    ? 
_refine_ls_shell.wR_factor_R_free                 ? 
_refine_ls_shell.wR_factor_R_work                 ? 
_refine_ls_shell.pdbx_total_number_of_bins_used   20 
_refine_ls_shell.pdbx_phase_error                 ? 
_refine_ls_shell.pdbx_fsc_work                    ? 
_refine_ls_shell.pdbx_fsc_free                    ? 
# 
_struct.entry_id                     6AUC 
_struct.title                        'Artificial metalloproteins containing a Co4O4 active site - 2xm-Sav' 
_struct.pdbx_model_details           ? 
_struct.pdbx_formula_weight          ? 
_struct.pdbx_formula_weight_method   ? 
_struct.pdbx_model_type_details      ? 
_struct.pdbx_CASP_flag               N 
# 
_struct_keywords.entry_id        6AUC 
_struct_keywords.text            
;streptavidin, biotin, artificial metalloprotein, Co4O4, artificial photosynthesis, biomimetic, water oxidation, METAL BINDING PROTEIN
;
_struct_keywords.pdbx_keywords   'METAL BINDING PROTEIN' 
# 
loop_
_struct_asym.id 
_struct_asym.pdbx_blank_PDB_chainid_flag 
_struct_asym.pdbx_modified 
_struct_asym.entity_id 
_struct_asym.details 
A N N 1 ? 
B N N 2 ? 
C N N 3 ? 
# 
loop_
_struct_conf.conf_type_id 
_struct_conf.id 
_struct_conf.pdbx_PDB_helix_id 
_struct_conf.beg_label_comp_id 
_struct_conf.beg_label_asym_id 
_struct_conf.beg_label_seq_id 
_struct_conf.pdbx_beg_PDB_ins_code 
_struct_conf.end_label_comp_id 
_struct_conf.end_label_asym_id 
_struct_conf.end_label_seq_id 
_struct_conf.pdbx_end_PDB_ins_code 
_struct_conf.beg_auth_comp_id 
_struct_conf.beg_auth_asym_id 
_struct_conf.beg_auth_seq_id 
_struct_conf.end_auth_comp_id 
_struct_conf.end_auth_asym_id 
_struct_conf.end_auth_seq_id 
_struct_conf.pdbx_PDB_helix_class 
_struct_conf.details 
_struct_conf.pdbx_PDB_helix_length 
HELX_P HELX_P1 AA1 ASP A 13  ? THR A 18  ? ASP A 13  THR A 18  1 ? 6 
HELX_P HELX_P2 AA2 THR A 115 ? ALA A 121 ? THR A 115 ALA A 121 5 ? 7 
# 
_struct_conf_type.id          HELX_P 
_struct_conf_type.criteria    ? 
_struct_conf_type.reference   ? 
# 
_struct_sheet.id               AA1 
_struct_sheet.type             ? 
_struct_sheet.number_strands   9 
_struct_sheet.details          ? 
# 
loop_
_struct_sheet_order.sheet_id 
_struct_sheet_order.range_id_1 
_struct_sheet_order.range_id_2 
_struct_sheet_order.offset 
_struct_sheet_order.sense 
AA1 1 2 ? anti-parallel 
AA1 2 3 ? anti-parallel 
AA1 3 4 ? anti-parallel 
AA1 4 5 ? anti-parallel 
AA1 5 6 ? anti-parallel 
AA1 6 7 ? anti-parallel 
AA1 7 8 ? anti-parallel 
AA1 8 9 ? anti-parallel 
# 
loop_
_struct_sheet_range.sheet_id 
_struct_sheet_range.id 
_struct_sheet_range.beg_label_comp_id 
_struct_sheet_range.beg_label_asym_id 
_struct_sheet_range.beg_label_seq_id 
_struct_sheet_range.pdbx_beg_PDB_ins_code 
_struct_sheet_range.end_label_comp_id 
_struct_sheet_range.end_label_asym_id 
_struct_sheet_range.end_label_seq_id 
_struct_sheet_range.pdbx_end_PDB_ins_code 
_struct_sheet_range.beg_auth_comp_id 
_struct_sheet_range.beg_auth_asym_id 
_struct_sheet_range.beg_auth_seq_id 
_struct_sheet_range.end_auth_comp_id 
_struct_sheet_range.end_auth_asym_id 
_struct_sheet_range.end_auth_seq_id 
AA1 1 GLY A 19  ? ASN A 23  ? GLY A 19  ASN A 23  
AA1 2 THR A 28  ? ALA A 33  ? THR A 28  ALA A 33  
AA1 3 ALA A 38  ? GLU A 44  ? ALA A 38  GLU A 44  
AA1 4 TYR A 54  ? TYR A 60  ? TYR A 54  TYR A 60  
AA1 5 THR A 71  ? LYS A 80  ? THR A 71  LYS A 80  
AA1 6 ASN A 85  ? VAL A 97  ? ASN A 85  VAL A 97  
AA1 7 ARG A 103 ? SER A 112 ? ARG A 103 SER A 112 
AA1 8 THR A 123 ? THR A 131 ? THR A 123 THR A 131 
AA1 9 GLY A 19  ? ASN A 23  ? GLY A 19  ASN A 23  
# 
loop_
_pdbx_struct_sheet_hbond.sheet_id 
_pdbx_struct_sheet_hbond.range_id_1 
_pdbx_struct_sheet_hbond.range_id_2 
_pdbx_struct_sheet_hbond.range_1_label_atom_id 
_pdbx_struct_sheet_hbond.range_1_label_comp_id 
_pdbx_struct_sheet_hbond.range_1_label_asym_id 
_pdbx_struct_sheet_hbond.range_1_label_seq_id 
_pdbx_struct_sheet_hbond.range_1_PDB_ins_code 
_pdbx_struct_sheet_hbond.range_1_auth_atom_id 
_pdbx_struct_sheet_hbond.range_1_auth_comp_id 
_pdbx_struct_sheet_hbond.range_1_auth_asym_id 
_pdbx_struct_sheet_hbond.range_1_auth_seq_id 
_pdbx_struct_sheet_hbond.range_2_label_atom_id 
_pdbx_struct_sheet_hbond.range_2_label_comp_id 
_pdbx_struct_sheet_hbond.range_2_label_asym_id 
_pdbx_struct_sheet_hbond.range_2_label_seq_id 
_pdbx_struct_sheet_hbond.range_2_PDB_ins_code 
_pdbx_struct_sheet_hbond.range_2_auth_atom_id 
_pdbx_struct_sheet_hbond.range_2_auth_comp_id 
_pdbx_struct_sheet_hbond.range_2_auth_asym_id 
_pdbx_struct_sheet_hbond.range_2_auth_seq_id 
AA1 1 2 N GLY A 19  ? N GLY A 19  O VAL A 31  ? O VAL A 31  
AA1 2 3 N ILE A 30  ? N ILE A 30  O THR A 42  ? O THR A 42  
AA1 3 4 N GLY A 41  ? N GLY A 41  O LEU A 56  ? O LEU A 56  
AA1 4 5 N THR A 57  ? N THR A 57  O THR A 76  ? O THR A 76  
AA1 5 6 N TRP A 79  ? N TRP A 79  O SER A 88  ? O SER A 88  
AA1 6 7 N SER A 93  ? N SER A 93  O GLN A 107 ? O GLN A 107 
AA1 7 8 N LEU A 110 ? N LEU A 110 O LEU A 124 ? O LEU A 124 
AA1 8 9 O THR A 131 ? O THR A 131 N TYR A 22  ? N TYR A 22  
# 
_struct_site.id                   AC1 
_struct_site.pdbx_evidence_code   Software 
_struct_site.pdbx_auth_asym_id    A 
_struct_site.pdbx_auth_comp_id    OLS 
_struct_site.pdbx_auth_seq_id     201 
_struct_site.pdbx_auth_ins_code   ? 
_struct_site.pdbx_num_residues    22 
_struct_site.details              'binding site for residue OLS A 201' 
# 
loop_
_struct_site_gen.id 
_struct_site_gen.site_id 
_struct_site_gen.pdbx_num_res 
_struct_site_gen.label_comp_id 
_struct_site_gen.label_asym_id 
_struct_site_gen.label_seq_id 
_struct_site_gen.pdbx_auth_ins_code 
_struct_site_gen.auth_comp_id 
_struct_site_gen.auth_asym_id 
_struct_site_gen.auth_seq_id 
_struct_site_gen.label_atom_id 
_struct_site_gen.label_alt_id 
_struct_site_gen.symmetry 
_struct_site_gen.details 
1  AC1 22 ASN A 23  ? ASN A 23  . ? 1_555  ? 
2  AC1 22 LEU A 25  ? LEU A 25  . ? 1_555  ? 
3  AC1 22 SER A 27  ? SER A 27  . ? 1_555  ? 
4  AC1 22 TYR A 43  ? TYR A 43  . ? 1_555  ? 
5  AC1 22 SER A 45  ? SER A 45  . ? 1_555  ? 
6  AC1 22 VAL A 47  ? VAL A 47  . ? 1_555  ? 
7  AC1 22 GLY A 48  ? GLY A 48  . ? 1_555  ? 
8  AC1 22 ASN A 49  ? ASN A 49  . ? 1_555  ? 
9  AC1 22 GLU A 51  ? GLU A 51  . ? 5_454  ? 
10 AC1 22 TRP A 79  ? TRP A 79  . ? 1_555  ? 
11 AC1 22 SER A 88  ? SER A 88  . ? 1_555  ? 
12 AC1 22 THR A 90  ? THR A 90  . ? 1_555  ? 
13 AC1 22 TRP A 108 ? TRP A 108 . ? 1_555  ? 
14 AC1 22 SER A 112 ? SER A 112 . ? 1_555  ? 
15 AC1 22 TRP A 120 ? TRP A 120 . ? 10_555 ? 
16 AC1 22 ALA A 121 ? ALA A 121 . ? 1_555  ? 
17 AC1 22 SER A 122 ? SER A 122 . ? 1_555  ? 
18 AC1 22 LEU A 124 ? LEU A 124 . ? 10_555 ? 
19 AC1 22 ASP A 128 ? ASP A 128 . ? 1_555  ? 
20 AC1 22 HOH C .   ? HOH A 308 . ? 1_555  ? 
21 AC1 22 HOH C .   ? HOH A 334 . ? 1_555  ? 
22 AC1 22 HOH C .   ? HOH A 357 . ? 1_555  ? 
# 
_atom_sites.entry_id                    6AUC 
_atom_sites.fract_transf_matrix[1][1]   -0.00200775 
_atom_sites.fract_transf_matrix[1][2]   0.00268098 
_atom_sites.fract_transf_matrix[1][3]   0.01704095 
_atom_sites.fract_transf_matrix[2][1]   0.01353532 
_atom_sites.fract_transf_matrix[2][2]   -0.01039125 
_atom_sites.fract_transf_matrix[2][3]   0.00322953 
_atom_sites.fract_transf_matrix[3][1]   0.00335060 
_atom_sites.fract_transf_matrix[3][2]   0.00427791 
_atom_sites.fract_transf_matrix[3][3]   -0.00027826 
_atom_sites.fract_transf_vector[1]      -0.257831 
_atom_sites.fract_transf_vector[2]      -0.076505 
_atom_sites.fract_transf_vector[3]      -0.009866 
# 
loop_
_atom_type.symbol 
C  
CO 
N  
O  
S  
# 
loop_
_atom_site.group_PDB 
_atom_site.id 
_atom_site.type_symbol 
_atom_site.label_atom_id 
_atom_site.label_alt_id 
_atom_site.label_comp_id 
_atom_site.label_asym_id 
_atom_site.label_entity_id 
_atom_site.label_seq_id 
_atom_site.pdbx_PDB_ins_code 
_atom_site.Cartn_x 
_atom_site.Cartn_y 
_atom_site.Cartn_z 
_atom_site.occupancy 
_atom_site.B_iso_or_equiv 
_atom_site.pdbx_formal_charge 
_atom_site.auth_seq_id 
_atom_site.auth_comp_id 
_atom_site.auth_asym_id 
_atom_site.auth_atom_id 
_atom_site.pdbx_PDB_model_num 
ATOM   1    N  N   . ARG A 1 12  ? 10.619  13.968  -10.549 1.00 49.94 ? 12  ARG A N   1 
ATOM   2    C  CA  . ARG A 1 12  ? 9.655   13.149  -9.843  1.00 32.53 ? 12  ARG A CA  1 
ATOM   3    C  C   . ARG A 1 12  ? 9.834   11.644  -10.134 1.00 31.50 ? 12  ARG A C   1 
ATOM   4    O  O   . ARG A 1 12  ? 10.578  11.165  -11.005 1.00 32.03 ? 12  ARG A O   1 
ATOM   5    C  CB  . ARG A 1 12  ? 8.162   13.505  -10.146 1.00 26.99 ? 12  ARG A CB  1 
ATOM   6    C  CG  . ARG A 1 12  ? 7.559   12.795  -11.431 1.00 25.44 ? 12  ARG A CG  1 
ATOM   7    C  CD  . ARG A 1 12  ? 6.084   13.191  -11.411 1.00 42.09 ? 12  ARG A CD  1 
ATOM   8    N  NE  . ARG A 1 12  ? 6.072   14.597  -11.574 1.00 49.96 ? 12  ARG A NE  1 
ATOM   9    C  CZ  . ARG A 1 12  ? 6.092   15.252  -12.731 1.00 50.21 ? 12  ARG A CZ  1 
ATOM   10   N  NH1 . ARG A 1 12  ? 5.882   14.655  -13.915 1.00 57.57 ? 12  ARG A NH1 1 
ATOM   11   N  NH2 . ARG A 1 12  ? 6.195   16.553  -12.683 1.00 58.03 ? 12  ARG A NH2 1 
ATOM   12   N  N   . ASP A 1 13  ? 9.114   10.886  -9.344  1.00 27.44 ? 13  ASP A N   1 
ATOM   13   C  CA  . ASP A 1 13  ? 9.068   9.457   -9.454  1.00 24.71 ? 13  ASP A CA  1 
ATOM   14   C  C   . ASP A 1 13  ? 7.813   8.900   -9.961  1.00 23.92 ? 13  ASP A C   1 
ATOM   15   O  O   . ASP A 1 13  ? 7.553   7.720   -9.709  1.00 22.51 ? 13  ASP A O   1 
ATOM   16   C  CB  . ASP A 1 13  ? 9.335   8.875   -8.057  1.00 25.47 ? 13  ASP A CB  1 
ATOM   17   C  CG  . ASP A 1 13  ? 10.578  9.417   -7.463  1.00 27.16 ? 13  ASP A CG  1 
ATOM   18   O  OD1 . ASP A 1 13  ? 11.746  9.162   -7.999  1.00 28.19 ? 13  ASP A OD1 1 
ATOM   19   O  OD2 . ASP A 1 13  ? 10.449  10.200  -6.537  1.00 25.17 ? 13  ASP A OD2 1 
ATOM   20   N  N   . GLU A 1 14  ? 6.964   9.651   -10.672 1.00 23.18 ? 14  GLU A N   1 
ATOM   21   C  CA  . GLU A 1 14  ? 5.784   9.108   -11.313 1.00 25.23 ? 14  GLU A CA  1 
ATOM   22   C  C   . GLU A 1 14  ? 6.072   7.831   -12.139 1.00 25.92 ? 14  GLU A C   1 
ATOM   23   O  O   . GLU A 1 14  ? 5.447   6.756   -11.986 1.00 21.32 ? 14  GLU A O   1 
ATOM   24   C  CB  . GLU A 1 14  ? 5.194   10.237  -12.147 1.00 25.88 ? 14  GLU A CB  1 
ATOM   25   C  CG  . GLU A 1 14  ? 3.926   9.908   -12.783 1.00 25.91 ? 14  GLU A CG  1 
ATOM   26   C  CD  . GLU A 1 14  ? 3.284   11.060  -13.518 1.00 26.64 ? 14  GLU A CD  1 
ATOM   27   O  OE1 . GLU A 1 14  ? 2.186   10.732  -14.042 1.00 33.53 ? 14  GLU A OE1 1 
ATOM   28   O  OE2 . GLU A 1 14  ? 3.889   12.193  -13.592 1.00 29.58 ? 14  GLU A OE2 1 
ATOM   29   N  N   . ALA A 1 15  ? 7.121   7.882   -12.979 1.00 26.57 ? 15  ALA A N   1 
ATOM   30   C  CA  . ALA A 1 15  ? 7.422   6.724   -13.779 1.00 26.64 ? 15  ALA A CA  1 
ATOM   31   C  C   . ALA A 1 15  ? 8.005   5.544   -12.947 1.00 23.61 ? 15  ALA A C   1 
ATOM   32   O  O   . ALA A 1 15  ? 7.573   4.386   -13.191 1.00 27.20 ? 15  ALA A O   1 
ATOM   33   C  CB  . ALA A 1 15  ? 8.403   7.128   -14.890 1.00 29.36 ? 15  ALA A CB  1 
ATOM   34   N  N   . GLY A 1 16  ? 8.794   5.857   -11.901 1.00 20.57 ? 16  GLY A N   1 
ATOM   35   C  CA  . GLY A 1 16  ? 9.408   4.812   -11.066 1.00 17.59 ? 16  GLY A CA  1 
ATOM   36   C  C   . GLY A 1 16  ? 8.345   4.079   -10.253 1.00 17.23 ? 16  GLY A C   1 
ATOM   37   O  O   . GLY A 1 16  ? 8.416   2.897   -10.038 1.00 18.01 ? 16  GLY A O   1 
ATOM   38   N  N   . ILE A 1 17  ? 7.337   4.821   -9.796  1.00 15.87 ? 17  ILE A N   1 
ATOM   39   C  CA  . ILE A 1 17  ? 6.308   4.168   -8.923  1.00 15.09 ? 17  ILE A CA  1 
ATOM   40   C  C   . ILE A 1 17  ? 5.274   3.432   -9.652  1.00 13.90 ? 17  ILE A C   1 
ATOM   41   O  O   . ILE A 1 17  ? 4.757   2.344   -9.281  1.00 13.87 ? 17  ILE A O   1 
ATOM   42   C  CB  . ILE A 1 17  ? 5.637   5.257   -7.997  1.00 15.58 ? 17  ILE A CB  1 
ATOM   43   C  CG1 . ILE A 1 17  ? 6.638   5.805   -7.023  1.00 17.74 ? 17  ILE A CG1 1 
ATOM   44   C  CG2 . ILE A 1 17  ? 4.405   4.676   -7.324  1.00 15.11 ? 17  ILE A CG2 1 
ATOM   45   C  CD1 . ILE A 1 17  ? 6.182   7.087   -6.354  1.00 18.52 ? 17  ILE A CD1 1 
ATOM   46   N  N   . THR A 1 18  ? 4.850   3.970   -10.801 1.00 14.19 ? 18  THR A N   1 
ATOM   47   C  CA  . THR A 1 18  ? 3.800   3.344   -11.578 1.00 14.77 ? 18  THR A CA  1 
ATOM   48   C  C   . THR A 1 18  ? 4.130   1.986   -12.033 1.00 14.79 ? 18  THR A C   1 
ATOM   49   O  O   . THR A 1 18  ? 5.248   1.744   -12.540 1.00 19.21 ? 18  THR A O   1 
ATOM   50   C  CB  . THR A 1 18  ? 3.455   4.226   -12.800 1.00 16.40 ? 18  THR A CB  1 
ATOM   51   O  OG1 . THR A 1 18  ? 2.855   5.446   -12.382 1.00 16.27 ? 18  THR A OG1 1 
ATOM   52   C  CG2 . THR A 1 18  ? 2.539   3.489   -13.739 1.00 16.16 ? 18  THR A CG2 1 
ATOM   53   N  N   . GLY A 1 19  ? 3.236   0.997   -11.844 1.00 13.12 ? 19  GLY A N   1 
ATOM   54   C  CA  . GLY A 1 19  ? 3.506   -0.352  -12.207 1.00 14.13 ? 19  GLY A CA  1 
ATOM   55   C  C   . GLY A 1 19  ? 3.077   -1.392  -11.212 1.00 13.13 ? 19  GLY A C   1 
ATOM   56   O  O   . GLY A 1 19  ? 2.293   -1.051  -10.295 1.00 13.98 ? 19  GLY A O   1 
ATOM   57   N  N   . THR A 1 20  ? 3.596   -2.576  -11.340 1.00 15.41 ? 20  THR A N   1 
ATOM   58   C  CA  . THR A 1 20  ? 3.285   -3.735  -10.545 1.00 13.22 ? 20  THR A CA  1 
ATOM   59   C  C   . THR A 1 20  ? 4.359   -4.034  -9.593  1.00 15.99 ? 20  THR A C   1 
ATOM   60   O  O   . THR A 1 20  ? 5.572   -3.990  -9.910  1.00 16.76 ? 20  THR A O   1 
ATOM   61   C  CB  . THR A 1 20  ? 3.086   -4.999  -11.429 1.00 15.16 ? 20  THR A CB  1 
ATOM   62   O  OG1 . THR A 1 20  ? 2.021   -4.705  -12.311 1.00 16.56 ? 20  THR A OG1 1 
ATOM   63   C  CG2 . THR A 1 20  ? 2.604   -6.126  -10.578 1.00 16.28 ? 20  THR A CG2 1 
ATOM   64   N  N   . TRP A 1 21  ? 3.997   -4.177  -8.287  1.00 12.71 ? 21  TRP A N   1 
ATOM   65   C  CA  . TRP A 1 21  ? 4.896   -4.455  -7.216  1.00 12.86 ? 21  TRP A CA  1 
ATOM   66   C  C   . TRP A 1 21  ? 4.472   -5.657  -6.456  1.00 12.02 ? 21  TRP A C   1 
ATOM   67   O  O   . TRP A 1 21  ? 3.289   -5.965  -6.446  1.00 12.15 ? 21  TRP A O   1 
ATOM   68   C  CB  . TRP A 1 21  ? 4.899   -3.250  -6.249  1.00 12.66 ? 21  TRP A CB  1 
ATOM   69   C  CG  . TRP A 1 21  ? 5.429   -1.971  -6.837  1.00 12.37 ? 21  TRP A CG  1 
ATOM   70   C  CD1 . TRP A 1 21  ? 4.736   -1.073  -7.544  1.00 13.36 ? 21  TRP A CD1 1 
ATOM   71   C  CD2 . TRP A 1 21  ? 6.745   -1.462  -6.726  1.00 11.40 ? 21  TRP A CD2 1 
ATOM   72   N  NE1 . TRP A 1 21  ? 5.563   -0.009  -7.895  1.00 13.34 ? 21  TRP A NE1 1 
ATOM   73   C  CE2 . TRP A 1 21  ? 6.788   -0.238  -7.391  1.00 12.13 ? 21  TRP A CE2 1 
ATOM   74   C  CE3 . TRP A 1 21  ? 7.898   -1.947  -6.150  1.00 12.62 ? 21  TRP A CE3 1 
ATOM   75   C  CZ2 . TRP A 1 21  ? 7.952   0.539   -7.443  1.00 12.36 ? 21  TRP A CZ2 1 
ATOM   76   C  CZ3 . TRP A 1 21  ? 9.012   -1.120  -6.172  1.00 12.70 ? 21  TRP A CZ3 1 
ATOM   77   C  CH2 . TRP A 1 21  ? 9.007   0.035   -6.837  1.00 12.76 ? 21  TRP A CH2 1 
ATOM   78   N  N   . TYR A 1 22  ? 5.439   -6.364  -5.858  1.00 11.62 ? 22  TYR A N   1 
ATOM   79   C  CA  . TYR A 1 22  ? 5.181   -7.532  -5.116  1.00 12.25 ? 22  TYR A CA  1 
ATOM   80   C  C   . TYR A 1 22  ? 5.843   -7.491  -3.734  1.00 11.81 ? 22  TYR A C   1 
ATOM   81   O  O   . TYR A 1 22  ? 6.906   -6.946  -3.631  1.00 13.21 ? 22  TYR A O   1 
ATOM   82   C  CB  . TYR A 1 22  ? 5.774   -8.781  -5.860  1.00 14.33 ? 22  TYR A CB  1 
ATOM   83   C  CG  . TYR A 1 22  ? 5.345   -8.878  -7.322  1.00 13.47 ? 22  TYR A CG  1 
ATOM   84   C  CD1 . TYR A 1 22  ? 4.176   -9.456  -7.681  1.00 15.91 ? 22  TYR A CD1 1 
ATOM   85   C  CD2 . TYR A 1 22  ? 6.188   -8.238  -8.270  1.00 15.75 ? 22  TYR A CD2 1 
ATOM   86   C  CE1 . TYR A 1 22  ? 3.826   -9.528  -9.069  1.00 14.79 ? 22  TYR A CE1 1 
ATOM   87   C  CE2 . TYR A 1 22  ? 5.841   -8.229  -9.566  1.00 15.19 ? 22  TYR A CE2 1 
ATOM   88   C  CZ  . TYR A 1 22  ? 4.725   -8.947  -9.911  1.00 15.14 ? 22  TYR A CZ  1 
ATOM   89   O  OH  . TYR A 1 22  ? 4.304   -9.012  -11.305 1.00 16.95 ? 22  TYR A OH  1 
ATOM   90   N  N   . ASN A 1 23  ? 5.145   -7.954  -2.684  1.00 12.24 ? 23  ASN A N   1 
ATOM   91   C  CA  . ASN A 1 23  ? 5.771   -7.946  -1.384  1.00 10.72 ? 23  ASN A CA  1 
ATOM   92   C  C   . ASN A 1 23  ? 6.259   -9.295  -0.972  1.00 13.02 ? 23  ASN A C   1 
ATOM   93   O  O   . ASN A 1 23  ? 6.085   -10.306 -1.710  1.00 14.02 ? 23  ASN A O   1 
ATOM   94   C  CB  . ASN A 1 23  ? 4.877   -7.231  -0.357  1.00 10.82 ? 23  ASN A CB  1 
ATOM   95   C  CG  . ASN A 1 23  ? 3.704   -8.043  0.071   1.00 10.92 ? 23  ASN A CG  1 
ATOM   96   O  OD1 . ASN A 1 23  ? 3.580   -9.244  -0.148  1.00 11.43 ? 23  ASN A OD1 1 
ATOM   97   N  ND2 . ASN A 1 23  ? 2.803   -7.399  0.857   1.00 10.96 ? 23  ASN A ND2 1 
ATOM   98   N  N   . GLN A 1 24  ? 6.775   -9.361  0.257   1.00 12.40 ? 24  GLN A N   1 
ATOM   99   C  CA  . GLN A 1 24  ? 7.372   -10.604 0.796   1.00 12.64 ? 24  GLN A CA  1 
ATOM   100  C  C   . GLN A 1 24  ? 6.399   -11.652 1.073   1.00 13.94 ? 24  GLN A C   1 
ATOM   101  O  O   . GLN A 1 24  ? 6.755   -12.823 1.261   1.00 17.71 ? 24  GLN A O   1 
ATOM   102  C  CB  . GLN A 1 24  ? 8.239   -10.218 2.019   1.00 13.54 ? 24  GLN A CB  1 
ATOM   103  C  CG  . GLN A 1 24  ? 7.456   -9.935  3.321   1.00 13.09 ? 24  GLN A CG  1 
ATOM   104  C  CD  . GLN A 1 24  ? 6.625   -8.656  3.348   1.00 13.34 ? 24  GLN A CD  1 
ATOM   105  O  OE1 . GLN A 1 24  ? 6.812   -7.751  2.519   1.00 14.16 ? 24  GLN A OE1 1 
ATOM   106  N  NE2 . GLN A 1 24  ? 5.688   -8.611  4.274   1.00 14.00 ? 24  GLN A NE2 1 
ATOM   107  N  N   . LEU A 1 25  ? 5.132   -11.362 1.128   1.00 12.33 ? 25  LEU A N   1 
ATOM   108  C  CA  . LEU A 1 25  ? 4.027   -12.329 1.308   1.00 13.36 ? 25  LEU A CA  1 
ATOM   109  C  C   . LEU A 1 25  ? 3.563   -12.855 -0.013  1.00 15.03 ? 25  LEU A C   1 
ATOM   110  O  O   . LEU A 1 25  ? 2.705   -13.793 0.070   1.00 19.64 ? 25  LEU A O   1 
ATOM   111  C  CB  . LEU A 1 25  ? 2.884   -11.673 2.039   1.00 14.14 ? 25  LEU A CB  1 
ATOM   112  C  CG  . LEU A 1 25  ? 3.204   -11.141 3.400   1.00 15.42 ? 25  LEU A CG  1 
ATOM   113  C  CD1 . LEU A 1 25  ? 2.071   -10.353 4.026   1.00 15.84 ? 25  LEU A CD1 1 
ATOM   114  C  CD2 . LEU A 1 25  ? 3.534   -12.279 4.349   1.00 19.20 ? 25  LEU A CD2 1 
ATOM   115  N  N   . GLY A 1 26  ? 4.014   -12.303 -1.093  1.00 14.27 ? 26  GLY A N   1 
ATOM   116  C  CA  . GLY A 1 26  ? 3.453   -12.703 -2.418  1.00 16.58 ? 26  GLY A CA  1 
ATOM   117  C  C   . GLY A 1 26  ? 2.199   -11.915 -2.811  1.00 16.46 ? 26  GLY A C   1 
ATOM   118  O  O   . GLY A 1 26  ? 1.582   -12.216 -3.853  1.00 17.84 ? 26  GLY A O   1 
ATOM   119  N  N   . SER A 1 27  ? 1.851   -10.803 -2.088  1.00 12.19 ? 27  SER A N   1 
ATOM   120  C  CA  . SER A 1 27  ? 0.813   -9.995  -2.524  1.00 12.00 ? 27  SER A CA  1 
ATOM   121  C  C   . SER A 1 27  ? 1.239   -9.084  -3.708  1.00 11.34 ? 27  SER A C   1 
ATOM   122  O  O   . SER A 1 27  ? 2.393   -8.820  -3.874  1.00 12.77 ? 27  SER A O   1 
ATOM   123  C  CB  . SER A 1 27  ? 0.415   -9.047  -1.357  1.00 11.55 ? 27  SER A CB  1 
ATOM   124  O  OG  . SER A 1 27  ? -0.020  -9.851  -0.281  1.00 11.72 ? 27  SER A OG  1 
ATOM   125  N  N   . THR A 1 28  ? 0.303   -8.581  -4.472  1.00 12.82 ? 28  THR A N   1 
ATOM   126  C  CA  . THR A 1 28  ? 0.488   -7.817  -5.696  1.00 13.37 ? 28  THR A CA  1 
ATOM   127  C  C   . THR A 1 28  ? -0.208  -6.475  -5.582  1.00 12.27 ? 28  THR A C   1 
ATOM   128  O  O   . THR A 1 28  ? -1.423  -6.383  -5.300  1.00 14.69 ? 28  THR A O   1 
ATOM   129  C  CB  . THR A 1 28  ? -0.203  -8.539  -6.907  1.00 15.74 ? 28  THR A CB  1 
ATOM   130  O  OG1 . THR A 1 28  ? 0.330   -9.832  -7.028  1.00 19.60 ? 28  THR A OG1 1 
ATOM   131  C  CG2 . THR A 1 28  ? 0.193   -7.825  -8.197  1.00 18.52 ? 28  THR A CG2 1 
ATOM   132  N  N   . PHE A 1 29  ? 0.577   -5.417  -5.771  1.00 12.44 ? 29  PHE A N   1 
ATOM   133  C  CA  . PHE A 1 29  ? 0.150   -4.037  -5.636  1.00 15.90 ? 29  PHE A CA  1 
ATOM   134  C  C   . PHE A 1 29  ? 0.305   -3.458  -7.074  1.00 16.25 ? 29  PHE A C   1 
ATOM   135  O  O   . PHE A 1 29  ? 1.447   -3.364  -7.561  1.00 15.92 ? 29  PHE A O   1 
ATOM   136  C  CB  . PHE A 1 29  ? 1.108   -3.400  -4.554  1.00 14.92 ? 29  PHE A CB  1 
ATOM   137  C  CG  . PHE A 1 29  ? 1.132   -1.953  -4.504  1.00 14.75 ? 29  PHE A CG  1 
ATOM   138  C  CD1 . PHE A 1 29  ? -0.002  -1.200  -4.433  1.00 16.22 ? 29  PHE A CD1 1 
ATOM   139  C  CD2 . PHE A 1 29  ? 2.374   -1.196  -4.306  1.00 14.59 ? 29  PHE A CD2 1 
ATOM   140  C  CE1 . PHE A 1 29  ? 0.010   0.186   -4.262  1.00 14.40 ? 29  PHE A CE1 1 
ATOM   141  C  CE2 . PHE A 1 29  ? 2.366   0.113   -4.164  1.00 16.82 ? 29  PHE A CE2 1 
ATOM   142  C  CZ  . PHE A 1 29  ? 1.184   0.873   -4.136  1.00 14.06 ? 29  PHE A CZ  1 
ATOM   143  N  N   . ILE A 1 30  ? -0.757  -3.042  -7.706  1.00 12.73 ? 30  ILE A N   1 
ATOM   144  C  CA  . ILE A 1 30  ? -0.733  -2.462  -9.047  1.00 15.10 ? 30  ILE A CA  1 
ATOM   145  C  C   . ILE A 1 30  ? -1.141  -0.976  -8.921  1.00 13.63 ? 30  ILE A C   1 
ATOM   146  O  O   . ILE A 1 30  ? -2.181  -0.717  -8.361  1.00 14.79 ? 30  ILE A O   1 
ATOM   147  C  CB  . ILE A 1 30  ? -1.694  -3.232  -9.960  1.00 21.74 ? 30  ILE A CB  1 
ATOM   148  C  CG1 . ILE A 1 30  ? -1.141  -4.599  -10.138 1.00 22.64 ? 30  ILE A CG1 1 
ATOM   149  C  CG2 . ILE A 1 30  ? -1.838  -2.567  -11.287 1.00 23.35 ? 30  ILE A CG2 1 
ATOM   150  C  CD1 . ILE A 1 30  ? -2.030  -5.546  -10.875 1.00 21.77 ? 30  ILE A CD1 1 
ATOM   151  N  N   . VAL A 1 31  ? -0.274  -0.025  -9.236  1.00 12.59 ? 31  VAL A N   1 
ATOM   152  C  CA  . VAL A 1 31  ? -0.491  1.366   -8.967  1.00 14.12 ? 31  VAL A CA  1 
ATOM   153  C  C   . VAL A 1 31  ? -0.171  2.224   -10.165 1.00 14.50 ? 31  VAL A C   1 
ATOM   154  O  O   . VAL A 1 31  ? 0.763   1.936   -10.911 1.00 15.83 ? 31  VAL A O   1 
ATOM   155  C  CB  . VAL A 1 31  ? 0.267   1.756   -7.744  1.00 14.02 ? 31  VAL A CB  1 
ATOM   156  C  CG1 . VAL A 1 31  ? 1.793   1.764   -7.977  1.00 15.56 ? 31  VAL A CG1 1 
ATOM   157  C  CG2 . VAL A 1 31  ? -0.213  3.097   -7.142  1.00 16.11 ? 31  VAL A CG2 1 
ATOM   158  N  N   . THR A 1 32  ? -0.905  3.311   -10.274 1.00 13.85 ? 32  THR A N   1 
ATOM   159  C  CA  . THR A 1 32  ? -0.590  4.355   -11.182 1.00 16.13 ? 32  THR A CA  1 
ATOM   160  C  C   . THR A 1 32  ? -0.371  5.620   -10.350 1.00 15.87 ? 32  THR A C   1 
ATOM   161  O  O   . THR A 1 32  ? -1.264  6.033   -9.613  1.00 15.11 ? 32  THR A O   1 
ATOM   162  C  CB  . THR A 1 32  ? -1.694  4.623   -12.210 1.00 18.28 ? 32  THR A CB  1 
ATOM   163  O  OG1 . THR A 1 32  ? -1.900  3.426   -13.015 1.00 21.56 ? 32  THR A OG1 1 
ATOM   164  C  CG2 . THR A 1 32  ? -1.360  5.825   -13.087 1.00 21.19 ? 32  THR A CG2 1 
ATOM   165  N  N   . ALA A 1 33  ? 0.773   6.267   -10.576 1.00 14.83 ? 33  ALA A N   1 
ATOM   166  C  CA  . ALA A 1 33  ? 1.103   7.539   -9.966  1.00 15.69 ? 33  ALA A CA  1 
ATOM   167  C  C   . ALA A 1 33  ? 0.777   8.660   -10.874 1.00 17.06 ? 33  ALA A C   1 
ATOM   168  O  O   . ALA A 1 33  ? 1.177   8.613   -12.027 1.00 21.49 ? 33  ALA A O   1 
ATOM   169  C  CB  . ALA A 1 33  ? 2.458   7.583   -9.533  1.00 15.41 ? 33  ALA A CB  1 
ATOM   170  N  N   . GLY A 1 34  ? -0.046  9.564   -10.422 1.00 16.90 ? 34  GLY A N   1 
ATOM   171  C  CA  . GLY A 1 34  ? -0.431  10.802  -11.179 1.00 16.46 ? 34  GLY A CA  1 
ATOM   172  C  C   . GLY A 1 34  ? 0.563   11.931  -11.003 1.00 19.01 ? 34  GLY A C   1 
ATOM   173  O  O   . GLY A 1 34  ? 1.356   12.000  -10.036 1.00 19.18 ? 34  GLY A O   1 
ATOM   174  N  N   . ALA A 1 35  ? 0.578   12.897  -11.937 1.00 19.19 ? 35  ALA A N   1 
ATOM   175  C  CA  . ALA A 1 35  ? 1.578   13.976  -11.834 1.00 20.87 ? 35  ALA A CA  1 
ATOM   176  C  C   . ALA A 1 35  ? 1.462   14.912  -10.648 1.00 25.77 ? 35  ALA A C   1 
ATOM   177  O  O   . ALA A 1 35  ? 2.464   15.512  -10.286 1.00 30.85 ? 35  ALA A O   1 
ATOM   178  C  CB  . ALA A 1 35  ? 1.450   14.842  -13.085 1.00 23.75 ? 35  ALA A CB  1 
ATOM   179  N  N   . ASP A 1 36  ? 0.248   14.955  -10.118 1.00 26.84 ? 36  ASP A N   1 
ATOM   180  C  CA  . ASP A 1 36  ? -0.269  15.780  -9.009  1.00 34.24 ? 36  ASP A CA  1 
ATOM   181  C  C   . ASP A 1 36  ? 0.039   15.117  -7.616  1.00 27.51 ? 36  ASP A C   1 
ATOM   182  O  O   . ASP A 1 36  ? 0.121   15.807  -6.587  1.00 30.88 ? 36  ASP A O   1 
ATOM   183  C  CB  . ASP A 1 36  ? -1.858  15.901  -9.218  1.00 34.44 ? 36  ASP A CB  1 
ATOM   184  C  CG  . ASP A 1 36  ? -2.642  14.458  -9.358  1.00 40.31 ? 36  ASP A CG  1 
ATOM   185  O  OD1 . ASP A 1 36  ? -2.017  13.420  -9.503  1.00 25.26 ? 36  ASP A OD1 1 
ATOM   186  O  OD2 . ASP A 1 36  ? -3.912  14.301  -9.351  1.00 44.12 ? 36  ASP A OD2 1 
ATOM   187  N  N   . GLY A 1 37  ? 0.345   13.829  -7.568  1.00 18.85 ? 37  GLY A N   1 
ATOM   188  C  CA  . GLY A 1 37  ? 0.532   13.221  -6.239  1.00 15.53 ? 37  GLY A CA  1 
ATOM   189  C  C   . GLY A 1 37  ? -0.441  12.075  -6.043  1.00 14.75 ? 37  GLY A C   1 
ATOM   190  O  O   . GLY A 1 37  ? -0.364  11.471  -5.002  1.00 13.17 ? 37  GLY A O   1 
ATOM   191  N  N   . ALA A 1 38  ? -1.365  11.803  -6.938  1.00 13.70 ? 38  ALA A N   1 
ATOM   192  C  CA  . ALA A 1 38  ? -2.318  10.687  -6.718  1.00 13.10 ? 38  ALA A CA  1 
ATOM   193  C  C   . ALA A 1 38  ? -1.735  9.332   -6.931  1.00 13.63 ? 38  ALA A C   1 
ATOM   194  O  O   . ALA A 1 38  ? -0.894  9.147   -7.804  1.00 14.55 ? 38  ALA A O   1 
ATOM   195  C  CB  . ALA A 1 38  ? -3.447  10.853  -7.705  1.00 17.00 ? 38  ALA A CB  1 
ATOM   196  N  N   . LEU A 1 39  ? -2.197  8.360   -6.146  1.00 12.93 ? 39  LEU A N   1 
ATOM   197  C  CA  . LEU A 1 39  ? -1.990  6.912   -6.352  1.00 11.39 ? 39  LEU A CA  1 
ATOM   198  C  C   . LEU A 1 39  ? -3.316  6.259   -6.450  1.00 11.33 ? 39  LEU A C   1 
ATOM   199  O  O   . LEU A 1 39  ? -4.228  6.498   -5.699  1.00 12.45 ? 39  LEU A O   1 
ATOM   200  C  CB  . LEU A 1 39  ? -1.225  6.239   -5.205  1.00 12.12 ? 39  LEU A CB  1 
ATOM   201  C  CG  . LEU A 1 39  ? 0.140   6.790   -4.889  1.00 13.43 ? 39  LEU A CG  1 
ATOM   202  C  CD1 . LEU A 1 39  ? 0.666   6.067   -3.662  1.00 13.22 ? 39  LEU A CD1 1 
ATOM   203  C  CD2 . LEU A 1 39  ? 1.130   6.665   -6.045  1.00 12.96 ? 39  LEU A CD2 1 
ATOM   204  N  N   . THR A 1 40  ? -3.498  5.457   -7.508  1.00 12.65 ? 40  THR A N   1 
ATOM   205  C  CA  . THR A 1 40  ? -4.708  4.743   -7.743  1.00 13.01 ? 40  THR A CA  1 
ATOM   206  C  C   . THR A 1 40  ? -4.334  3.386   -8.256  1.00 13.10 ? 40  THR A C   1 
ATOM   207  O  O   . THR A 1 40  ? -3.376  3.235   -9.011  1.00 18.07 ? 40  THR A O   1 
ATOM   208  C  CB  . THR A 1 40  ? -5.606  5.374   -8.838  1.00 14.29 ? 40  THR A CB  1 
ATOM   209  O  OG1 A THR A 1 40  ? -4.835  5.611   -9.988  0.50 15.27 ? 40  THR A OG1 1 
ATOM   210  O  OG1 B THR A 1 40  ? -5.528  6.801   -8.697  0.50 14.89 ? 40  THR A OG1 1 
ATOM   211  C  CG2 A THR A 1 40  ? -6.260  6.598   -8.364  0.50 12.76 ? 40  THR A CG2 1 
ATOM   212  C  CG2 B THR A 1 40  ? -6.988  4.926   -8.671  0.50 15.60 ? 40  THR A CG2 1 
ATOM   213  N  N   . GLY A 1 41  ? -5.069  2.325   -7.879  1.00 11.29 ? 41  GLY A N   1 
ATOM   214  C  CA  . GLY A 1 41  ? -4.804  1.048   -8.377  1.00 12.61 ? 41  GLY A CA  1 
ATOM   215  C  C   . GLY A 1 41  ? -5.585  -0.059  -7.697  1.00 10.73 ? 41  GLY A C   1 
ATOM   216  O  O   . GLY A 1 41  ? -6.672  0.167   -7.193  1.00 11.83 ? 41  GLY A O   1 
ATOM   217  N  N   . THR A 1 42  ? -4.948  -1.219  -7.634  1.00 11.03 ? 42  THR A N   1 
ATOM   218  C  CA  . THR A 1 42  ? -5.544  -2.413  -7.056  1.00 11.53 ? 42  THR A CA  1 
ATOM   219  C  C   . THR A 1 42  ? -4.564  -3.155  -6.206  1.00 12.10 ? 42  THR A C   1 
ATOM   220  O  O   . THR A 1 42  ? -3.382  -3.117  -6.496  1.00 12.45 ? 42  THR A O   1 
ATOM   221  C  CB  . THR A 1 42  ? -6.187  -3.379  -8.075  1.00 13.50 ? 42  THR A CB  1 
ATOM   222  O  OG1 . THR A 1 42  ? -5.157  -3.882  -8.912  1.00 15.44 ? 42  THR A OG1 1 
ATOM   223  C  CG2 . THR A 1 42  ? -7.290  -2.666  -8.828  1.00 15.65 ? 42  THR A CG2 1 
ATOM   224  N  N   . TYR A 1 43  ? -5.067  -3.883  -5.205  1.00 10.25 ? 43  TYR A N   1 
ATOM   225  C  CA  . TYR A 1 43  ? -4.249  -4.713  -4.328  1.00 10.48 ? 43  TYR A CA  1 
ATOM   226  C  C   . TYR A 1 43  ? -4.865  -6.080  -4.248  1.00 10.47 ? 43  TYR A C   1 
ATOM   227  O  O   . TYR A 1 43  ? -6.043  -6.201  -4.078  1.00 12.29 ? 43  TYR A O   1 
ATOM   228  C  CB  . TYR A 1 43  ? -4.176  -4.043  -2.895  1.00 10.93 ? 43  TYR A CB  1 
ATOM   229  C  CG  . TYR A 1 43  ? -3.012  -4.469  -2.083  1.00 9.54  ? 43  TYR A CG  1 
ATOM   230  C  CD1 . TYR A 1 43  ? -3.007  -5.664  -1.400  1.00 9.63  ? 43  TYR A CD1 1 
ATOM   231  C  CD2 . TYR A 1 43  ? -1.867  -3.696  -2.024  1.00 9.29  ? 43  TYR A CD2 1 
ATOM   232  C  CE1 . TYR A 1 43  ? -1.949  -6.115  -0.635  1.00 9.31  ? 43  TYR A CE1 1 
ATOM   233  C  CE2 . TYR A 1 43  ? -0.791  -4.152  -1.295  1.00 8.90  ? 43  TYR A CE2 1 
ATOM   234  C  CZ  . TYR A 1 43  ? -0.832  -5.303  -0.570  1.00 9.52  ? 43  TYR A CZ  1 
ATOM   235  O  OH  . TYR A 1 43  ? 0.241   -5.680  0.112   1.00 10.14 ? 43  TYR A OH  1 
ATOM   236  N  N   . GLU A 1 44  ? -4.012  -7.061  -4.324  1.00 10.70 ? 44  GLU A N   1 
ATOM   237  C  CA  . GLU A 1 44  ? -4.421  -8.452  -4.128  1.00 11.47 ? 44  GLU A CA  1 
ATOM   238  C  C   . GLU A 1 44  ? -3.503  -9.044  -3.073  1.00 11.56 ? 44  GLU A C   1 
ATOM   239  O  O   . GLU A 1 44  ? -2.307  -9.122  -3.216  1.00 12.41 ? 44  GLU A O   1 
ATOM   240  C  CB  . GLU A 1 44  ? -4.153  -9.238  -5.437  1.00 14.10 ? 44  GLU A CB  1 
ATOM   241  C  CG  . GLU A 1 44  ? -4.732  -10.621 -5.336  1.00 17.46 ? 44  GLU A CG  1 
ATOM   242  C  CD  . GLU A 1 44  ? -4.775  -11.370 -6.673  1.00 25.64 ? 44  GLU A CD  1 
ATOM   243  O  OE1 . GLU A 1 44  ? -5.276  -12.529 -6.643  1.00 26.89 ? 44  GLU A OE1 1 
ATOM   244  O  OE2 . GLU A 1 44  ? -4.392  -10.778 -7.685  1.00 25.17 ? 44  GLU A OE2 1 
ATOM   245  N  N   . SER A 1 45  ? -4.091  -9.387  -1.912  1.00 11.92 ? 45  SER A N   1 
ATOM   246  C  CA  . SER A 1 45  ? -3.362  -9.982  -0.794  1.00 10.98 ? 45  SER A CA  1 
ATOM   247  C  C   . SER A 1 45  ? -3.191  -11.464 -0.952  1.00 12.25 ? 45  SER A C   1 
ATOM   248  O  O   . SER A 1 45  ? -4.232  -12.174 -1.177  1.00 14.94 ? 45  SER A O   1 
ATOM   249  C  CB  . SER A 1 45  ? -4.044  -9.683  0.533   1.00 11.27 ? 45  SER A CB  1 
ATOM   250  O  OG  . SER A 1 45  ? -3.246  -10.190 1.583   1.00 11.09 ? 45  SER A OG  1 
ATOM   251  N  N   . ALA A 1 46  ? -2.006  -11.944 -0.674  1.00 12.69 ? 46  ALA A N   1 
ATOM   252  C  CA  . ALA A 1 46  ? -1.799  -13.419 -0.623  1.00 14.29 ? 46  ALA A CA  1 
ATOM   253  C  C   . ALA A 1 46  ? -2.262  -14.025 0.657   1.00 15.03 ? 46  ALA A C   1 
ATOM   254  O  O   . ALA A 1 46  ? -2.281  -15.274 0.810   1.00 15.53 ? 46  ALA A O   1 
ATOM   255  C  CB  . ALA A 1 46  ? -0.372  -13.716 -0.788  1.00 16.13 ? 46  ALA A CB  1 
ATOM   256  N  N   . VAL A 1 47  ? -2.567  -13.233 1.672   1.00 13.00 ? 47  VAL A N   1 
ATOM   257  C  CA  . VAL A 1 47  ? -2.940  -13.729 2.979   1.00 11.98 ? 47  VAL A CA  1 
ATOM   258  C  C   . VAL A 1 47  ? -4.166  -13.016 3.529   1.00 12.09 ? 47  VAL A C   1 
ATOM   259  O  O   . VAL A 1 47  ? -4.603  -11.955 3.015   1.00 11.68 ? 47  VAL A O   1 
ATOM   260  C  CB  . VAL A 1 47  ? -1.817  -13.562 4.014   1.00 12.32 ? 47  VAL A CB  1 
ATOM   261  C  CG1 . VAL A 1 47  ? -0.529  -14.273 3.627   1.00 12.66 ? 47  VAL A CG1 1 
ATOM   262  C  CG2 . VAL A 1 47  ? -1.456  -12.071 4.219   1.00 12.71 ? 47  VAL A CG2 1 
ATOM   263  N  N   . GLY A 1 48  ? -4.760  -13.641 4.554   1.00 11.34 ? 48  GLY A N   1 
ATOM   264  C  CA  . GLY A 1 48  ? -5.877  -13.064 5.202   1.00 11.78 ? 48  GLY A CA  1 
ATOM   265  C  C   . GLY A 1 48  ? -7.210  -13.267 4.573   1.00 12.78 ? 48  GLY A C   1 
ATOM   266  O  O   . GLY A 1 48  ? -7.363  -14.141 3.692   1.00 13.65 ? 48  GLY A O   1 
ATOM   267  N  N   . ASN A 1 49  ? -8.184  -12.506 5.051   1.00 10.99 ? 49  ASN A N   1 
ATOM   268  C  CA  . ASN A 1 49  ? -9.588  -12.660 4.627   1.00 12.34 ? 49  ASN A CA  1 
ATOM   269  C  C   . ASN A 1 49  ? -9.773  -11.812 3.368   1.00 12.86 ? 49  ASN A C   1 
ATOM   270  O  O   . ASN A 1 49  ? -10.359 -10.721 3.428   1.00 13.24 ? 49  ASN A O   1 
ATOM   271  C  CB  . ASN A 1 49  ? -10.532 -12.322 5.687   1.00 13.86 ? 49  ASN A CB  1 
ATOM   272  C  CG  . ASN A 1 49  ? -11.988 -12.675 5.303   1.00 16.62 ? 49  ASN A CG  1 
ATOM   273  O  OD1 . ASN A 1 49  ? -12.200 -13.322 4.268   1.00 17.71 ? 49  ASN A OD1 1 
ATOM   274  N  ND2 . ASN A 1 49  ? -12.939 -12.143 5.992   1.00 17.32 ? 49  ASN A ND2 1 
ATOM   275  N  N   . ALA A 1 50  ? -9.263  -12.319 2.243   1.00 12.36 ? 50  ALA A N   1 
ATOM   276  C  CA  . ALA A 1 50  ? -9.125  -11.558 1.000   1.00 13.01 ? 50  ALA A CA  1 
ATOM   277  C  C   . ALA A 1 50  ? -9.154  -12.501 -0.157  1.00 14.28 ? 50  ALA A C   1 
ATOM   278  O  O   . ALA A 1 50  ? -8.523  -13.527 -0.112  1.00 15.91 ? 50  ALA A O   1 
ATOM   279  C  CB  . ALA A 1 50  ? -7.854  -10.691 1.012   1.00 14.68 ? 50  ALA A CB  1 
ATOM   280  N  N   . GLU A 1 51  ? -9.817  -12.047 -1.230  1.00 13.05 ? 51  GLU A N   1 
ATOM   281  C  CA  . GLU A 1 51  ? -9.740  -12.740 -2.485  1.00 14.59 ? 51  GLU A CA  1 
ATOM   282  C  C   . GLU A 1 51  ? -9.873  -11.726 -3.619  1.00 13.07 ? 51  GLU A C   1 
ATOM   283  O  O   . GLU A 1 51  ? -10.651 -10.799 -3.573  1.00 13.49 ? 51  GLU A O   1 
ATOM   284  C  CB  . GLU A 1 51  ? -10.888 -13.774 -2.480  1.00 20.68 ? 51  GLU A CB  1 
ATOM   285  C  CG  . GLU A 1 51  ? -11.661 -13.954 -3.682  1.00 25.53 ? 51  GLU A CG  1 
ATOM   286  C  CD  . GLU A 1 51  ? -12.920 -14.849 -3.502  1.00 28.63 ? 51  GLU A CD  1 
ATOM   287  O  OE1 . GLU A 1 51  ? -13.239 -15.334 -4.590  1.00 37.10 ? 51  GLU A OE1 1 
ATOM   288  O  OE2 . GLU A 1 51  ? -13.543 -15.028 -2.361  1.00 29.53 ? 51  GLU A OE2 1 
ATOM   289  N  N   . SER A 1 52  ? -9.082  -11.939 -4.630  1.00 14.52 ? 52  SER A N   1 
ATOM   290  C  CA  . SER A 1 52  ? -9.062  -11.119 -5.818  1.00 14.30 ? 52  SER A CA  1 
ATOM   291  C  C   . SER A 1 52  ? -8.554  -9.705  -5.523  1.00 13.36 ? 52  SER A C   1 
ATOM   292  O  O   . SER A 1 52  ? -7.884  -9.484  -4.518  1.00 14.92 ? 52  SER A O   1 
ATOM   293  C  CB  . SER A 1 52  ? -10.426 -11.120 -6.517  1.00 20.43 ? 52  SER A CB  1 
ATOM   294  O  OG  . SER A 1 52  ? -10.277 -10.547 -7.830  1.00 27.12 ? 52  SER A OG  1 
ATOM   295  N  N   . ARG A 1 53  ? -8.945  -8.777  -6.343  1.00 12.85 ? 53  ARG A N   1 
ATOM   296  C  CA  . ARG A 1 53  ? -8.384  -7.419  -6.252  1.00 13.15 ? 53  ARG A CA  1 
ATOM   297  C  C   . ARG A 1 53  ? -9.329  -6.519  -5.490  1.00 12.25 ? 53  ARG A C   1 
ATOM   298  O  O   . ARG A 1 53  ? -10.565 -6.587  -5.554  1.00 13.39 ? 53  ARG A O   1 
ATOM   299  C  CB  . ARG A 1 53  ? -8.192  -6.829  -7.690  1.00 16.64 ? 53  ARG A CB  1 
ATOM   300  C  CG  . ARG A 1 53  ? -7.064  -7.514  -8.444  1.00 18.89 ? 53  ARG A CG  1 
ATOM   301  C  CD  . ARG A 1 53  ? -7.023  -7.154  -9.941  1.00 25.90 ? 53  ARG A CD  1 
ATOM   302  N  NE  A ARG A 1 53  ? -5.677  -7.248  -10.559 0.50 28.25 ? 53  ARG A NE  1 
ATOM   303  N  NE  B ARG A 1 53  ? -8.374  -7.362  -10.515 0.50 26.04 ? 53  ARG A NE  1 
ATOM   304  C  CZ  A ARG A 1 53  ? -5.478  -7.129  -11.896 0.50 31.09 ? 53  ARG A CZ  1 
ATOM   305  C  CZ  B ARG A 1 53  ? -8.862  -8.483  -11.096 0.50 34.09 ? 53  ARG A CZ  1 
ATOM   306  N  NH1 A ARG A 1 53  ? -4.296  -7.281  -12.455 0.50 31.42 ? 53  ARG A NH1 1 
ATOM   307  N  NH1 B ARG A 1 53  ? -10.098 -8.480  -11.582 0.50 37.58 ? 53  ARG A NH1 1 
ATOM   308  N  NH2 A ARG A 1 53  ? -6.485  -6.814  -12.693 0.50 31.74 ? 53  ARG A NH2 1 
ATOM   309  N  NH2 B ARG A 1 53  ? -8.182  -9.626  -11.200 0.50 36.83 ? 53  ARG A NH2 1 
ATOM   310  N  N   . TYR A 1 54  ? -8.731  -5.529  -4.788  1.00 11.81 ? 54  TYR A N   1 
ATOM   311  C  CA  . TYR A 1 54  ? -9.440  -4.487  -4.068  1.00 11.21 ? 54  TYR A CA  1 
ATOM   312  C  C   . TYR A 1 54  ? -8.899  -3.146  -4.540  1.00 9.23  ? 54  TYR A C   1 
ATOM   313  O  O   . TYR A 1 54  ? -7.742  -2.985  -4.833  1.00 12.04 ? 54  TYR A O   1 
ATOM   314  C  CB  . TYR A 1 54  ? -9.120  -4.646  -2.558  1.00 10.06 ? 54  TYR A CB  1 
ATOM   315  C  CG  . TYR A 1 54  ? -9.678  -5.945  -2.005  1.00 9.53  ? 54  TYR A CG  1 
ATOM   316  C  CD1 . TYR A 1 54  ? -8.932  -7.101  -2.111  1.00 10.14 ? 54  TYR A CD1 1 
ATOM   317  C  CD2 . TYR A 1 54  ? -10.851 -5.976  -1.255  1.00 10.37 ? 54  TYR A CD2 1 
ATOM   318  C  CE1 . TYR A 1 54  ? -9.462  -8.306  -1.672  1.00 10.53 ? 54  TYR A CE1 1 
ATOM   319  C  CE2 . TYR A 1 54  ? -11.373 -7.213  -0.799  1.00 10.65 ? 54  TYR A CE2 1 
ATOM   320  C  CZ  . TYR A 1 54  ? -10.612 -8.315  -0.967  1.00 11.55 ? 54  TYR A CZ  1 
ATOM   321  O  OH  . TYR A 1 54  ? -11.189 -9.507  -0.528  1.00 11.79 ? 54  TYR A OH  1 
ATOM   322  N  N   . VAL A 1 55  ? -9.791  -2.183  -4.500  1.00 10.92 ? 55  VAL A N   1 
ATOM   323  C  CA  . VAL A 1 55  ? -9.437  -0.795  -4.846  1.00 11.02 ? 55  VAL A CA  1 
ATOM   324  C  C   . VAL A 1 55  ? -8.446  -0.264  -3.870  1.00 10.80 ? 55  VAL A C   1 
ATOM   325  O  O   . VAL A 1 55  ? -8.613  -0.421  -2.678  1.00 11.65 ? 55  VAL A O   1 
ATOM   326  C  CB  . VAL A 1 55  ? -10.689 0.085   -4.961  1.00 12.69 ? 55  VAL A CB  1 
ATOM   327  C  CG1 . VAL A 1 55  ? -10.332 1.535   -5.065  1.00 13.19 ? 55  VAL A CG1 1 
ATOM   328  C  CG2 . VAL A 1 55  ? -11.588 -0.429  -6.105  1.00 13.22 ? 55  VAL A CG2 1 
ATOM   329  N  N   . LEU A 1 56  ? -7.505  0.457   -4.345  1.00 11.03 ? 56  LEU A N   1 
ATOM   330  C  CA  . LEU A 1 56  ? -6.678  1.298   -3.480  1.00 12.68 ? 56  LEU A CA  1 
ATOM   331  C  C   . LEU A 1 56  ? -6.587  2.717   -3.970  1.00 14.53 ? 56  LEU A C   1 
ATOM   332  O  O   . LEU A 1 56  ? -6.650  2.985   -5.183  1.00 13.18 ? 56  LEU A O   1 
ATOM   333  C  CB  . LEU A 1 56  ? -5.327  0.776   -3.299  1.00 14.69 ? 56  LEU A CB  1 
ATOM   334  C  CG  . LEU A 1 56  ? -4.369  0.793   -4.447  1.00 12.44 ? 56  LEU A CG  1 
ATOM   335  C  CD1 . LEU A 1 56  ? -3.475  2.115   -4.486  1.00 12.49 ? 56  LEU A CD1 1 
ATOM   336  C  CD2 . LEU A 1 56  ? -3.459  -0.423  -4.508  1.00 16.18 ? 56  LEU A CD2 1 
ATOM   337  N  N   . THR A 1 57  ? -6.370  3.623   -3.037  1.00 11.19 ? 57  THR A N   1 
ATOM   338  C  CA  . THR A 1 57  ? -6.059  5.011   -3.359  1.00 10.26 ? 57  THR A CA  1 
ATOM   339  C  C   . THR A 1 57  ? -5.011  5.505   -2.417  1.00 9.50  ? 57  THR A C   1 
ATOM   340  O  O   . THR A 1 57  ? -4.987  5.080   -1.237  1.00 10.52 ? 57  THR A O   1 
ATOM   341  C  CB  . THR A 1 57  ? -7.323  5.881   -3.338  1.00 11.65 ? 57  THR A CB  1 
ATOM   342  O  OG1 . THR A 1 57  ? -7.017  7.132   -3.799  1.00 17.81 ? 57  THR A OG1 1 
ATOM   343  C  CG2 . THR A 1 57  ? -7.879  6.036   -2.066  1.00 11.69 ? 57  THR A CG2 1 
ATOM   344  N  N   . GLY A 1 58  ? -4.219  6.515   -2.790  1.00 10.45 ? 58  GLY A N   1 
ATOM   345  C  CA  . GLY A 1 58  ? -3.269  7.102   -1.904  1.00 10.19 ? 58  GLY A CA  1 
ATOM   346  C  C   . GLY A 1 58  ? -2.610  8.290   -2.495  1.00 9.51  ? 58  GLY A C   1 
ATOM   347  O  O   . GLY A 1 58  ? -3.146  8.883   -3.441  1.00 10.45 ? 58  GLY A O   1 
ATOM   348  N  N   . ARG A 1 59  ? -1.511  8.674   -1.911  1.00 9.90  ? 59  ARG A N   1 
ATOM   349  C  CA  . ARG A 1 59  ? -0.800  9.915   -2.285  1.00 8.92  ? 59  ARG A CA  1 
ATOM   350  C  C   . ARG A 1 59  ? 0.667   9.686   -2.179  1.00 10.74 ? 59  ARG A C   1 
ATOM   351  O  O   . ARG A 1 59  ? 1.164   8.937   -1.336  1.00 11.31 ? 59  ARG A O   1 
ATOM   352  C  CB  . ARG A 1 59  ? -1.185  11.068  -1.360  1.00 9.96  ? 59  ARG A CB  1 
ATOM   353  C  CG  . ARG A 1 59  ? -2.615  11.470  -1.305  1.00 10.65 ? 59  ARG A CG  1 
ATOM   354  C  CD  . ARG A 1 59  ? -3.214  12.104  -2.531  1.00 10.80 ? 59  ARG A CD  1 
ATOM   355  N  NE  . ARG A 1 59  ? -2.538  13.427  -2.729  1.00 11.40 ? 59  ARG A NE  1 
ATOM   356  C  CZ  . ARG A 1 59  ? -2.578  14.102  -3.860  1.00 14.03 ? 59  ARG A CZ  1 
ATOM   357  N  NH1 . ARG A 1 59  ? -3.297  13.656  -4.836  1.00 15.05 ? 59  ARG A NH1 1 
ATOM   358  N  NH2 . ARG A 1 59  ? -1.884  15.219  -3.954  1.00 15.34 ? 59  ARG A NH2 1 
ATOM   359  N  N   . TYR A 1 60  ? 1.444   10.475  -2.924  1.00 10.54 ? 60  TYR A N   1 
ATOM   360  C  CA  . TYR A 1 60  ? 2.890   10.422  -2.827  1.00 10.85 ? 60  TYR A CA  1 
ATOM   361  C  C   . TYR A 1 60  ? 3.411   11.859  -3.001  1.00 10.71 ? 60  TYR A C   1 
ATOM   362  O  O   . TYR A 1 60  ? 2.710   12.690  -3.572  1.00 12.06 ? 60  TYR A O   1 
ATOM   363  C  CB  . TYR A 1 60  ? 3.554   9.456   -3.853  1.00 12.18 ? 60  TYR A CB  1 
ATOM   364  C  CG  . TYR A 1 60  ? 3.608   9.930   -5.295  1.00 12.55 ? 60  TYR A CG  1 
ATOM   365  C  CD1 . TYR A 1 60  ? 2.459   10.059  -6.032  1.00 13.48 ? 60  TYR A CD1 1 
ATOM   366  C  CD2 . TYR A 1 60  ? 4.798   10.391  -5.841  1.00 13.01 ? 60  TYR A CD2 1 
ATOM   367  C  CE1 . TYR A 1 60  ? 2.510   10.526  -7.401  1.00 13.87 ? 60  TYR A CE1 1 
ATOM   368  C  CE2 . TYR A 1 60  ? 4.799   10.850  -7.146  1.00 13.95 ? 60  TYR A CE2 1 
ATOM   369  C  CZ  . TYR A 1 60  ? 3.674   10.928  -7.858  1.00 15.89 ? 60  TYR A CZ  1 
ATOM   370  O  OH  . TYR A 1 60  ? 3.746   11.404  -9.199  1.00 17.37 ? 60  TYR A OH  1 
ATOM   371  N  N   . ASP A 1 61  ? 4.619   12.075  -2.532  1.00 10.47 ? 61  ASP A N   1 
ATOM   372  C  CA  . ASP A 1 61  ? 5.381   13.328  -2.714  1.00 11.16 ? 61  ASP A CA  1 
ATOM   373  C  C   . ASP A 1 61  ? 5.851   13.382  -4.190  1.00 13.82 ? 61  ASP A C   1 
ATOM   374  O  O   . ASP A 1 61  ? 6.776   12.674  -4.540  1.00 14.45 ? 61  ASP A O   1 
ATOM   375  C  CB  . ASP A 1 61  ? 6.518   13.395  -1.760  1.00 12.43 ? 61  ASP A CB  1 
ATOM   376  C  CG  . ASP A 1 61  ? 7.368   14.712  -1.876  1.00 13.44 ? 61  ASP A CG  1 
ATOM   377  O  OD1 . ASP A 1 61  ? 6.954   15.529  -2.733  1.00 15.12 ? 61  ASP A OD1 1 
ATOM   378  O  OD2 . ASP A 1 61  ? 8.343   14.742  -1.167  1.00 13.52 ? 61  ASP A OD2 1 
ATOM   379  N  N   . SER A 1 62  ? 5.241   14.254  -4.968  1.00 13.95 ? 62  SER A N   1 
ATOM   380  C  CA  . SER A 1 62  ? 5.598   14.405  -6.393  1.00 15.61 ? 62  SER A CA  1 
ATOM   381  C  C   . SER A 1 62  ? 6.823   15.297  -6.597  1.00 17.86 ? 62  SER A C   1 
ATOM   382  O  O   . SER A 1 62  ? 7.241   15.420  -7.766  1.00 21.05 ? 62  SER A O   1 
ATOM   383  C  CB  . SER A 1 62  ? 4.341   14.817  -7.161  1.00 16.17 ? 62  SER A CB  1 
ATOM   384  O  OG  . SER A 1 62  ? 3.956   16.108  -6.676  1.00 21.23 ? 62  SER A OG  1 
ATOM   385  N  N   . ALA A 1 63  ? 7.412   15.874  -5.585  1.00 15.79 ? 63  ALA A N   1 
ATOM   386  C  CA  . ALA A 1 63  ? 8.625   16.660  -5.757  1.00 17.92 ? 63  ALA A CA  1 
ATOM   387  C  C   . ALA A 1 63  ? 9.557   16.344  -4.589  1.00 17.60 ? 63  ALA A C   1 
ATOM   388  O  O   . ALA A 1 63  ? 9.744   17.163  -3.689  1.00 20.66 ? 63  ALA A O   1 
ATOM   389  C  CB  . ALA A 1 63  ? 8.274   18.118  -5.855  1.00 19.74 ? 63  ALA A CB  1 
ATOM   390  N  N   . PRO A 1 64  ? 10.110  15.140  -4.534  1.00 18.67 ? 64  PRO A N   1 
ATOM   391  C  CA  . PRO A 1 64  ? 10.989  14.739  -3.405  1.00 19.14 ? 64  PRO A CA  1 
ATOM   392  C  C   . PRO A 1 64  ? 12.280  15.505  -3.305  1.00 20.49 ? 64  PRO A C   1 
ATOM   393  O  O   . PRO A 1 64  ? 12.596  16.259  -4.245  1.00 23.05 ? 64  PRO A O   1 
ATOM   394  C  CB  . PRO A 1 64  ? 11.170  13.246  -3.597  1.00 23.24 ? 64  PRO A CB  1 
ATOM   395  C  CG  . PRO A 1 64  ? 11.062  13.134  -5.062  1.00 21.01 ? 64  PRO A CG  1 
ATOM   396  C  CD  . PRO A 1 64  ? 9.977   14.046  -5.505  1.00 19.15 ? 64  PRO A CD  1 
ATOM   397  N  N   . ALA A 1 65  ? 12.903  15.392  -2.172  1.00 19.38 ? 65  ALA A N   1 
ATOM   398  C  CA  . ALA A 1 65  ? 14.229  15.965  -1.969  1.00 23.46 ? 65  ALA A CA  1 
ATOM   399  C  C   . ALA A 1 65  ? 15.188  15.308  -3.004  1.00 26.84 ? 65  ALA A C   1 
ATOM   400  O  O   . ALA A 1 65  ? 14.957  14.206  -3.529  1.00 30.27 ? 65  ALA A O   1 
ATOM   401  C  CB  . ALA A 1 65  ? 14.667  15.873  -0.511  1.00 26.33 ? 65  ALA A CB  1 
ATOM   402  N  N   . THR A 1 66  ? 16.217  16.075  -3.375  1.00 33.18 ? 66  THR A N   1 
ATOM   403  C  CA  . THR A 1 66  ? 17.154  15.684  -4.461  1.00 35.50 ? 66  THR A CA  1 
ATOM   404  C  C   . THR A 1 66  ? 18.505  15.326  -3.825  1.00 39.12 ? 66  THR A C   1 
ATOM   405  O  O   . THR A 1 66  ? 19.553  15.549  -4.420  1.00 41.65 ? 66  THR A O   1 
ATOM   406  C  CB  . THR A 1 66  ? 17.346  16.878  -5.467  1.00 36.95 ? 66  THR A CB  1 
ATOM   407  O  OG1 . THR A 1 66  ? 17.932  17.984  -4.780  1.00 36.45 ? 66  THR A OG1 1 
ATOM   408  C  CG2 . THR A 1 66  ? 16.038  17.392  -5.976  1.00 40.80 ? 66  THR A CG2 1 
ATOM   409  N  N   . ASP A 1 67  ? 18.485  14.831  -2.591  1.00 31.02 ? 67  ASP A N   1 
ATOM   410  C  CA  . ASP A 1 67  ? 19.650  14.611  -1.791  1.00 29.46 ? 67  ASP A CA  1 
ATOM   411  C  C   . ASP A 1 67  ? 19.880  13.116  -1.541  1.00 29.07 ? 67  ASP A C   1 
ATOM   412  O  O   . ASP A 1 67  ? 20.610  12.738  -0.610  1.00 33.96 ? 67  ASP A O   1 
ATOM   413  C  CB  . ASP A 1 67  ? 19.519  15.412  -0.504  1.00 30.45 ? 67  ASP A CB  1 
ATOM   414  C  CG  . ASP A 1 67  ? 18.384  14.945  0.362   1.00 34.18 ? 67  ASP A CG  1 
ATOM   415  O  OD1 . ASP A 1 67  ? 17.694  13.963  -0.037  1.00 30.67 ? 67  ASP A OD1 1 
ATOM   416  O  OD2 . ASP A 1 67  ? 18.236  15.567  1.397   1.00 35.40 ? 67  ASP A OD2 1 
ATOM   417  N  N   . GLY A 1 68  ? 19.194  12.282  -2.321  1.00 25.95 ? 68  GLY A N   1 
ATOM   418  C  CA  . GLY A 1 68  ? 19.238  10.862  -2.192  1.00 28.93 ? 68  GLY A CA  1 
ATOM   419  C  C   . GLY A 1 68  ? 18.183  10.297  -1.215  1.00 24.15 ? 68  GLY A C   1 
ATOM   420  O  O   . GLY A 1 68  ? 18.195  9.106   -0.945  1.00 26.85 ? 68  GLY A O   1 
ATOM   421  N  N   . SER A 1 69  ? 17.377  11.148  -0.657  1.00 21.58 ? 69  SER A N   1 
ATOM   422  C  CA  . SER A 1 69  ? 16.268  10.651  0.156   1.00 18.99 ? 69  SER A CA  1 
ATOM   423  C  C   . SER A 1 69  ? 15.272  9.929   -0.647  1.00 17.39 ? 69  SER A C   1 
ATOM   424  O  O   . SER A 1 69  ? 15.052  10.178  -1.809  1.00 18.65 ? 69  SER A O   1 
ATOM   425  C  CB  . SER A 1 69  ? 15.595  11.795  0.865   1.00 21.00 ? 69  SER A CB  1 
ATOM   426  O  OG  . SER A 1 69  ? 16.527  12.478  1.718   1.00 25.67 ? 69  SER A OG  1 
ATOM   427  N  N   . GLY A 1 70  ? 14.512  9.055   -0.006  1.00 14.35 ? 70  GLY A N   1 
ATOM   428  C  CA  . GLY A 1 70  ? 13.396  8.399   -0.606  1.00 14.00 ? 70  GLY A CA  1 
ATOM   429  C  C   . GLY A 1 70  ? 12.212  9.339   -0.773  1.00 12.82 ? 70  GLY A C   1 
ATOM   430  O  O   . GLY A 1 70  ? 12.209  10.454  -0.349  1.00 14.22 ? 70  GLY A O   1 
ATOM   431  N  N   . THR A 1 71  ? 11.184  8.769   -1.396  1.00 12.09 ? 71  THR A N   1 
ATOM   432  C  CA  . THR A 1 71  ? 9.979   9.522   -1.742  1.00 12.21 ? 71  THR A CA  1 
ATOM   433  C  C   . THR A 1 71  ? 8.833   8.994   -0.885  1.00 10.99 ? 71  THR A C   1 
ATOM   434  O  O   . THR A 1 71  ? 8.398   7.831   -1.011  1.00 11.49 ? 71  THR A O   1 
ATOM   435  C  CB  . THR A 1 71  ? 9.566   9.331   -3.187  1.00 14.58 ? 71  THR A CB  1 
ATOM   436  O  OG1 . THR A 1 71  ? 10.722  9.779   -3.991  1.00 15.52 ? 71  THR A OG1 1 
ATOM   437  C  CG2 . THR A 1 71  ? 8.297   10.010  -3.594  1.00 15.30 ? 71  THR A CG2 1 
ATOM   438  N  N   . ALA A 1 72  ? 8.283   9.850   -0.027  1.00 11.07 ? 72  ALA A N   1 
ATOM   439  C  CA  . ALA A 1 72  ? 7.199   9.459   0.899   1.00 10.20 ? 72  ALA A CA  1 
ATOM   440  C  C   . ALA A 1 72  ? 5.907   9.197   0.149   1.00 9.75  ? 72  ALA A C   1 
ATOM   441  O  O   . ALA A 1 72  ? 5.561   9.881   -0.825  1.00 10.90 ? 72  ALA A O   1 
ATOM   442  C  CB  . ALA A 1 72  ? 6.991   10.529  1.953   1.00 11.48 ? 72  ALA A CB  1 
ATOM   443  N  N   . LEU A 1 73  ? 5.185   8.174   0.597   1.00 10.46 ? 73  LEU A N   1 
ATOM   444  C  CA  . LEU A 1 73  ? 3.894   7.852   0.014   1.00 11.33 ? 73  LEU A CA  1 
ATOM   445  C  C   . LEU A 1 73  ? 3.032   7.010   1.007   1.00 11.31 ? 73  LEU A C   1 
ATOM   446  O  O   . LEU A 1 73  ? 3.582   6.543   2.008   1.00 11.29 ? 73  LEU A O   1 
ATOM   447  C  CB  . LEU A 1 73  ? 4.082   7.052   -1.304  1.00 12.61 ? 73  LEU A CB  1 
ATOM   448  C  CG  . LEU A 1 73  ? 4.477   5.598   -1.252  1.00 16.34 ? 73  LEU A CG  1 
ATOM   449  C  CD1 . LEU A 1 73  ? 4.467   5.030   -2.686  1.00 19.14 ? 73  LEU A CD1 1 
ATOM   450  C  CD2 . LEU A 1 73  ? 5.761   5.436   -0.610  1.00 18.14 ? 73  LEU A CD2 1 
ATOM   451  N  N   . GLY A 1 74  ? 1.772   6.888   0.685   1.00 10.08 ? 74  GLY A N   1 
ATOM   452  C  CA  . GLY A 1 74  ? 0.923   6.023   1.436   1.00 8.70  ? 74  GLY A CA  1 
ATOM   453  C  C   . GLY A 1 74  ? -0.243  5.696   0.650   1.00 8.81  ? 74  GLY A C   1 
ATOM   454  O  O   . GLY A 1 74  ? -0.637  6.371   -0.303  1.00 9.35  ? 74  GLY A O   1 
ATOM   455  N  N   . TRP A 1 75  ? -0.943  4.619   1.047   1.00 8.88  ? 75  TRP A N   1 
ATOM   456  C  CA  . TRP A 1 75  ? -2.178  4.219   0.426   1.00 8.36  ? 75  TRP A CA  1 
ATOM   457  C  C   . TRP A 1 75  ? -3.062  3.415   1.360   1.00 9.55  ? 75  TRP A C   1 
ATOM   458  O  O   . TRP A 1 75  ? -2.611  2.911   2.349   1.00 9.32  ? 75  TRP A O   1 
ATOM   459  C  CB  . TRP A 1 75  ? -2.015  3.476   -0.922  1.00 8.70  ? 75  TRP A CB  1 
ATOM   460  C  CG  . TRP A 1 75  ? -1.350  2.135   -0.775  1.00 8.27  ? 75  TRP A CG  1 
ATOM   461  C  CD1 . TRP A 1 75  ? -2.047  0.935   -0.705  1.00 9.27  ? 75  TRP A CD1 1 
ATOM   462  C  CD2 . TRP A 1 75  ? 0.014   1.791   -0.777  1.00 8.61  ? 75  TRP A CD2 1 
ATOM   463  N  NE1 . TRP A 1 75  ? -1.127  -0.070  -0.671  1.00 10.48 ? 75  TRP A NE1 1 
ATOM   464  C  CE2 . TRP A 1 75  ? 0.115   0.413   -0.669  1.00 9.58  ? 75  TRP A CE2 1 
ATOM   465  C  CE3 . TRP A 1 75  ? 1.165   2.515   -0.874  1.00 8.68  ? 75  TRP A CE3 1 
ATOM   466  C  CZ2 . TRP A 1 75  ? 1.389   -0.273  -0.579  1.00 9.72  ? 75  TRP A CZ2 1 
ATOM   467  C  CZ3 . TRP A 1 75  ? 2.389   1.862   -0.823  1.00 10.80 ? 75  TRP A CZ3 1 
ATOM   468  C  CH2 . TRP A 1 75  ? 2.473   0.496   -0.695  1.00 10.79 ? 75  TRP A CH2 1 
ATOM   469  N  N   . THR A 1 76  ? -4.326  3.325   0.981   1.00 9.08  ? 76  THR A N   1 
ATOM   470  C  CA  . THR A 1 76  ? -5.316  2.591   1.742   1.00 8.64  ? 76  THR A CA  1 
ATOM   471  C  C   . THR A 1 76  ? -6.026  1.559   0.873   1.00 9.04  ? 76  THR A C   1 
ATOM   472  O  O   . THR A 1 76  ? -6.388  1.878   -0.299  1.00 10.15 ? 76  THR A O   1 
ATOM   473  C  CB  . THR A 1 76  ? -6.428  3.524   2.278   1.00 9.31  ? 76  THR A CB  1 
ATOM   474  O  OG1 . THR A 1 76  ? -5.809  4.543   3.048   1.00 10.78 ? 76  THR A OG1 1 
ATOM   475  C  CG2 . THR A 1 76  ? -7.432  2.820   3.102   1.00 11.10 ? 76  THR A CG2 1 
ATOM   476  N  N   . VAL A 1 77  ? -6.344  0.380   1.452   1.00 9.08  ? 77  VAL A N   1 
ATOM   477  C  CA  . VAL A 1 77  ? -7.315  -0.600  0.927   1.00 9.66  ? 77  VAL A CA  1 
ATOM   478  C  C   . VAL A 1 77  ? -8.365  -0.787  1.968   1.00 9.98  ? 77  VAL A C   1 
ATOM   479  O  O   . VAL A 1 77  ? -8.029  -1.129  3.115   1.00 10.16 ? 77  VAL A O   1 
ATOM   480  C  CB  . VAL A 1 77  ? -6.606  -1.888  0.630   1.00 9.40  ? 77  VAL A CB  1 
ATOM   481  C  CG1 . VAL A 1 77  ? -7.629  -3.004  0.353   1.00 11.12 ? 77  VAL A CG1 1 
ATOM   482  C  CG2 . VAL A 1 77  ? -5.643  -1.719  -0.513  1.00 10.79 ? 77  VAL A CG2 1 
ATOM   483  N  N   . ALA A 1 78  ? -9.650  -0.656  1.652   1.00 9.41  ? 78  ALA A N   1 
ATOM   484  C  CA  . ALA A 1 78  ? -10.742 -1.232  2.436   1.00 9.73  ? 78  ALA A CA  1 
ATOM   485  C  C   . ALA A 1 78  ? -11.053 -2.588  1.904   1.00 10.47 ? 78  ALA A C   1 
ATOM   486  O  O   . ALA A 1 78  ? -11.207 -2.760  0.695   1.00 10.35 ? 78  ALA A O   1 
ATOM   487  C  CB  . ALA A 1 78  ? -11.981 -0.355  2.351   1.00 11.08 ? 78  ALA A CB  1 
ATOM   488  N  N   . TRP A 1 79  ? -11.129 -3.566  2.755   1.00 10.29 ? 79  TRP A N   1 
ATOM   489  C  CA  . TRP A 1 79  ? -11.167 -5.005  2.360   1.00 10.51 ? 79  TRP A CA  1 
ATOM   490  C  C   . TRP A 1 79  ? -12.571 -5.495  2.017   1.00 10.84 ? 79  TRP A C   1 
ATOM   491  O  O   . TRP A 1 79  ? -13.008 -6.558  2.468   1.00 10.71 ? 79  TRP A O   1 
ATOM   492  C  CB  . TRP A 1 79  ? -10.447 -5.851  3.403   1.00 9.49  ? 79  TRP A CB  1 
ATOM   493  C  CG  . TRP A 1 79  ? -9.044  -5.510  3.554   1.00 9.81  ? 79  TRP A CG  1 
ATOM   494  C  CD1 . TRP A 1 79  ? -8.465  -4.845  4.597   1.00 10.03 ? 79  TRP A CD1 1 
ATOM   495  C  CD2 . TRP A 1 79  ? -8.011  -5.912  2.657   1.00 8.74  ? 79  TRP A CD2 1 
ATOM   496  N  NE1 . TRP A 1 79  ? -7.116  -4.746  4.365   1.00 9.75  ? 79  TRP A NE1 1 
ATOM   497  C  CE2 . TRP A 1 79  ? -6.818  -5.272  3.108   1.00 9.54  ? 79  TRP A CE2 1 
ATOM   498  C  CE3 . TRP A 1 79  ? -7.977  -6.515  1.395   1.00 9.57  ? 79  TRP A CE3 1 
ATOM   499  C  CZ2 . TRP A 1 79  ? -5.589  -5.477  2.524   1.00 9.50  ? 79  TRP A CZ2 1 
ATOM   500  C  CZ3 . TRP A 1 79  ? -6.781  -6.725  0.788   1.00 10.57 ? 79  TRP A CZ3 1 
ATOM   501  C  CH2 . TRP A 1 79  ? -5.575  -6.112  1.294   1.00 9.60  ? 79  TRP A CH2 1 
ATOM   502  N  N   . LYS A 1 80  ? -13.243 -4.711  1.189   1.00 11.34 ? 80  LYS A N   1 
ATOM   503  C  CA  . LYS A 1 80  ? -14.569 -5.014  0.583   1.00 10.82 ? 80  LYS A CA  1 
ATOM   504  C  C   . LYS A 1 80  ? -14.389 -4.995  -0.900  1.00 11.25 ? 80  LYS A C   1 
ATOM   505  O  O   . LYS A 1 80  ? -13.939 -4.036  -1.500  1.00 10.99 ? 80  LYS A O   1 
ATOM   506  C  CB  . LYS A 1 80  ? -15.595 -4.031  1.015   1.00 12.14 ? 80  LYS A CB  1 
ATOM   507  C  CG  . LYS A 1 80  ? -17.003 -4.233  0.391   1.00 13.81 ? 80  LYS A CG  1 
ATOM   508  C  CD  . LYS A 1 80  ? -17.961 -3.184  0.846   1.00 16.43 ? 80  LYS A CD  1 
ATOM   509  C  CE  . LYS A 1 80  ? -19.362 -3.477  0.317   1.00 21.27 ? 80  LYS A CE  1 
ATOM   510  N  NZ  . LYS A 1 80  ? -19.374 -3.386  -1.154  1.00 25.94 ? 80  LYS A NZ  1 
ATOM   511  N  N   . ASN A 1 81  ? -14.855 -6.063  -1.562  1.00 11.25 ? 81  ASN A N   1 
ATOM   512  C  CA  . ASN A 1 81  ? -14.935 -6.076  -3.013  1.00 11.38 ? 81  ASN A CA  1 
ATOM   513  C  C   . ASN A 1 81  ? -16.217 -6.932  -3.307  1.00 12.34 ? 81  ASN A C   1 
ATOM   514  O  O   . ASN A 1 81  ? -17.015 -7.174  -2.438  1.00 13.78 ? 81  ASN A O   1 
ATOM   515  C  CB  . ASN A 1 81  ? -13.656 -6.569  -3.651  1.00 12.03 ? 81  ASN A CB  1 
ATOM   516  C  CG  . ASN A 1 81  ? -13.332 -8.003  -3.419  1.00 11.60 ? 81  ASN A CG  1 
ATOM   517  O  OD1 . ASN A 1 81  ? -14.142 -8.735  -2.804  1.00 12.07 ? 81  ASN A OD1 1 
ATOM   518  N  ND2 . ASN A 1 81  ? -12.166 -8.427  -3.873  1.00 11.45 ? 81  ASN A ND2 1 
ATOM   519  N  N   . ASN A 1 82  ? -16.329 -7.354  -4.554  1.00 13.30 ? 82  ASN A N   1 
ATOM   520  C  CA  . ASN A 1 82  ? -17.572 -8.145  -4.920  1.00 16.55 ? 82  ASN A CA  1 
ATOM   521  C  C   . ASN A 1 82  ? -17.606 -9.477  -4.355  1.00 17.62 ? 82  ASN A C   1 
ATOM   522  O  O   . ASN A 1 82  ? -18.670 -10.142 -4.388  1.00 20.05 ? 82  ASN A O   1 
ATOM   523  C  CB  . ASN A 1 82  ? -17.783 -8.142  -6.437  1.00 18.43 ? 82  ASN A CB  1 
ATOM   524  C  CG  . ASN A 1 82  ? -18.152 -6.783  -6.967  1.00 27.73 ? 82  ASN A CG  1 
ATOM   525  O  OD1 . ASN A 1 82  ? -18.735 -5.993  -6.263  1.00 33.63 ? 82  ASN A OD1 1 
ATOM   526  N  ND2 . ASN A 1 82  ? -17.932 -6.572  -8.232  1.00 34.78 ? 82  ASN A ND2 1 
ATOM   527  N  N   . TYR A 1 83  ? -16.513 -9.988  -3.862  1.00 15.24 ? 83  TYR A N   1 
ATOM   528  C  CA  . TYR A 1 83  ? -16.377 -11.340 -3.361  1.00 14.71 ? 83  TYR A CA  1 
ATOM   529  C  C   . TYR A 1 83  ? -16.482 -11.483 -1.876  1.00 16.51 ? 83  TYR A C   1 
ATOM   530  O  O   . TYR A 1 83  ? -17.003 -12.493 -1.333  1.00 16.38 ? 83  TYR A O   1 
ATOM   531  C  CB  . TYR A 1 83  ? -15.057 -11.949 -3.810  1.00 16.75 ? 83  TYR A CB  1 
ATOM   532  C  CG  . TYR A 1 83  ? -14.825 -12.038 -5.285  1.00 17.61 ? 83  TYR A CG  1 
ATOM   533  C  CD1 . TYR A 1 83  ? -15.275 -13.159 -5.956  1.00 25.84 ? 83  TYR A CD1 1 
ATOM   534  C  CD2 . TYR A 1 83  ? -14.242 -11.052 -5.985  1.00 19.50 ? 83  TYR A CD2 1 
ATOM   535  C  CE1 . TYR A 1 83  ? -15.063 -13.267 -7.336  1.00 28.98 ? 83  TYR A CE1 1 
ATOM   536  C  CE2 . TYR A 1 83  ? -14.090 -11.091 -7.344  1.00 25.48 ? 83  TYR A CE2 1 
ATOM   537  C  CZ  . TYR A 1 83  ? -14.492 -12.238 -8.002  1.00 32.25 ? 83  TYR A CZ  1 
ATOM   538  O  OH  . TYR A 1 83  ? -14.358 -12.362 -9.355  1.00 34.22 ? 83  TYR A OH  1 
ATOM   539  N  N   . ARG A 1 84  ? -15.935 -10.514 -1.141  1.00 13.49 ? 84  ARG A N   1 
ATOM   540  C  CA  . ARG A 1 84  ? -15.822 -10.657 0.312   1.00 14.82 ? 84  ARG A CA  1 
ATOM   541  C  C   . ARG A 1 84  ? -15.832 -9.278  0.961   1.00 12.74 ? 84  ARG A C   1 
ATOM   542  O  O   . ARG A 1 84  ? -15.451 -8.274  0.307   1.00 13.70 ? 84  ARG A O   1 
ATOM   543  C  CB  . ARG A 1 84  ? -14.496 -11.251 0.714   1.00 17.70 ? 84  ARG A CB  1 
ATOM   544  C  CG  . ARG A 1 84  ? -14.348 -12.710 0.255   1.00 24.21 ? 84  ARG A CG  1 
ATOM   545  C  CD  . ARG A 1 84  ? -13.177 -13.264 1.007   1.00 24.99 ? 84  ARG A CD  1 
ATOM   546  N  NE  . ARG A 1 84  ? -12.836 -14.595 0.507   1.00 21.98 ? 84  ARG A NE  1 
ATOM   547  C  CZ  . ARG A 1 84  ? -11.931 -15.332 1.008   1.00 22.30 ? 84  ARG A CZ  1 
ATOM   548  N  NH1 . ARG A 1 84  ? -11.569 -16.425 0.378   1.00 25.11 ? 84  ARG A NH1 1 
ATOM   549  N  NH2 . ARG A 1 84  ? -11.394 -15.034 2.190   1.00 21.74 ? 84  ARG A NH2 1 
ATOM   550  N  N   . ASN A 1 85  ? -16.167 -9.267  2.230   1.00 13.13 ? 85  ASN A N   1 
ATOM   551  C  CA  . ASN A 1 85  ? -16.065 -8.037  3.059   1.00 13.74 ? 85  ASN A CA  1 
ATOM   552  C  C   . ASN A 1 85  ? -15.532 -8.444  4.389   1.00 13.86 ? 85  ASN A C   1 
ATOM   553  O  O   . ASN A 1 85  ? -16.193 -9.083  5.217   1.00 14.55 ? 85  ASN A O   1 
ATOM   554  C  CB  . ASN A 1 85  ? -17.364 -7.323  3.178   1.00 12.04 ? 85  ASN A CB  1 
ATOM   555  C  CG  . ASN A 1 85  ? -17.222 -5.959  3.824   1.00 14.50 ? 85  ASN A CG  1 
ATOM   556  O  OD1 . ASN A 1 85  ? -16.131 -5.649  4.287   1.00 15.29 ? 85  ASN A OD1 1 
ATOM   557  N  ND2 . ASN A 1 85  ? -18.230 -5.181  3.785   1.00 15.01 ? 85  ASN A ND2 1 
ATOM   558  N  N   . ALA A 1 86  ? -14.247 -8.038  4.647   1.00 11.53 ? 86  ALA A N   1 
ATOM   559  C  CA  . ALA A 1 86  ? -13.497 -8.365  5.819   1.00 12.71 ? 86  ALA A CA  1 
ATOM   560  C  C   . ALA A 1 86  ? -13.643 -7.251  6.887   1.00 11.88 ? 86  ALA A C   1 
ATOM   561  O  O   . ALA A 1 86  ? -12.983 -7.326  7.910   1.00 13.36 ? 86  ALA A O   1 
ATOM   562  C  CB  . ALA A 1 86  ? -12.079 -8.699  5.513   1.00 13.95 ? 86  ALA A CB  1 
ATOM   563  N  N   . HIS A 1 87  ? -14.496 -6.293  6.611   1.00 11.84 ? 87  HIS A N   1 
ATOM   564  C  CA  . HIS A 1 87  ? -14.797 -5.220  7.572   1.00 12.79 ? 87  HIS A CA  1 
ATOM   565  C  C   . HIS A 1 87  ? -13.529 -4.653  8.211   1.00 11.64 ? 87  HIS A C   1 
ATOM   566  O  O   . HIS A 1 87  ? -13.410 -4.598  9.436   1.00 11.68 ? 87  HIS A O   1 
ATOM   567  C  CB  . HIS A 1 87  ? -15.731 -5.738  8.662   1.00 13.55 ? 87  HIS A CB  1 
ATOM   568  C  CG  . HIS A 1 87  ? -17.049 -6.212  8.132   1.00 13.79 ? 87  HIS A CG  1 
ATOM   569  N  ND1 . HIS A 1 87  ? -17.805 -5.494  7.241   1.00 13.63 ? 87  HIS A ND1 1 
ATOM   570  C  CD2 . HIS A 1 87  ? -17.668 -7.406  8.282   1.00 14.78 ? 87  HIS A CD2 1 
ATOM   571  C  CE1 . HIS A 1 87  ? -18.900 -6.190  6.935   1.00 14.65 ? 87  HIS A CE1 1 
ATOM   572  N  NE2 . HIS A 1 87  ? -18.833 -7.311  7.574   1.00 14.32 ? 87  HIS A NE2 1 
ATOM   573  N  N   . SER A 1 88  ? -12.683 -4.188  7.341   1.00 11.72 ? 88  SER A N   1 
ATOM   574  C  CA  . SER A 1 88  ? -11.346 -3.766  7.793   1.00 11.26 ? 88  SER A CA  1 
ATOM   575  C  C   . SER A 1 88  ? -10.701 -2.967  6.721   1.00 10.12 ? 88  SER A C   1 
ATOM   576  O  O   . SER A 1 88  ? -11.098 -2.988  5.554   1.00 10.67 ? 88  SER A O   1 
ATOM   577  C  CB  . SER A 1 88  ? -10.460 -4.956  8.202   1.00 11.02 ? 88  SER A CB  1 
ATOM   578  O  OG  . SER A 1 88  ? -10.414 -5.975  7.158   1.00 12.27 ? 88  SER A OG  1 
ATOM   579  N  N   . ALA A 1 89  ? -9.649  -2.213  7.096   1.00 9.61  ? 89  ALA A N   1 
ATOM   580  C  CA  . ALA A 1 89  ? -8.924  -1.401  6.161   1.00 9.25  ? 89  ALA A CA  1 
ATOM   581  C  C   . ALA A 1 89  ? -7.455  -1.442  6.543   1.00 9.69  ? 89  ALA A C   1 
ATOM   582  O  O   . ALA A 1 89  ? -7.170  -1.374  7.751   1.00 11.23 ? 89  ALA A O   1 
ATOM   583  C  CB  . ALA A 1 89  ? -9.448  0.018   6.099   1.00 10.03 ? 89  ALA A CB  1 
ATOM   584  N  N   . THR A 1 90  ? -6.575  -1.481  5.569   1.00 8.05  ? 90  THR A N   1 
ATOM   585  C  CA  . THR A 1 90  ? -5.140  -1.315  5.837   1.00 7.97  ? 90  THR A CA  1 
ATOM   586  C  C   . THR A 1 90  ? -4.646  -0.072  5.231   1.00 8.75  ? 90  THR A C   1 
ATOM   587  O  O   . THR A 1 90  ? -5.010  0.258   4.062   1.00 8.65  ? 90  THR A O   1 
ATOM   588  C  CB  . THR A 1 90  ? -4.353  -2.467  5.272   1.00 8.58  ? 90  THR A CB  1 
ATOM   589  O  OG1 . THR A 1 90  ? -4.893  -3.700  5.800   1.00 9.23  ? 90  THR A OG1 1 
ATOM   590  C  CG2 . THR A 1 90  ? -2.890  -2.441  5.524   1.00 9.59  ? 90  THR A CG2 1 
ATOM   591  N  N   . THR A 1 91  ? -3.766  0.619   5.902   1.00 7.89  ? 91  THR A N   1 
ATOM   592  C  CA  . THR A 1 91  ? -2.997  1.721   5.369   1.00 7.64  ? 91  THR A CA  1 
ATOM   593  C  C   . THR A 1 91  ? -1.532  1.392   5.413   1.00 8.39  ? 91  THR A C   1 
ATOM   594  O  O   . THR A 1 91  ? -1.050  0.935   6.412   1.00 10.04 ? 91  THR A O   1 
ATOM   595  C  CB  . THR A 1 91  ? -3.252  3.086   6.017   1.00 9.15  ? 91  THR A CB  1 
ATOM   596  O  OG1 . THR A 1 91  ? -2.840  3.028   7.382   1.00 9.67  ? 91  THR A OG1 1 
ATOM   597  C  CG2 . THR A 1 91  ? -4.682  3.471   6.017   1.00 9.88  ? 91  THR A CG2 1 
ATOM   598  N  N   . TRP A 1 92  ? -0.862  1.637   4.282   1.00 8.24  ? 92  TRP A N   1 
ATOM   599  C  CA  . TRP A 1 92  ? 0.587   1.533   4.209   1.00 6.95  ? 92  TRP A CA  1 
ATOM   600  C  C   . TRP A 1 92  ? 1.190   2.888   4.134   1.00 7.93  ? 92  TRP A C   1 
ATOM   601  O  O   . TRP A 1 92  ? 0.755   3.705   3.296   1.00 9.00  ? 92  TRP A O   1 
ATOM   602  C  CB  . TRP A 1 92  ? 0.957   0.769   2.896   1.00 7.05  ? 92  TRP A CB  1 
ATOM   603  C  CG  . TRP A 1 92  ? 0.640   -0.699  2.875   1.00 6.45  ? 92  TRP A CG  1 
ATOM   604  C  CD1 . TRP A 1 92  ? 1.564   -1.697  3.015   1.00 7.52  ? 92  TRP A CD1 1 
ATOM   605  C  CD2 . TRP A 1 92  ? -0.601  -1.333  2.586   1.00 7.88  ? 92  TRP A CD2 1 
ATOM   606  N  NE1 . TRP A 1 92  ? 0.943   -2.918  2.882   1.00 8.47  ? 92  TRP A NE1 1 
ATOM   607  C  CE2 . TRP A 1 92  ? -0.364  -2.686  2.577   1.00 7.92  ? 92  TRP A CE2 1 
ATOM   608  C  CE3 . TRP A 1 92  ? -1.876  -0.851  2.260   1.00 7.88  ? 92  TRP A CE3 1 
ATOM   609  C  CZ2 . TRP A 1 92  ? -1.417  -3.623  2.290   1.00 7.93  ? 92  TRP A CZ2 1 
ATOM   610  C  CZ3 . TRP A 1 92  ? -2.877  -1.758  1.976   1.00 8.76  ? 92  TRP A CZ3 1 
ATOM   611  C  CH2 . TRP A 1 92  ? -2.619  -3.073  1.956   1.00 9.45  ? 92  TRP A CH2 1 
ATOM   612  N  N   . SER A 1 93  ? 2.205   3.129   4.930   1.00 8.15  ? 93  SER A N   1 
ATOM   613  C  CA  . SER A 1 93  ? 2.972   4.388   4.970   1.00 8.09  ? 93  SER A CA  1 
ATOM   614  C  C   . SER A 1 93  ? 4.390   4.051   4.740   1.00 8.00  ? 93  SER A C   1 
ATOM   615  O  O   . SER A 1 93  ? 4.950   3.196   5.428   1.00 9.43  ? 93  SER A O   1 
ATOM   616  C  CB  . SER A 1 93  ? 2.709   5.025   6.326   1.00 8.20  ? 93  SER A CB  1 
ATOM   617  O  OG  . SER A 1 93  ? 3.364   6.289   6.380   1.00 10.84 ? 93  SER A OG  1 
ATOM   618  N  N   . GLY A 1 94  ? 5.053   4.765   3.798   1.00 9.48  ? 94  GLY A N   1 
ATOM   619  C  CA  . GLY A 1 94  ? 6.403   4.345   3.513   1.00 9.79  ? 94  GLY A CA  1 
ATOM   620  C  C   . GLY A 1 94  ? 7.145   5.265   2.563   1.00 9.71  ? 94  GLY A C   1 
ATOM   621  O  O   . GLY A 1 94  ? 6.763   6.445   2.421   1.00 9.96  ? 94  GLY A O   1 
ATOM   622  N  N   . GLN A 1 95  ? 8.217   4.688   2.007   1.00 10.45 ? 95  GLN A N   1 
ATOM   623  C  CA  . GLN A 1 95  ? 8.979   5.484   1.044   1.00 10.48 ? 95  GLN A CA  1 
ATOM   624  C  C   . GLN A 1 95  ? 9.414   4.591   -0.066  1.00 11.21 ? 95  GLN A C   1 
ATOM   625  O  O   . GLN A 1 95  ? 9.748   3.435   0.099   1.00 11.92 ? 95  GLN A O   1 
ATOM   626  C  CB  . GLN A 1 95  ? 10.103  6.281   1.626   1.00 13.23 ? 95  GLN A CB  1 
ATOM   627  C  CG  . GLN A 1 95  ? 11.124  5.468   2.334   1.00 14.02 ? 95  GLN A CG  1 
ATOM   628  C  CD  . GLN A 1 95  ? 12.204  6.358   2.996   1.00 14.76 ? 95  GLN A CD  1 
ATOM   629  O  OE1 . GLN A 1 95  ? 12.639  7.353   2.428   1.00 14.16 ? 95  GLN A OE1 1 
ATOM   630  N  NE2 . GLN A 1 95  ? 12.572  6.068   4.247   1.00 16.54 ? 95  GLN A NE2 1 
ATOM   631  N  N   . TYR A 1 96  ? 9.390   5.231   -1.256  1.00 11.73 ? 96  TYR A N   1 
ATOM   632  C  CA  . TYR A 1 96  ? 9.948   4.661   -2.516  1.00 11.63 ? 96  TYR A CA  1 
ATOM   633  C  C   . TYR A 1 96  ? 11.378  5.051   -2.614  1.00 10.79 ? 96  TYR A C   1 
ATOM   634  O  O   . TYR A 1 96  ? 11.772  6.199   -2.450  1.00 12.52 ? 96  TYR A O   1 
ATOM   635  C  CB  . TYR A 1 96  ? 9.165   5.170   -3.706  1.00 11.88 ? 96  TYR A CB  1 
ATOM   636  C  CG  . TYR A 1 96  ? 9.835   5.029   -5.060  1.00 12.71 ? 96  TYR A CG  1 
ATOM   637  C  CD1 . TYR A 1 96  ? 9.693   3.907   -5.778  1.00 15.33 ? 96  TYR A CD1 1 
ATOM   638  C  CD2 . TYR A 1 96  ? 10.611  6.024   -5.527  1.00 14.02 ? 96  TYR A CD2 1 
ATOM   639  C  CE1 . TYR A 1 96  ? 10.288  3.758   -7.042  1.00 16.33 ? 96  TYR A CE1 1 
ATOM   640  C  CE2 . TYR A 1 96  ? 11.170  5.888   -6.776  1.00 15.73 ? 96  TYR A CE2 1 
ATOM   641  C  CZ  . TYR A 1 96  ? 10.998  4.791   -7.445  1.00 14.69 ? 96  TYR A CZ  1 
ATOM   642  O  OH  . TYR A 1 96  ? 11.609  4.667   -8.736  1.00 20.11 ? 96  TYR A OH  1 
ATOM   643  N  N   . VAL A 1 97  ? 12.185  4.038   -2.911  1.00 13.89 ? 97  VAL A N   1 
ATOM   644  C  CA  . VAL A 1 97  ? 13.648  4.191   -3.109  1.00 15.41 ? 97  VAL A CA  1 
ATOM   645  C  C   . VAL A 1 97  ? 13.941  3.642   -4.513  1.00 16.57 ? 97  VAL A C   1 
ATOM   646  O  O   . VAL A 1 97  ? 13.685  2.457   -4.816  1.00 17.10 ? 97  VAL A O   1 
ATOM   647  C  CB  . VAL A 1 97  ? 14.387  3.391   -2.032  1.00 18.74 ? 97  VAL A CB  1 
ATOM   648  C  CG1 . VAL A 1 97  ? 15.878  3.613   -2.251  1.00 23.47 ? 97  VAL A CG1 1 
ATOM   649  C  CG2 . VAL A 1 97  ? 13.954  3.802   -0.636  1.00 23.98 ? 97  VAL A CG2 1 
ATOM   650  N  N   . GLY A 1 98  ? 14.452  4.531   -5.344  1.00 21.06 ? 98  GLY A N   1 
ATOM   651  C  CA  . GLY A 1 98  ? 14.595  4.155   -6.785  1.00 25.11 ? 98  GLY A CA  1 
ATOM   652  C  C   . GLY A 1 98  ? 15.915  3.405   -7.033  1.00 30.01 ? 98  GLY A C   1 
ATOM   653  O  O   . GLY A 1 98  ? 16.663  3.143   -6.102  1.00 28.80 ? 98  GLY A O   1 
ATOM   654  N  N   . GLY A 1 99  ? 16.158  3.041   -8.291  1.00 32.62 ? 99  GLY A N   1 
ATOM   655  C  CA  . GLY A 1 99  ? 17.442  2.452   -8.709  1.00 33.55 ? 99  GLY A CA  1 
ATOM   656  C  C   . GLY A 1 99  ? 17.262  1.010   -9.095  1.00 34.59 ? 99  GLY A C   1 
ATOM   657  O  O   . GLY A 1 99  ? 16.124  0.535   -9.259  1.00 36.12 ? 99  GLY A O   1 
ATOM   658  N  N   . ALA A 1 100 ? 18.365  0.278   -9.272  1.00 35.98 ? 100 ALA A N   1 
ATOM   659  C  CA  . ALA A 1 100 ? 18.301  -0.988  -9.994  1.00 35.54 ? 100 ALA A CA  1 
ATOM   660  C  C   . ALA A 1 100 ? 17.487  -2.030  -9.266  1.00 42.76 ? 100 ALA A C   1 
ATOM   661  O  O   . ALA A 1 100 ? 16.819  -2.874  -9.925  1.00 44.09 ? 100 ALA A O   1 
ATOM   662  C  CB  . ALA A 1 100 ? 19.736  -1.496  -10.263 1.00 42.11 ? 100 ALA A CB  1 
ATOM   663  N  N   . GLN A 1 101 ? 17.524  -1.942  -7.918  1.00 31.33 ? 101 GLN A N   1 
ATOM   664  C  CA  . GLN A 1 101 ? 16.754  -2.781  -7.071  1.00 33.82 ? 101 GLN A CA  1 
ATOM   665  C  C   . GLN A 1 101 ? 15.744  -1.798  -6.373  1.00 26.18 ? 101 GLN A C   1 
ATOM   666  O  O   . GLN A 1 101 ? 15.796  -1.662  -5.134  1.00 28.71 ? 101 GLN A O   1 
ATOM   667  C  CB  . GLN A 1 101 ? 17.641  -3.490  -6.001  1.00 41.72 ? 101 GLN A CB  1 
ATOM   668  C  CG  . GLN A 1 101 ? 19.041  -3.984  -6.411  1.00 51.15 ? 101 GLN A CG  1 
ATOM   669  C  CD  . GLN A 1 101 ? 18.968  -5.230  -7.281  1.00 60.52 ? 101 GLN A CD  1 
ATOM   670  O  OE1 . GLN A 1 101 ? 18.438  -6.270  -6.856  1.00 70.55 ? 101 GLN A OE1 1 
ATOM   671  N  NE2 . GLN A 1 101 ? 19.487  -5.128  -8.515  1.00 65.10 ? 101 GLN A NE2 1 
ATOM   672  N  N   . ALA A 1 102 ? 14.888  -1.144  -7.149  1.00 23.00 ? 102 ALA A N   1 
ATOM   673  C  CA  . ALA A 1 102 ? 13.879  -0.284  -6.521  1.00 18.03 ? 102 ALA A CA  1 
ATOM   674  C  C   . ALA A 1 102 ? 13.061  -1.013  -5.514  1.00 16.84 ? 102 ALA A C   1 
ATOM   675  O  O   . ALA A 1 102 ? 12.756  -2.172  -5.621  1.00 18.82 ? 102 ALA A O   1 
ATOM   676  C  CB  . ALA A 1 102 ? 13.012  0.332   -7.605  1.00 21.25 ? 102 ALA A CB  1 
ATOM   677  N  N   . ARG A 1 103 ? 12.640  -0.247  -4.484  1.00 14.84 ? 103 ARG A N   1 
ATOM   678  C  CA  . ARG A 1 103 ? 11.820  -0.801  -3.436  1.00 15.01 ? 103 ARG A CA  1 
ATOM   679  C  C   . ARG A 1 103 ? 10.855  0.236   -2.894  1.00 12.54 ? 103 ARG A C   1 
ATOM   680  O  O   . ARG A 1 103 ? 11.092  1.423   -2.997  1.00 13.98 ? 103 ARG A O   1 
ATOM   681  C  CB  . ARG A 1 103 ? 12.736  -1.168  -2.293  1.00 19.39 ? 103 ARG A CB  1 
ATOM   682  C  CG  . ARG A 1 103 ? 13.578  -2.425  -2.567  0.50 22.47 ? 103 ARG A CG  1 
ATOM   683  C  CD  . ARG A 1 103 ? 14.115  -3.010  -1.269  0.50 27.90 ? 103 ARG A CD  1 
ATOM   684  N  NE  . ARG A 1 103 ? 14.516  -4.441  -1.276  0.50 25.08 ? 103 ARG A NE  1 
ATOM   685  C  CZ  . ARG A 1 103 ? 14.793  -5.209  -2.333  0.50 29.45 ? 103 ARG A CZ  1 
ATOM   686  N  NH1 . ARG A 1 103 ? 15.171  -6.453  -2.107  0.50 30.04 ? 103 ARG A NH1 1 
ATOM   687  N  NH2 . ARG A 1 103 ? 14.710  -4.787  -3.587  0.50 27.66 ? 103 ARG A NH2 1 
ATOM   688  N  N   . ILE A 1 104 ? 9.743   -0.288  -2.399  1.00 11.68 ? 104 ILE A N   1 
ATOM   689  C  CA  . ILE A 1 104 ? 8.843   0.543   -1.555  1.00 11.50 ? 104 ILE A CA  1 
ATOM   690  C  C   . ILE A 1 104 ? 8.954   -0.108  -0.181  1.00 11.28 ? 104 ILE A C   1 
ATOM   691  O  O   . ILE A 1 104 ? 8.433   -1.244  0.003   1.00 12.03 ? 104 ILE A O   1 
ATOM   692  C  CB  . ILE A 1 104 ? 7.480   0.638   -2.108  1.00 11.85 ? 104 ILE A CB  1 
ATOM   693  C  CG1 . ILE A 1 104 ? 7.497   1.299   -3.484  1.00 14.78 ? 104 ILE A CG1 1 
ATOM   694  C  CG2 . ILE A 1 104 ? 6.599   1.514   -1.166  1.00 13.49 ? 104 ILE A CG2 1 
ATOM   695  C  CD1 . ILE A 1 104 ? 6.175   1.310   -4.232  1.00 15.21 ? 104 ILE A CD1 1 
ATOM   696  N  N   . ASN A 1 105 ? 9.438   0.603   0.808   1.00 10.88 ? 105 ASN A N   1 
ATOM   697  C  CA  . ASN A 1 105 ? 9.572   0.097   2.196   1.00 11.53 ? 105 ASN A CA  1 
ATOM   698  C  C   . ASN A 1 105 ? 8.440   0.726   3.007   1.00 11.45 ? 105 ASN A C   1 
ATOM   699  O  O   . ASN A 1 105 ? 8.313   1.927   3.026   1.00 11.25 ? 105 ASN A O   1 
ATOM   700  C  CB  . ASN A 1 105 ? 10.916  0.480   2.768   1.00 13.30 ? 105 ASN A CB  1 
ATOM   701  C  CG  . ASN A 1 105 ? 12.065  -0.207  2.028   1.00 16.67 ? 105 ASN A CG  1 
ATOM   702  O  OD1 . ASN A 1 105 ? 11.905  -1.384  1.713   1.00 20.85 ? 105 ASN A OD1 1 
ATOM   703  N  ND2 . ASN A 1 105 ? 13.053  0.563   1.652   1.00 19.03 ? 105 ASN A ND2 1 
ATOM   704  N  N   . THR A 1 106 ? 7.579   -0.096  3.576   1.00 9.01  ? 106 THR A N   1 
ATOM   705  C  CA  . THR A 1 106 ? 6.405   0.359   4.290   1.00 9.25  ? 106 THR A CA  1 
ATOM   706  C  C   . THR A 1 106 ? 6.245   -0.243  5.654   1.00 9.29  ? 106 THR A C   1 
ATOM   707  O  O   . THR A 1 106 ? 6.749   -1.300  5.994   1.00 9.09  ? 106 THR A O   1 
ATOM   708  C  CB  . THR A 1 106 ? 5.105   0.018   3.550   1.00 9.06  ? 106 THR A CB  1 
ATOM   709  O  OG1 . THR A 1 106 ? 4.826   -1.363  3.627   1.00 9.88  ? 106 THR A OG1 1 
ATOM   710  C  CG2 . THR A 1 106 ? 5.149   0.479   2.118   1.00 10.56 ? 106 THR A CG2 1 
ATOM   711  N  N   . GLN A 1 107 ? 5.497   0.503   6.459   1.00 7.62  ? 107 GLN A N   1 
ATOM   712  C  CA  . GLN A 1 107 ? 4.846   -0.046  7.634   1.00 9.24  ? 107 GLN A CA  1 
ATOM   713  C  C   . GLN A 1 107 ? 3.333   0.151   7.435   1.00 7.81  ? 107 GLN A C   1 
ATOM   714  O  O   . GLN A 1 107 ? 2.908   1.009   6.647   1.00 8.93  ? 107 GLN A O   1 
ATOM   715  C  CB  . GLN A 1 107 ? 5.315   0.705   8.895   1.00 9.96  ? 107 GLN A CB  1 
ATOM   716  C  CG  A GLN A 1 107 ? 6.825   0.185   9.128   0.50 7.93  ? 107 GLN A CG  1 
ATOM   717  C  CG  B GLN A 1 107 ? 6.796   0.743   9.186   0.50 14.11 ? 107 GLN A CG  1 
ATOM   718  C  CD  A GLN A 1 107 ? 7.416   0.809   10.365  0.50 6.30  ? 107 GLN A CD  1 
ATOM   719  C  CD  B GLN A 1 107 ? 7.036   -0.077  10.383  0.50 17.96 ? 107 GLN A CD  1 
ATOM   720  O  OE1 A GLN A 1 107 ? 7.257   0.270   11.409  0.50 9.26  ? 107 GLN A OE1 1 
ATOM   721  O  OE1 B GLN A 1 107 ? 6.221   -0.906  10.806  0.50 19.29 ? 107 GLN A OE1 1 
ATOM   722  N  NE2 A GLN A 1 107 ? 8.008   2.000   10.277  0.50 5.43  ? 107 GLN A NE2 1 
ATOM   723  N  NE2 B GLN A 1 107 ? 8.094   0.107   10.935  0.50 18.19 ? 107 GLN A NE2 1 
ATOM   724  N  N   . TRP A 1 108 ? 2.536   -0.726  8.051   1.00 7.36  ? 108 TRP A N   1 
ATOM   725  C  CA  . TRP A 1 108 ? 1.103   -0.688  7.855   1.00 8.28  ? 108 TRP A CA  1 
ATOM   726  C  C   . TRP A 1 108 ? 0.334   -0.852  9.101   1.00 7.83  ? 108 TRP A C   1 
ATOM   727  O  O   . TRP A 1 108 ? 0.812   -1.417  10.089  1.00 7.81  ? 108 TRP A O   1 
ATOM   728  C  CB  . TRP A 1 108 ? 0.667   -1.698  6.762   1.00 7.58  ? 108 TRP A CB  1 
ATOM   729  C  CG  . TRP A 1 108 ? 1.097   -3.106  6.994   1.00 7.92  ? 108 TRP A CG  1 
ATOM   730  C  CD1 . TRP A 1 108 ? 2.095   -3.773  6.302   1.00 9.28  ? 108 TRP A CD1 1 
ATOM   731  C  CD2 . TRP A 1 108 ? 0.504   -4.100  7.842   1.00 8.19  ? 108 TRP A CD2 1 
ATOM   732  N  NE1 . TRP A 1 108 ? 2.166   -5.085  6.712   1.00 8.83  ? 108 TRP A NE1 1 
ATOM   733  C  CE2 . TRP A 1 108 ? 1.230   -5.308  7.688   1.00 9.26  ? 108 TRP A CE2 1 
ATOM   734  C  CE3 . TRP A 1 108 ? -0.522  -4.064  8.789   1.00 8.70  ? 108 TRP A CE3 1 
ATOM   735  C  CZ2 . TRP A 1 108 ? 0.878   -6.448  8.356   1.00 9.93  ? 108 TRP A CZ2 1 
ATOM   736  C  CZ3 . TRP A 1 108 ? -0.837  -5.225  9.477   1.00 8.79  ? 108 TRP A CZ3 1 
ATOM   737  C  CH2 . TRP A 1 108 ? -0.104  -6.355  9.324   1.00 9.36  ? 108 TRP A CH2 1 
ATOM   738  N  N   . LEU A 1 109 ? -0.896  -0.349  9.030   1.00 8.00  ? 109 LEU A N   1 
ATOM   739  C  CA  . LEU A 1 109 ? -1.890  -0.471  10.133  1.00 8.28  ? 109 LEU A CA  1 
ATOM   740  C  C   . LEU A 1 109 ? -3.159  -1.050  9.555   1.00 8.97  ? 109 LEU A C   1 
ATOM   741  O  O   . LEU A 1 109 ? -3.725  -0.475  8.609   1.00 9.77  ? 109 LEU A O   1 
ATOM   742  C  CB  . LEU A 1 109 ? -2.245  0.867   10.769  1.00 8.41  ? 109 LEU A CB  1 
ATOM   743  C  CG  . LEU A 1 109 ? -1.125  1.621   11.481  1.00 8.95  ? 109 LEU A CG  1 
ATOM   744  C  CD1 . LEU A 1 109 ? -1.564  3.028   11.728  1.00 10.82 ? 109 LEU A CD1 1 
ATOM   745  C  CD2 . LEU A 1 109 ? -0.682  0.883   12.648  1.00 10.39 ? 109 LEU A CD2 1 
ATOM   746  N  N   . LEU A 1 110 ? -3.603  -2.166  10.074  1.00 8.19  ? 110 LEU A N   1 
ATOM   747  C  CA  . LEU A 1 110 ? -4.826  -2.876  9.630   1.00 8.60  ? 110 LEU A CA  1 
ATOM   748  C  C   . LEU A 1 110 ? -5.847  -2.742  10.761  1.00 9.51  ? 110 LEU A C   1 
ATOM   749  O  O   . LEU A 1 110 ? -5.670  -3.345  11.828  1.00 10.40 ? 110 LEU A O   1 
ATOM   750  C  CB  . LEU A 1 110 ? -4.496  -4.297  9.256   1.00 10.87 ? 110 LEU A CB  1 
ATOM   751  C  CG  . LEU A 1 110 ? -5.634  -5.292  9.007   1.00 13.42 ? 110 LEU A CG  1 
ATOM   752  C  CD1 . LEU A 1 110 ? -4.985  -6.553  8.542   1.00 13.85 ? 110 LEU A CD1 1 
ATOM   753  C  CD2 . LEU A 1 110 ? -6.832  -5.497  9.958   1.00 20.13 ? 110 LEU A CD2 1 
ATOM   754  N  N   . THR A 1 111 ? -6.867  -1.946  10.543  1.00 9.04  ? 111 THR A N   1 
ATOM   755  C  CA  . THR A 1 111 ? -7.924  -1.764  11.532  1.00 9.21  ? 111 THR A CA  1 
ATOM   756  C  C   . THR A 1 111 ? -9.154  -2.548  11.154  1.00 9.79  ? 111 THR A C   1 
ATOM   757  O  O   . THR A 1 111 ? -9.614  -2.385  9.998   1.00 9.53  ? 111 THR A O   1 
ATOM   758  C  CB  . THR A 1 111 ? -8.283  -0.321  11.738  1.00 10.68 ? 111 THR A CB  1 
ATOM   759  O  OG1 . THR A 1 111 ? -7.118  0.455   12.062  1.00 11.06 ? 111 THR A OG1 1 
ATOM   760  C  CG2 . THR A 1 111 ? -9.299  -0.184  12.932  1.00 11.85 ? 111 THR A CG2 1 
ATOM   761  N  N   . SER A 1 112 ? -9.709  -3.327  12.082  1.00 9.85  ? 112 SER A N   1 
ATOM   762  C  CA  . SER A 1 112 ? -11.016 -4.017  11.912  1.00 11.06 ? 112 SER A CA  1 
ATOM   763  C  C   . SER A 1 112 ? -12.059 -3.177  12.547  1.00 12.18 ? 112 SER A C   1 
ATOM   764  O  O   . SER A 1 112 ? -11.822 -2.620  13.639  1.00 13.29 ? 112 SER A O   1 
ATOM   765  C  CB  . SER A 1 112 ? -10.953 -5.337  12.490  1.00 14.40 ? 112 SER A CB  1 
ATOM   766  O  OG  . SER A 1 112 ? -10.153 -6.171  11.711  1.00 18.42 ? 112 SER A OG  1 
ATOM   767  N  N   . GLY A 1 113 ? -13.282 -3.202  11.997  1.00 13.59 ? 113 GLY A N   1 
ATOM   768  C  CA  . GLY A 1 113 ? -14.408 -2.678  12.762  1.00 13.69 ? 113 GLY A CA  1 
ATOM   769  C  C   . GLY A 1 113 ? -14.691 -3.558  13.940  1.00 14.27 ? 113 GLY A C   1 
ATOM   770  O  O   . GLY A 1 113 ? -14.773 -4.776  13.830  1.00 17.51 ? 113 GLY A O   1 
ATOM   771  N  N   . THR A 1 114 ? -14.862 -2.969  15.108  1.00 13.60 ? 114 THR A N   1 
ATOM   772  C  CA  . THR A 1 114 ? -15.035 -3.737  16.344  1.00 14.38 ? 114 THR A CA  1 
ATOM   773  C  C   . THR A 1 114 ? -16.179 -3.065  17.143  1.00 15.16 ? 114 THR A C   1 
ATOM   774  O  O   . THR A 1 114 ? -16.514 -1.912  16.948  1.00 15.17 ? 114 THR A O   1 
ATOM   775  C  CB  . THR A 1 114 ? -13.831 -3.774  17.289  1.00 13.43 ? 114 THR A CB  1 
ATOM   776  O  OG1 . THR A 1 114 ? -13.538 -2.502  17.779  1.00 15.05 ? 114 THR A OG1 1 
ATOM   777  C  CG2 . THR A 1 114 ? -12.616 -4.359  16.536  1.00 16.74 ? 114 THR A CG2 1 
ATOM   778  N  N   . THR A 1 115 ? -16.665 -3.856  18.121  1.00 16.45 ? 115 THR A N   1 
ATOM   779  C  CA  . THR A 1 115 ? -17.431 -3.191  19.177  1.00 17.76 ? 115 THR A CA  1 
ATOM   780  C  C   . THR A 1 115 ? -16.554 -2.329  20.059  1.00 18.95 ? 115 THR A C   1 
ATOM   781  O  O   . THR A 1 115 ? -15.322 -2.396  20.014  1.00 17.47 ? 115 THR A O   1 
ATOM   782  C  CB  . THR A 1 115 ? -18.140 -4.240  20.081  1.00 20.04 ? 115 THR A CB  1 
ATOM   783  O  OG1 . THR A 1 115 ? -17.135 -4.996  20.733  1.00 24.03 ? 115 THR A OG1 1 
ATOM   784  C  CG2 . THR A 1 115 ? -18.977 -5.156  19.225  1.00 21.22 ? 115 THR A CG2 1 
ATOM   785  N  N   . GLU A 1 116 ? -17.129 -1.442  20.866  1.00 20.26 ? 116 GLU A N   1 
ATOM   786  C  CA  . GLU A 1 116 ? -16.348 -0.552  21.697  1.00 20.59 ? 116 GLU A CA  1 
ATOM   787  C  C   . GLU A 1 116 ? -15.558 -1.406  22.705  1.00 19.50 ? 116 GLU A C   1 
ATOM   788  O  O   . GLU A 1 116 ? -14.409 -1.086  22.968  1.00 20.53 ? 116 GLU A O   1 
ATOM   789  C  CB  . GLU A 1 116 ? -17.176 0.567   22.445  1.00 25.58 ? 116 GLU A CB  1 
ATOM   790  C  CG  . GLU A 1 116 ? -17.668 1.619   21.441  0.50 26.44 ? 116 GLU A CG  1 
ATOM   791  C  CD  . GLU A 1 116 ? -18.486 2.783   22.002  0.50 31.22 ? 116 GLU A CD  1 
ATOM   792  O  OE1 . GLU A 1 116 ? -19.439 3.202   21.313  0.50 32.41 ? 116 GLU A OE1 1 
ATOM   793  O  OE2 . GLU A 1 116 ? -18.153 3.306   23.078  0.50 36.13 ? 116 GLU A OE2 1 
ATOM   794  N  N   . ALA A 1 117 ? -16.133 -2.473  23.218  1.00 21.35 ? 117 ALA A N   1 
ATOM   795  C  CA  . ALA A 1 117 ? -15.486 -3.402  24.180  1.00 25.13 ? 117 ALA A CA  1 
ATOM   796  C  C   . ALA A 1 117 ? -14.240 -4.037  23.624  1.00 24.16 ? 117 ALA A C   1 
ATOM   797  O  O   . ALA A 1 117 ? -13.330 -4.335  24.384  1.00 24.47 ? 117 ALA A O   1 
ATOM   798  C  CB  . ALA A 1 117 ? -16.468 -4.511  24.637  1.00 28.46 ? 117 ALA A CB  1 
ATOM   799  N  N   . ASN A 1 118 ? -14.202 -4.262  22.312  1.00 18.14 ? 118 ASN A N   1 
ATOM   800  C  CA  . ASN A 1 118 ? -13.045 -4.929  21.660  1.00 18.07 ? 118 ASN A CA  1 
ATOM   801  C  C   . ASN A 1 118 ? -12.083 -3.924  20.942  1.00 15.29 ? 118 ASN A C   1 
ATOM   802  O  O   . ASN A 1 118 ? -11.179 -4.410  20.278  1.00 14.65 ? 118 ASN A O   1 
ATOM   803  C  CB  . ASN A 1 118 ? -13.439 -6.057  20.760  1.00 18.29 ? 118 ASN A CB  1 
ATOM   804  C  CG  . ASN A 1 118 ? -14.247 -7.112  21.521  1.00 23.39 ? 118 ASN A CG  1 
ATOM   805  O  OD1 . ASN A 1 118 ? -13.920 -7.428  22.642  1.00 24.26 ? 118 ASN A OD1 1 
ATOM   806  N  ND2 . ASN A 1 118 ? -15.245 -7.614  20.920  1.00 26.93 ? 118 ASN A ND2 1 
ATOM   807  N  N   . ALA A 1 119 ? -12.359 -2.674  20.994  1.00 13.31 ? 119 ALA A N   1 
ATOM   808  C  CA  . ALA A 1 119 ? -11.653 -1.672  20.222  1.00 13.76 ? 119 ALA A CA  1 
ATOM   809  C  C   . ALA A 1 119 ? -10.186 -1.625  20.589  1.00 13.10 ? 119 ALA A C   1 
ATOM   810  O  O   . ALA A 1 119 ? -9.336  -1.277  19.753  1.00 13.25 ? 119 ALA A O   1 
ATOM   811  C  CB  . ALA A 1 119 ? -12.294 -0.271  20.310  1.00 14.43 ? 119 ALA A CB  1 
ATOM   812  N  N   . TRP A 1 120 ? -9.818  -1.954  21.794  1.00 13.02 ? 120 TRP A N   1 
ATOM   813  C  CA  . TRP A 1 120 ? -8.391  -2.010  22.176  1.00 12.31 ? 120 TRP A CA  1 
ATOM   814  C  C   . TRP A 1 120 ? -7.603  -2.959  21.300  1.00 12.26 ? 120 TRP A C   1 
ATOM   815  O  O   . TRP A 1 120 ? -6.392  -2.788  21.139  1.00 12.65 ? 120 TRP A O   1 
ATOM   816  C  CB  . TRP A 1 120 ? -8.218  -2.416  23.679  1.00 13.48 ? 120 TRP A CB  1 
ATOM   817  C  CG  . TRP A 1 120 ? -8.627  -3.801  24.003  1.00 12.41 ? 120 TRP A CG  1 
ATOM   818  C  CD1 . TRP A 1 120 ? -9.876  -4.278  24.325  1.00 14.19 ? 120 TRP A CD1 1 
ATOM   819  C  CD2 . TRP A 1 120 ? -7.810  -4.940  23.931  1.00 11.40 ? 120 TRP A CD2 1 
ATOM   820  N  NE1 . TRP A 1 120 ? -9.858  -5.537  24.438  1.00 14.18 ? 120 TRP A NE1 1 
ATOM   821  C  CE2 . TRP A 1 120 ? -8.619  -6.055  24.234  1.00 14.36 ? 120 TRP A CE2 1 
ATOM   822  C  CE3 . TRP A 1 120 ? -6.450  -5.140  23.634  1.00 12.78 ? 120 TRP A CE3 1 
ATOM   823  C  CZ2 . TRP A 1 120 ? -8.111  -7.347  24.242  1.00 15.04 ? 120 TRP A CZ2 1 
ATOM   824  C  CZ3 . TRP A 1 120 ? -5.976  -6.393  23.688  1.00 14.63 ? 120 TRP A CZ3 1 
ATOM   825  C  CH2 . TRP A 1 120 ? -6.792  -7.499  23.952  1.00 15.62 ? 120 TRP A CH2 1 
ATOM   826  N  N   . ALA A 1 121 ? -8.279  -3.966  20.739  1.00 11.08 ? 121 ALA A N   1 
ATOM   827  C  CA  . ALA A 1 121 ? -7.662  -5.000  19.911  1.00 11.24 ? 121 ALA A CA  1 
ATOM   828  C  C   . ALA A 1 121 ? -8.012  -4.822  18.414  1.00 10.96 ? 121 ALA A C   1 
ATOM   829  O  O   . ALA A 1 121 ? -7.987  -5.866  17.660  1.00 13.62 ? 121 ALA A O   1 
ATOM   830  C  CB  . ALA A 1 121 ? -8.074  -6.392  20.420  1.00 13.05 ? 121 ALA A CB  1 
ATOM   831  N  N   . SER A 1 122 ? -8.340  -3.625  17.993  1.00 11.16 ? 122 SER A N   1 
ATOM   832  C  CA  . SER A 1 122 ? -8.783  -3.397  16.645  1.00 11.22 ? 122 SER A CA  1 
ATOM   833  C  C   . SER A 1 122 ? -7.703  -3.380  15.580  1.00 10.58 ? 122 SER A C   1 
ATOM   834  O  O   . SER A 1 122 ? -8.032  -3.500  14.379  1.00 9.90  ? 122 SER A O   1 
ATOM   835  C  CB  . SER A 1 122 ? -9.525  -2.063  16.534  1.00 15.84 ? 122 SER A CB  1 
ATOM   836  O  OG  . SER A 1 122 ? -10.561 -2.042  17.395  1.00 39.92 ? 122 SER A OG  1 
ATOM   837  N  N   . THR A 1 123 ? -6.416  -3.134  15.935  1.00 10.02 ? 123 THR A N   1 
ATOM   838  C  CA  . THR A 1 123 ? -5.458  -2.704  14.984  1.00 8.47  ? 123 THR A CA  1 
ATOM   839  C  C   . THR A 1 123 ? -4.178  -3.502  14.975  1.00 8.11  ? 123 THR A C   1 
ATOM   840  O  O   . THR A 1 123 ? -3.487  -3.588  16.013  1.00 10.40 ? 123 THR A O   1 
ATOM   841  C  CB  . THR A 1 123 ? -5.065  -1.257  15.186  1.00 8.83  ? 123 THR A CB  1 
ATOM   842  O  OG1 . THR A 1 123 ? -6.278  -0.447  15.278  1.00 12.68 ? 123 THR A OG1 1 
ATOM   843  C  CG2 . THR A 1 123 ? -4.259  -0.705  13.953  1.00 10.41 ? 123 THR A CG2 1 
ATOM   844  N  N   . LEU A 1 124 ? -3.906  -4.191  13.877  1.00 8.68  ? 124 LEU A N   1 
ATOM   845  C  CA  . LEU A 1 124 ? -2.634  -4.887  13.597  1.00 9.48  ? 124 LEU A CA  1 
ATOM   846  C  C   . LEU A 1 124 ? -1.647  -3.912  13.015  1.00 8.88  ? 124 LEU A C   1 
ATOM   847  O  O   . LEU A 1 124 ? -2.026  -3.013  12.236  1.00 9.22  ? 124 LEU A O   1 
ATOM   848  C  CB  . LEU A 1 124 ? -2.818  -6.047  12.681  1.00 9.72  ? 124 LEU A CB  1 
ATOM   849  C  CG  . LEU A 1 124 ? -3.603  -7.205  13.260  1.00 12.16 ? 124 LEU A CG  1 
ATOM   850  C  CD1 . LEU A 1 124 ? -4.068  -8.148  12.177  1.00 14.73 ? 124 LEU A CD1 1 
ATOM   851  C  CD2 . LEU A 1 124 ? -2.813  -7.988  14.326  1.00 14.74 ? 124 LEU A CD2 1 
ATOM   852  N  N   . VAL A 1 125 ? -0.382  -4.132  13.310  1.00 9.09  ? 125 VAL A N   1 
ATOM   853  C  CA  . VAL A 1 125 ? 0.718   -3.374  12.717  1.00 8.99  ? 125 VAL A CA  1 
ATOM   854  C  C   . VAL A 1 125 ? 1.699   -4.397  12.145  1.00 8.57  ? 125 VAL A C   1 
ATOM   855  O  O   . VAL A 1 125 ? 2.035   -5.405  12.712  1.00 9.62  ? 125 VAL A O   1 
ATOM   856  C  CB  . VAL A 1 125 ? 1.415   -2.452  13.719  1.00 9.18  ? 125 VAL A CB  1 
ATOM   857  C  CG1 . VAL A 1 125 ? 2.027   -3.179  14.926  1.00 10.81 ? 125 VAL A CG1 1 
ATOM   858  C  CG2 . VAL A 1 125 ? 2.481   -1.570  13.067  1.00 10.11 ? 125 VAL A CG2 1 
ATOM   859  N  N   . GLY A 1 126 ? 2.306   -3.937  11.012  1.00 7.71  ? 126 GLY A N   1 
ATOM   860  C  CA  . GLY A 1 126 ? 3.319   -4.732  10.383  1.00 9.27  ? 126 GLY A CA  1 
ATOM   861  C  C   . GLY A 1 126 ? 4.077   -3.951  9.387   1.00 8.73  ? 126 GLY A C   1 
ATOM   862  O  O   . GLY A 1 126 ? 4.067   -2.733  9.338   1.00 8.99  ? 126 GLY A O   1 
ATOM   863  N  N   . HIS A 1 127 ? 4.926   -4.669  8.610   1.00 9.72  ? 127 HIS A N   1 
ATOM   864  C  CA  . HIS A 1 127 ? 5.815   -4.018  7.652   1.00 9.30  ? 127 HIS A CA  1 
ATOM   865  C  C   . HIS A 1 127 ? 5.878   -4.869  6.387   1.00 10.12 ? 127 HIS A C   1 
ATOM   866  O  O   . HIS A 1 127 ? 6.142   -6.073  6.494   1.00 11.26 ? 127 HIS A O   1 
ATOM   867  C  CB  . HIS A 1 127 ? 7.183   -3.762  8.248   1.00 10.27 ? 127 HIS A CB  1 
ATOM   868  C  CG  . HIS A 1 127 ? 7.770   -4.906  8.957   1.00 12.10 ? 127 HIS A CG  1 
ATOM   869  N  ND1 . HIS A 1 127 ? 8.656   -5.803  8.393   1.00 14.47 ? 127 HIS A ND1 1 
ATOM   870  C  CD2 . HIS A 1 127 ? 7.565   -5.344  10.198  1.00 12.90 ? 127 HIS A CD2 1 
ATOM   871  C  CE1 . HIS A 1 127 ? 8.967   -6.726  9.291   1.00 13.64 ? 127 HIS A CE1 1 
ATOM   872  N  NE2 . HIS A 1 127 ? 8.311   -6.490  10.384  1.00 17.53 ? 127 HIS A NE2 1 
ATOM   873  N  N   . ASP A 1 128 ? 5.804   -4.213  5.254   1.00 9.25  ? 128 ASP A N   1 
ATOM   874  C  CA  . ASP A 1 128 ? 5.897   -4.880  3.924   1.00 9.52  ? 128 ASP A CA  1 
ATOM   875  C  C   . ASP A 1 128 ? 6.930   -4.152  3.144   1.00 9.51  ? 128 ASP A C   1 
ATOM   876  O  O   . ASP A 1 128 ? 7.052   -2.932  3.049   1.00 10.43 ? 128 ASP A O   1 
ATOM   877  C  CB  . ASP A 1 128 ? 4.538   -4.809  3.207   1.00 9.65  ? 128 ASP A CB  1 
ATOM   878  C  CG  . ASP A 1 128 ? 3.435   -5.725  3.703   1.00 8.66  ? 128 ASP A CG  1 
ATOM   879  O  OD1 . ASP A 1 128 ? 3.679   -6.520  4.606   1.00 11.72 ? 128 ASP A OD1 1 
ATOM   880  O  OD2 . ASP A 1 128 ? 2.349   -5.447  3.205   1.00 10.01 ? 128 ASP A OD2 1 
ATOM   881  N  N   . THR A 1 129 ? 7.740   -4.929  2.418   1.00 10.67 ? 129 THR A N   1 
ATOM   882  C  CA  . THR A 1 129 ? 8.695   -4.415  1.447   1.00 11.19 ? 129 THR A CA  1 
ATOM   883  C  C   . THR A 1 129 ? 8.271   -4.904  0.050   1.00 10.56 ? 129 THR A C   1 
ATOM   884  O  O   . THR A 1 129 ? 8.037   -6.092  -0.127  1.00 11.80 ? 129 THR A O   1 
ATOM   885  C  CB  . THR A 1 129 ? 10.075  -4.921  1.687   1.00 15.66 ? 129 THR A CB  1 
ATOM   886  O  OG1 . THR A 1 129 ? 10.505  -4.393  2.922   1.00 22.82 ? 129 THR A OG1 1 
ATOM   887  C  CG2 . THR A 1 129 ? 10.963  -4.234  0.687   1.00 14.45 ? 129 THR A CG2 1 
ATOM   888  N  N   . PHE A 1 130 ? 8.117   -3.964  -0.836  1.00 10.41 ? 130 PHE A N   1 
ATOM   889  C  CA  . PHE A 1 130 ? 7.668   -4.228  -2.217  1.00 10.92 ? 130 PHE A CA  1 
ATOM   890  C  C   . PHE A 1 130 ? 8.813   -4.045  -3.149  1.00 11.59 ? 130 PHE A C   1 
ATOM   891  O  O   . PHE A 1 130 ? 9.609   -3.094  -3.049  1.00 11.38 ? 130 PHE A O   1 
ATOM   892  C  CB  . PHE A 1 130 ? 6.606   -3.278  -2.580  1.00 11.45 ? 130 PHE A CB  1 
ATOM   893  C  CG  . PHE A 1 130 ? 5.328   -3.416  -1.804  1.00 10.76 ? 130 PHE A CG  1 
ATOM   894  C  CD1 . PHE A 1 130 ? 5.195   -2.745  -0.623  1.00 10.54 ? 130 PHE A CD1 1 
ATOM   895  C  CD2 . PHE A 1 130 ? 4.303   -4.222  -2.213  1.00 10.77 ? 130 PHE A CD2 1 
ATOM   896  C  CE1 . PHE A 1 130 ? 4.057   -2.865  0.097   1.00 9.81  ? 130 PHE A CE1 1 
ATOM   897  C  CE2 . PHE A 1 130 ? 3.122   -4.346  -1.500  1.00 10.68 ? 130 PHE A CE2 1 
ATOM   898  C  CZ  . PHE A 1 130 ? 3.056   -3.671  -0.274  1.00 10.49 ? 130 PHE A CZ  1 
ATOM   899  N  N   . THR A 1 131 ? 8.941   -5.013  -4.088  1.00 12.49 ? 131 THR A N   1 
ATOM   900  C  CA  . THR A 1 131 ? 9.900   -4.996  -5.193  1.00 13.29 ? 131 THR A CA  1 
ATOM   901  C  C   . THR A 1 131 ? 9.163   -5.115  -6.503  1.00 13.39 ? 131 THR A C   1 
ATOM   902  O  O   . THR A 1 131 ? 8.059   -5.599  -6.584  1.00 13.94 ? 131 THR A O   1 
ATOM   903  C  CB  . THR A 1 131 ? 10.991  -6.064  -5.011  1.00 18.18 ? 131 THR A CB  1 
ATOM   904  O  OG1 . THR A 1 131 ? 10.376  -7.319  -4.982  1.00 22.72 ? 131 THR A OG1 1 
ATOM   905  C  CG2 . THR A 1 131 ? 11.683  -5.776  -3.719  1.00 21.33 ? 131 THR A CG2 1 
ATOM   906  N  N   . LYS A 1 132 ? 9.897   -4.835  -7.584  1.00 15.61 ? 132 LYS A N   1 
ATOM   907  C  CA  . LYS A 1 132 ? 9.368   -4.959  -8.962  1.00 17.17 ? 132 LYS A CA  1 
ATOM   908  C  C   . LYS A 1 132 ? 9.509   -6.366  -9.453  1.00 20.83 ? 132 LYS A C   1 
ATOM   909  O  O   . LYS A 1 132 ? 8.868   -6.674  -10.435 1.00 20.41 ? 132 LYS A O   1 
ATOM   910  C  CB  . LYS A 1 132 ? 10.178  -4.050  -9.853  1.00 19.34 ? 132 LYS A CB  1 
ATOM   911  C  CG  . LYS A 1 132 ? 9.992   -2.639  -9.586  1.00 22.85 ? 132 LYS A CG  1 
ATOM   912  C  CD  . LYS A 1 132 ? 8.635   -2.225  -9.906  1.00 27.02 ? 132 LYS A CD  1 
ATOM   913  C  CE  . LYS A 1 132 ? 8.345   -2.099  -11.399 1.00 35.96 ? 132 LYS A CE  1 
ATOM   914  N  NZ  . LYS A 1 132 ? 6.868   -1.790  -11.543 1.00 29.63 ? 132 LYS A NZ  1 
ATOM   915  N  N   . VAL A 1 133 ? 10.294  -7.232  -8.824  1.00 20.90 ? 133 VAL A N   1 
ATOM   916  C  CA  . VAL A 1 133 ? 10.366  -8.663  -9.251  1.00 28.21 ? 133 VAL A CA  1 
ATOM   917  C  C   . VAL A 1 133 ? 9.640   -9.644  -8.274  1.00 30.02 ? 133 VAL A C   1 
ATOM   918  O  O   . VAL A 1 133 ? 9.760   -9.400  -7.060  1.00 37.97 ? 133 VAL A O   1 
ATOM   919  C  CB  . VAL A 1 133 ? 11.845  -9.049  -9.551  1.00 36.26 ? 133 VAL A CB  1 
ATOM   920  C  CG1 . VAL A 1 133 ? 12.714  -7.835  -9.971  1.00 36.61 ? 133 VAL A CG1 1 
ATOM   921  C  CG2 . VAL A 1 133 ? 12.488  -9.750  -8.346  1.00 42.07 ? 133 VAL A CG2 1 
HETATM 922  O  O04 . OLS B 2 .   ? -0.059  -7.929  1.627   1.00 9.84  ? 201 OLS A O04 1 
HETATM 923  C  C13 . OLS B 2 .   ? -0.418  -7.921  2.832   1.00 10.09 ? 201 OLS A C13 1 
HETATM 924  N  N03 . OLS B 2 .   ? 0.159   -7.136  3.692   1.00 9.90  ? 201 OLS A N03 1 
HETATM 925  C  C11 . OLS B 2 .   ? -0.413  -7.343  5.010   1.00 8.34  ? 201 OLS A C11 1 
HETATM 926  C  C10 . OLS B 2 .   ? -1.197  -6.059  5.507   1.00 9.78  ? 201 OLS A C10 1 
HETATM 927  S  S01 . OLS B 2 .   ? -2.796  -6.077  4.723   1.00 9.64  ? 201 OLS A S01 1 
HETATM 928  N  N02 . OLS B 2 .   ? -1.372  -8.648  3.317   1.00 9.26  ? 201 OLS A N02 1 
HETATM 929  C  C12 . OLS B 2 .   ? -1.588  -8.390  4.739   1.00 8.56  ? 201 OLS A C12 1 
HETATM 930  C  C09 . OLS B 2 .   ? -2.948  -7.792  5.074   1.00 8.89  ? 201 OLS A C09 1 
HETATM 931  C  C08 . OLS B 2 .   ? -4.097  -8.587  4.422   1.00 9.06  ? 201 OLS A C08 1 
HETATM 932  C  C07 . OLS B 2 .   ? -5.411  -8.174  5.052   1.00 9.38  ? 201 OLS A C07 1 
HETATM 933  C  C06 . OLS B 2 .   ? -6.589  -8.902  4.376   1.00 11.16 ? 201 OLS A C06 1 
HETATM 934  C  C05 . OLS B 2 .   ? -7.953  -8.542  4.992   1.00 11.78 ? 201 OLS A C05 1 
HETATM 935  C  C01 . OLS B 2 .   ? -8.061  -9.095  6.403   1.00 11.62 ? 201 OLS A C01 1 
HETATM 936  O  O01 . OLS B 2 .   ? -7.629  -10.270 6.657   1.00 13.45 ? 201 OLS A O01 1 
HETATM 937  N  N01 . OLS B 2 .   ? -8.631  -8.274  7.277   1.00 12.70 ? 201 OLS A N01 1 
HETATM 938  C  C02 . OLS B 2 .   ? -8.749  -8.676  8.662   1.00 17.04 ? 201 OLS A C02 1 
HETATM 939  C  C37 . OLS B 2 .   ? -10.045 -9.409  8.785   1.00 22.88 ? 201 OLS A C37 1 
HETATM 940  C  C04 . OLS B 2 .   ? -10.021 -10.151 10.047  1.00 33.82 ? 201 OLS A C04 1 
HETATM 941  O  O14 . OLS B 2 .   ? -11.079 -10.906 10.122  1.00 34.79 ? 201 OLS A O14 1 
HETATM 942  O  O03 . OLS B 2 .   ? -8.923  -10.079 10.819  1.00 33.77 ? 201 OLS A O03 1 
HETATM 943  CO CO4 . OLS B 2 .   ? -8.785  -11.172 12.481  1.00 36.93 ? 201 OLS A CO4 1 
HETATM 944  O  O05 . OLS B 2 .   ? -10.438 -10.522 13.011  1.00 23.09 ? 201 OLS A O05 1 
HETATM 945  O  O07 . OLS B 2 .   ? -8.884  -12.374 14.259  1.00 24.90 ? 201 OLS A O07 1 
HETATM 946  N  N07 . OLS B 2 .   ? -7.925  -9.433  13.653  1.00 37.14 ? 201 OLS A N07 1 
HETATM 947  C  C44 . OLS B 2 .   ? -8.593  -8.344  13.249  1.00 34.43 ? 201 OLS A C44 1 
HETATM 948  C  C43 . OLS B 2 .   ? -8.295  -7.127  13.909  1.00 44.69 ? 201 OLS A C43 1 
HETATM 949  C  C42 . OLS B 2 .   ? -7.328  -7.033  14.927  1.00 28.00 ? 201 OLS A C42 1 
HETATM 950  C  C41 . OLS B 2 .   ? -6.738  -8.209  15.234  1.00 42.67 ? 201 OLS A C41 1 
HETATM 951  C  C40 . OLS B 2 .   ? -6.984  -9.407  14.681  1.00 37.87 ? 201 OLS A C40 1 
HETATM 952  CO CO1 . OLS B 2 .   ? -10.731 -11.972 14.511  1.00 43.02 ? 201 OLS A CO1 1 
HETATM 953  N  N04 . OLS B 2 .   ? -10.354 -10.175 15.989  1.00 43.04 ? 201 OLS A N04 1 
HETATM 954  C  C22 . OLS B 2 .   ? -9.363  -10.581 16.849  1.00 49.82 ? 201 OLS A C22 1 
HETATM 955  C  C21 . OLS B 2 .   ? -9.002  -9.642  17.832  1.00 56.59 ? 201 OLS A C21 1 
HETATM 956  C  C20 . OLS B 2 .   ? -9.703  -8.408  17.890  1.00 52.54 ? 201 OLS A C20 1 
HETATM 957  C  C19 . OLS B 2 .   ? -10.670 -8.109  17.053  1.00 52.40 ? 201 OLS A C19 1 
HETATM 958  C  C18 . OLS B 2 .   ? -11.016 -8.971  16.129  1.00 51.00 ? 201 OLS A C18 1 
HETATM 959  O  O12 . OLS B 2 .   ? -9.638  -12.763 11.548  1.00 24.27 ? 201 OLS A O12 1 
HETATM 960  CO CO3 . OLS B 2 .   ? -9.176  -13.905 13.041  1.00 48.28 ? 201 OLS A CO3 1 
HETATM 961  N  N06 . OLS B 2 .   ? -9.550  -15.613 11.717  1.00 49.40 ? 201 OLS A N06 1 
HETATM 962  C  C34 . OLS B 2 .   ? -10.609 -16.428 12.064  1.00 58.64 ? 201 OLS A C34 1 
HETATM 963  C  C35 . OLS B 2 .   ? -10.919 -17.484 11.344  1.00 59.42 ? 201 OLS A C35 1 
HETATM 964  C  C30 . OLS B 2 .   ? -10.227 -17.780 10.276  1.00 57.52 ? 201 OLS A C30 1 
HETATM 965  C  C29 . OLS B 2 .   ? -9.129  -16.974 9.859   1.00 58.68 ? 201 OLS A C29 1 
HETATM 966  C  C28 . OLS B 2 .   ? -8.783  -15.842 10.626  1.00 52.28 ? 201 OLS A C28 1 
HETATM 967  O  O10 . OLS B 2 .   ? -10.617 -13.510 16.227  1.00 36.08 ? 201 OLS A O10 1 
HETATM 968  O  O15 . OLS B 2 .   ? -6.720  -11.822 11.794  1.00 35.54 ? 201 OLS A O15 1 
HETATM 969  O  O06 . OLS B 2 .   ? -11.132 -13.481 13.405  1.00 29.96 ? 201 OLS A O06 1 
HETATM 970  CO CO2 . OLS B 2 .   ? -11.199 -12.194 11.800  1.00 36.95 ? 201 OLS A CO2 1 
HETATM 971  O  O09 . OLS B 2 .   ? -13.052 -11.493 12.012  1.00 39.97 ? 201 OLS A O09 1 
HETATM 972  O  O08 . OLS B 2 .   ? -12.518 -11.643 14.552  1.00 28.65 ? 201 OLS A O08 1 
HETATM 973  N  N05 . OLS B 2 .   ? -12.033 -13.678 10.520  1.00 37.74 ? 201 OLS A N05 1 
HETATM 974  C  C32 . OLS B 2 .   ? -11.387 -13.784 9.300   1.00 38.51 ? 201 OLS A C32 1 
HETATM 975  C  C33 . OLS B 2 .   ? -11.868 -14.731 8.350   1.00 46.07 ? 201 OLS A C33 1 
HETATM 976  C  C26 . OLS B 2 .   ? -13.001 -15.517 8.677   1.00 48.22 ? 201 OLS A C26 1 
HETATM 977  C  C25 . OLS B 2 .   ? -13.618 -15.367 9.955   1.00 49.53 ? 201 OLS A C25 1 
HETATM 978  C  C24 . OLS B 2 .   ? -13.127 -14.409 10.873  1.00 51.01 ? 201 OLS A C24 1 
HETATM 979  O  O   . HOH C 3 .   ? -3.226  -12.454 -9.109  1.00 39.85 ? 301 HOH A O   1 
HETATM 980  O  O   . HOH C 3 .   ? 12.149  7.316   -9.696  1.00 31.98 ? 302 HOH A O   1 
HETATM 981  O  O   . HOH C 3 .   ? 16.398  12.071  -3.512  1.00 32.29 ? 303 HOH A O   1 
HETATM 982  O  O   . HOH C 3 .   ? 6.979   -5.200  -11.711 1.00 20.59 ? 304 HOH A O   1 
HETATM 983  O  O   . HOH C 3 .   ? -17.995 -14.514 -2.615  1.00 17.38 ? 305 HOH A O   1 
HETATM 984  O  O   . HOH C 3 .   ? 2.247   -10.438 -11.979 1.00 31.35 ? 306 HOH A O   1 
HETATM 985  O  O   . HOH C 3 .   ? 12.701  -3.945  -7.536  1.00 18.48 ? 307 HOH A O   1 
HETATM 986  O  O   . HOH C 3 .   ? -13.072 -10.717 8.436   1.00 31.34 ? 308 HOH A O   1 
HETATM 987  O  O   . HOH C 3 .   ? -6.668  -13.735 -4.764  1.00 34.56 ? 309 HOH A O   1 
HETATM 988  O  O   . HOH C 3 .   ? 8.408   -8.566  -12.207 1.00 23.68 ? 310 HOH A O   1 
HETATM 989  O  O   . HOH C 3 .   ? -12.134 -9.168  1.927   1.00 12.36 ? 311 HOH A O   1 
HETATM 990  O  O   . HOH C 3 .   ? 13.369  9.593   -3.991  1.00 24.96 ? 312 HOH A O   1 
HETATM 991  O  O   . HOH C 3 .   ? -5.546  -3.960  -11.537 1.00 33.00 ? 313 HOH A O   1 
HETATM 992  O  O   . HOH C 3 .   ? 7.590   0.847   -11.509 1.00 34.91 ? 314 HOH A O   1 
HETATM 993  O  O   . HOH C 3 .   ? -6.795  -10.404 -2.263  1.00 13.07 ? 315 HOH A O   1 
HETATM 994  O  O   . HOH C 3 .   ? -5.451  -2.284  18.676  1.00 15.63 ? 316 HOH A O   1 
HETATM 995  O  O   . HOH C 3 .   ? 17.545  -4.215  -12.136 1.00 31.75 ? 317 HOH A O   1 
HETATM 996  O  O   . HOH C 3 .   ? 2.415   15.342  -3.874  1.00 14.15 ? 318 HOH A O   1 
HETATM 997  O  O   . HOH C 3 .   ? -18.086 -6.838  22.453  1.00 36.23 ? 319 HOH A O   1 
HETATM 998  O  O   . HOH C 3 .   ? -10.764 -0.488  -1.048  1.00 11.22 ? 320 HOH A O   1 
HETATM 999  O  O   . HOH C 3 .   ? -3.160  1.362   -11.811 1.00 31.05 ? 321 HOH A O   1 
HETATM 1000 O  O   . HOH C 3 .   ? -5.249  6.487   1.077   0.50 19.68 ? 322 HOH A O   1 
HETATM 1001 O  O   . HOH C 3 .   ? -6.394  2.158   14.497  1.00 14.70 ? 323 HOH A O   1 
HETATM 1002 O  O   . HOH C 3 .   ? 9.318   12.496  0.030   1.00 14.05 ? 324 HOH A O   1 
HETATM 1003 O  O   . HOH C 3 .   ? -16.516 -10.851 7.280   1.00 36.71 ? 325 HOH A O   1 
HETATM 1004 O  O   . HOH C 3 .   ? -3.333  7.898   -9.949  1.00 23.82 ? 326 HOH A O   1 
HETATM 1005 O  O   . HOH C 3 .   ? -6.989  7.884   -6.431  1.00 33.92 ? 327 HOH A O   1 
HETATM 1006 O  O   . HOH C 3 .   ? 3.369   -8.250  6.726   1.00 21.14 ? 328 HOH A O   1 
HETATM 1007 O  O   . HOH C 3 .   ? -3.487  -8.428  -8.825  1.00 19.54 ? 329 HOH A O   1 
HETATM 1008 O  O   . HOH C 3 .   ? -8.711  1.163   -8.804  1.00 28.98 ? 330 HOH A O   1 
HETATM 1009 O  O   . HOH C 3 .   ? 13.703  10.498  -6.509  1.00 34.77 ? 331 HOH A O   1 
HETATM 1010 O  O   . HOH C 3 .   ? 12.142  13.248  -0.182  1.00 17.23 ? 332 HOH A O   1 
HETATM 1011 O  O   . HOH C 3 .   ? 8.120   11.728  -6.852  1.00 20.51 ? 333 HOH A O   1 
HETATM 1012 O  O   . HOH C 3 .   ? -7.487  -12.255 8.634   1.00 28.94 ? 334 HOH A O   1 
HETATM 1013 O  O   . HOH C 3 .   ? -14.052 -3.770  4.627   1.00 13.91 ? 335 HOH A O   1 
HETATM 1014 O  O   . HOH C 3 .   ? -0.274  0.130   -12.829 1.00 33.23 ? 336 HOH A O   1 
HETATM 1015 O  O   . HOH C 3 .   ? 9.529   -5.132  5.785   1.00 23.64 ? 337 HOH A O   1 
HETATM 1016 O  O   . HOH C 3 .   ? -12.504 -3.028  -3.730  1.00 14.87 ? 338 HOH A O   1 
HETATM 1017 O  O   . HOH C 3 .   ? -5.661  -14.289 0.085   1.00 31.30 ? 339 HOH A O   1 
HETATM 1018 O  O   . HOH C 3 .   ? -12.229 -7.921  -7.447  1.00 24.12 ? 340 HOH A O   1 
HETATM 1019 O  O   . HOH C 3 .   ? -5.573  11.920  -4.960  1.00 21.57 ? 341 HOH A O   1 
HETATM 1020 O  O   . HOH C 3 .   ? 9.342   -2.394  5.365   1.00 23.58 ? 342 HOH A O   1 
HETATM 1021 O  O   . HOH C 3 .   ? -18.833 -7.693  -0.259  1.00 34.28 ? 343 HOH A O   1 
HETATM 1022 O  O   . HOH C 3 .   ? -12.263 -6.948  25.186  1.00 32.16 ? 344 HOH A O   1 
HETATM 1023 O  O   . HOH C 3 .   ? 13.552  3.074   2.995   1.00 29.22 ? 345 HOH A O   1 
HETATM 1024 O  O   . HOH C 3 .   ? -15.735 -6.595  18.124  1.00 21.14 ? 346 HOH A O   1 
HETATM 1025 O  O   . HOH C 3 .   ? -13.542 -7.288  14.579  1.00 32.83 ? 347 HOH A O   1 
HETATM 1026 O  O   . HOH C 3 .   ? 13.930  -2.757  -9.782  1.00 26.94 ? 348 HOH A O   1 
HETATM 1027 O  O   . HOH C 3 .   ? 2.682   -15.633 2.310   1.00 34.83 ? 349 HOH A O   1 
HETATM 1028 O  O   . HOH C 3 .   ? -14.693 -6.971  -6.919  1.00 25.01 ? 350 HOH A O   1 
HETATM 1029 O  O   . HOH C 3 .   ? -3.882  -16.249 5.487   1.00 27.76 ? 351 HOH A O   1 
HETATM 1030 O  O   . HOH C 3 .   ? -3.637  -5.979  -7.561  1.00 19.46 ? 352 HOH A O   1 
HETATM 1031 O  O   . HOH C 3 .   ? -13.725 -1.197  -0.840  1.00 15.29 ? 353 HOH A O   1 
HETATM 1032 O  O   . HOH C 3 .   ? -6.938  0.385   19.552  1.00 21.34 ? 354 HOH A O   1 
HETATM 1033 O  O   . HOH C 3 .   ? -11.733 -1.475  24.133  1.00 22.40 ? 355 HOH A O   1 
HETATM 1034 O  O   . HOH C 3 .   ? 9.106   2.329   5.837   1.00 23.35 ? 356 HOH A O   1 
HETATM 1035 O  O   . HOH C 3 .   ? -7.304  -5.754  12.624  1.00 25.66 ? 357 HOH A O   1 
HETATM 1036 O  O   . HOH C 3 .   ? -20.058 -1.182  20.619  1.00 33.18 ? 358 HOH A O   1 
HETATM 1037 O  O   . HOH C 3 .   ? 4.670   -7.560  9.160   1.00 15.77 ? 359 HOH A O   1 
HETATM 1038 O  O   . HOH C 3 .   ? -20.318 -9.850  7.239   1.00 39.31 ? 360 HOH A O   1 
HETATM 1039 O  O   . HOH C 3 .   ? 5.281   -10.299 6.696   1.00 21.08 ? 361 HOH A O   1 
HETATM 1040 O  O   . HOH C 3 .   ? -20.450 -6.366  2.177   1.00 28.22 ? 362 HOH A O   1 
HETATM 1041 O  O   . HOH C 3 .   ? -15.816 -12.781 5.480   1.00 25.40 ? 363 HOH A O   1 
HETATM 1042 O  O   . HOH C 3 .   ? -19.129 -2.713  23.298  1.00 32.54 ? 364 HOH A O   1 
HETATM 1043 O  O   . HOH C 3 .   ? -17.011 -5.534  11.888  1.00 22.03 ? 365 HOH A O   1 
HETATM 1044 O  O   . HOH C 3 .   ? 6.867   -8.755  7.787   1.00 32.89 ? 366 HOH A O   1 
HETATM 1045 O  O   . HOH C 3 .   ? -5.532  9.321   -5.390  1.00 29.48 ? 367 HOH A O   1 
HETATM 1046 O  O   . HOH C 3 .   ? -12.703 -2.385  26.782  1.00 35.55 ? 368 HOH A O   1 
HETATM 1047 O  O   . HOH C 3 .   ? -6.918  -4.849  8.053   1.00 32.01 ? 369 HOH A O   1 
HETATM 1048 O  O   . HOH C 3 .   ? -19.207 -10.208 4.732   1.00 33.19 ? 370 HOH A O   1 
HETATM 1049 O  O   . HOH C 3 .   ? 9.362   -9.672  10.893  1.00 35.90 ? 371 HOH A O   1 
HETATM 1050 O  O   . HOH C 3 .   ? 6.468   -9.711  9.182   1.00 38.64 ? 372 HOH A O   1 
# 
loop_
_pdbx_poly_seq_scheme.asym_id 
_pdbx_poly_seq_scheme.entity_id 
_pdbx_poly_seq_scheme.seq_id 
_pdbx_poly_seq_scheme.mon_id 
_pdbx_poly_seq_scheme.ndb_seq_num 
_pdbx_poly_seq_scheme.pdb_seq_num 
_pdbx_poly_seq_scheme.auth_seq_num 
_pdbx_poly_seq_scheme.pdb_mon_id 
_pdbx_poly_seq_scheme.auth_mon_id 
_pdbx_poly_seq_scheme.pdb_strand_id 
_pdbx_poly_seq_scheme.pdb_ins_code 
_pdbx_poly_seq_scheme.hetero 
A 1 1   MET 1   1   ?   ?   ?   A . n 
A 1 2   ALA 2   2   ?   ?   ?   A . n 
A 1 3   SER 3   3   ?   ?   ?   A . n 
A 1 4   MET 4   4   ?   ?   ?   A . n 
A 1 5   THR 5   5   ?   ?   ?   A . n 
A 1 6   GLY 6   6   ?   ?   ?   A . n 
A 1 7   GLY 7   7   ?   ?   ?   A . n 
A 1 8   GLN 8   8   ?   ?   ?   A . n 
A 1 9   GLN 9   9   ?   ?   ?   A . n 
A 1 10  MET 10  10  ?   ?   ?   A . n 
A 1 11  GLY 11  11  ?   ?   ?   A . n 
A 1 12  ARG 12  12  12  ARG ARG A . n 
A 1 13  ASP 13  13  13  ASP ASP A . n 
A 1 14  GLU 14  14  14  GLU GLU A . n 
A 1 15  ALA 15  15  15  ALA ALA A . n 
A 1 16  GLY 16  16  16  GLY GLY A . n 
A 1 17  ILE 17  17  17  ILE ILE A . n 
A 1 18  THR 18  18  18  THR THR A . n 
A 1 19  GLY 19  19  19  GLY GLY A . n 
A 1 20  THR 20  20  20  THR THR A . n 
A 1 21  TRP 21  21  21  TRP TRP A . n 
A 1 22  TYR 22  22  22  TYR TYR A . n 
A 1 23  ASN 23  23  23  ASN ASN A . n 
A 1 24  GLN 24  24  24  GLN GLN A . n 
A 1 25  LEU 25  25  25  LEU LEU A . n 
A 1 26  GLY 26  26  26  GLY GLY A . n 
A 1 27  SER 27  27  27  SER SER A . n 
A 1 28  THR 28  28  28  THR THR A . n 
A 1 29  PHE 29  29  29  PHE PHE A . n 
A 1 30  ILE 30  30  30  ILE ILE A . n 
A 1 31  VAL 31  31  31  VAL VAL A . n 
A 1 32  THR 32  32  32  THR THR A . n 
A 1 33  ALA 33  33  33  ALA ALA A . n 
A 1 34  GLY 34  34  34  GLY GLY A . n 
A 1 35  ALA 35  35  35  ALA ALA A . n 
A 1 36  ASP 36  36  36  ASP ASP A . n 
A 1 37  GLY 37  37  37  GLY GLY A . n 
A 1 38  ALA 38  38  38  ALA ALA A . n 
A 1 39  LEU 39  39  39  LEU LEU A . n 
A 1 40  THR 40  40  40  THR THR A . n 
A 1 41  GLY 41  41  41  GLY GLY A . n 
A 1 42  THR 42  42  42  THR THR A . n 
A 1 43  TYR 43  43  43  TYR TYR A . n 
A 1 44  GLU 44  44  44  GLU GLU A . n 
A 1 45  SER 45  45  45  SER SER A . n 
A 1 46  ALA 46  46  46  ALA ALA A . n 
A 1 47  VAL 47  47  47  VAL VAL A . n 
A 1 48  GLY 48  48  48  GLY GLY A . n 
A 1 49  ASN 49  49  49  ASN ASN A . n 
A 1 50  ALA 50  50  50  ALA ALA A . n 
A 1 51  GLU 51  51  51  GLU GLU A . n 
A 1 52  SER 52  52  52  SER SER A . n 
A 1 53  ARG 53  53  53  ARG ARG A . n 
A 1 54  TYR 54  54  54  TYR TYR A . n 
A 1 55  VAL 55  55  55  VAL VAL A . n 
A 1 56  LEU 56  56  56  LEU LEU A . n 
A 1 57  THR 57  57  57  THR THR A . n 
A 1 58  GLY 58  58  58  GLY GLY A . n 
A 1 59  ARG 59  59  59  ARG ARG A . n 
A 1 60  TYR 60  60  60  TYR TYR A . n 
A 1 61  ASP 61  61  61  ASP ASP A . n 
A 1 62  SER 62  62  62  SER SER A . n 
A 1 63  ALA 63  63  63  ALA ALA A . n 
A 1 64  PRO 64  64  64  PRO PRO A . n 
A 1 65  ALA 65  65  65  ALA ALA A . n 
A 1 66  THR 66  66  66  THR THR A . n 
A 1 67  ASP 67  67  67  ASP ASP A . n 
A 1 68  GLY 68  68  68  GLY GLY A . n 
A 1 69  SER 69  69  69  SER SER A . n 
A 1 70  GLY 70  70  70  GLY GLY A . n 
A 1 71  THR 71  71  71  THR THR A . n 
A 1 72  ALA 72  72  72  ALA ALA A . n 
A 1 73  LEU 73  73  73  LEU LEU A . n 
A 1 74  GLY 74  74  74  GLY GLY A . n 
A 1 75  TRP 75  75  75  TRP TRP A . n 
A 1 76  THR 76  76  76  THR THR A . n 
A 1 77  VAL 77  77  77  VAL VAL A . n 
A 1 78  ALA 78  78  78  ALA ALA A . n 
A 1 79  TRP 79  79  79  TRP TRP A . n 
A 1 80  LYS 80  80  80  LYS LYS A . n 
A 1 81  ASN 81  81  81  ASN ASN A . n 
A 1 82  ASN 82  82  82  ASN ASN A . n 
A 1 83  TYR 83  83  83  TYR TYR A . n 
A 1 84  ARG 84  84  84  ARG ARG A . n 
A 1 85  ASN 85  85  85  ASN ASN A . n 
A 1 86  ALA 86  86  86  ALA ALA A . n 
A 1 87  HIS 87  87  87  HIS HIS A . n 
A 1 88  SER 88  88  88  SER SER A . n 
A 1 89  ALA 89  89  89  ALA ALA A . n 
A 1 90  THR 90  90  90  THR THR A . n 
A 1 91  THR 91  91  91  THR THR A . n 
A 1 92  TRP 92  92  92  TRP TRP A . n 
A 1 93  SER 93  93  93  SER SER A . n 
A 1 94  GLY 94  94  94  GLY GLY A . n 
A 1 95  GLN 95  95  95  GLN GLN A . n 
A 1 96  TYR 96  96  96  TYR TYR A . n 
A 1 97  VAL 97  97  97  VAL VAL A . n 
A 1 98  GLY 98  98  98  GLY GLY A . n 
A 1 99  GLY 99  99  99  GLY GLY A . n 
A 1 100 ALA 100 100 100 ALA ALA A . n 
A 1 101 GLN 101 101 101 GLN GLN A . n 
A 1 102 ALA 102 102 102 ALA ALA A . n 
A 1 103 ARG 103 103 103 ARG ARG A . n 
A 1 104 ILE 104 104 104 ILE ILE A . n 
A 1 105 ASN 105 105 105 ASN ASN A . n 
A 1 106 THR 106 106 106 THR THR A . n 
A 1 107 GLN 107 107 107 GLN GLN A . n 
A 1 108 TRP 108 108 108 TRP TRP A . n 
A 1 109 LEU 109 109 109 LEU LEU A . n 
A 1 110 LEU 110 110 110 LEU LEU A . n 
A 1 111 THR 111 111 111 THR THR A . n 
A 1 112 SER 112 112 112 SER SER A . n 
A 1 113 GLY 113 113 113 GLY GLY A . n 
A 1 114 THR 114 114 114 THR THR A . n 
A 1 115 THR 115 115 115 THR THR A . n 
A 1 116 GLU 116 116 116 GLU GLU A . n 
A 1 117 ALA 117 117 117 ALA ALA A . n 
A 1 118 ASN 118 118 118 ASN ASN A . n 
A 1 119 ALA 119 119 119 ALA ALA A . n 
A 1 120 TRP 120 120 120 TRP TRP A . n 
A 1 121 ALA 121 121 121 ALA ALA A . n 
A 1 122 SER 122 122 122 SER SER A . n 
A 1 123 THR 123 123 123 THR THR A . n 
A 1 124 LEU 124 124 124 LEU LEU A . n 
A 1 125 VAL 125 125 125 VAL VAL A . n 
A 1 126 GLY 126 126 126 GLY GLY A . n 
A 1 127 HIS 127 127 127 HIS HIS A . n 
A 1 128 ASP 128 128 128 ASP ASP A . n 
A 1 129 THR 129 129 129 THR THR A . n 
A 1 130 PHE 130 130 130 PHE PHE A . n 
A 1 131 THR 131 131 131 THR THR A . n 
A 1 132 LYS 132 132 132 LYS LYS A . n 
A 1 133 VAL 133 133 133 VAL VAL A . n 
A 1 134 LYS 134 134 ?   ?   ?   A . n 
A 1 135 PRO 135 135 ?   ?   ?   A . n 
A 1 136 SER 136 136 ?   ?   ?   A . n 
A 1 137 ALA 137 137 ?   ?   ?   A . n 
A 1 138 ALA 138 138 ?   ?   ?   A . n 
A 1 139 SER 139 139 ?   ?   ?   A . n 
A 1 140 ILE 140 140 ?   ?   ?   A . n 
A 1 141 ASP 141 141 ?   ?   ?   A . n 
A 1 142 ALA 142 142 ?   ?   ?   A . n 
A 1 143 ALA 143 143 ?   ?   ?   A . n 
A 1 144 LYS 144 144 ?   ?   ?   A . n 
A 1 145 LYS 145 145 ?   ?   ?   A . n 
A 1 146 ALA 146 146 ?   ?   ?   A . n 
A 1 147 GLY 147 147 ?   ?   ?   A . n 
A 1 148 VAL 148 148 ?   ?   ?   A . n 
A 1 149 ASN 149 149 ?   ?   ?   A . n 
A 1 150 ASN 150 150 ?   ?   ?   A . n 
A 1 151 GLY 151 151 ?   ?   ?   A . n 
A 1 152 ASN 152 152 ?   ?   ?   A . n 
A 1 153 PRO 153 153 ?   ?   ?   A . n 
A 1 154 LEU 154 154 ?   ?   ?   A . n 
A 1 155 ASP 155 155 ?   ?   ?   A . n 
A 1 156 ALA 156 156 ?   ?   ?   A . n 
A 1 157 VAL 157 157 ?   ?   ?   A . n 
A 1 158 GLN 158 158 ?   ?   ?   A . n 
A 1 159 GLN 159 159 ?   ?   ?   A . n 
# 
loop_
_pdbx_nonpoly_scheme.asym_id 
_pdbx_nonpoly_scheme.entity_id 
_pdbx_nonpoly_scheme.mon_id 
_pdbx_nonpoly_scheme.ndb_seq_num 
_pdbx_nonpoly_scheme.pdb_seq_num 
_pdbx_nonpoly_scheme.auth_seq_num 
_pdbx_nonpoly_scheme.pdb_mon_id 
_pdbx_nonpoly_scheme.auth_mon_id 
_pdbx_nonpoly_scheme.pdb_strand_id 
_pdbx_nonpoly_scheme.pdb_ins_code 
B 2 OLS 1  201 1  OLS OLS A . 
C 3 HOH 1  301 37 HOH HOH A . 
C 3 HOH 2  302 61 HOH HOH A . 
C 3 HOH 3  303 35 HOH HOH A . 
C 3 HOH 4  304 7  HOH HOH A . 
C 3 HOH 5  305 19 HOH HOH A . 
C 3 HOH 6  306 41 HOH HOH A . 
C 3 HOH 7  307 12 HOH HOH A . 
C 3 HOH 8  308 46 HOH HOH A . 
C 3 HOH 9  309 68 HOH HOH A . 
C 3 HOH 10 310 55 HOH HOH A . 
C 3 HOH 11 311 1  HOH HOH A . 
C 3 HOH 12 312 40 HOH HOH A . 
C 3 HOH 13 313 50 HOH HOH A . 
C 3 HOH 14 314 39 HOH HOH A . 
C 3 HOH 15 315 4  HOH HOH A . 
C 3 HOH 16 316 10 HOH HOH A . 
C 3 HOH 17 317 49 HOH HOH A . 
C 3 HOH 18 318 16 HOH HOH A . 
C 3 HOH 19 319 57 HOH HOH A . 
C 3 HOH 20 320 5  HOH HOH A . 
C 3 HOH 21 321 51 HOH HOH A . 
C 3 HOH 22 322 8  HOH HOH A . 
C 3 HOH 23 323 13 HOH HOH A . 
C 3 HOH 24 324 6  HOH HOH A . 
C 3 HOH 25 325 38 HOH HOH A . 
C 3 HOH 26 326 27 HOH HOH A . 
C 3 HOH 27 327 36 HOH HOH A . 
C 3 HOH 28 328 75 HOH HOH A . 
C 3 HOH 29 329 28 HOH HOH A . 
C 3 HOH 30 330 42 HOH HOH A . 
C 3 HOH 31 331 43 HOH HOH A . 
C 3 HOH 32 332 18 HOH HOH A . 
C 3 HOH 33 333 14 HOH HOH A . 
C 3 HOH 34 334 31 HOH HOH A . 
C 3 HOH 35 335 3  HOH HOH A . 
C 3 HOH 36 336 59 HOH HOH A . 
C 3 HOH 37 337 25 HOH HOH A . 
C 3 HOH 38 338 11 HOH HOH A . 
C 3 HOH 39 339 71 HOH HOH A . 
C 3 HOH 40 340 24 HOH HOH A . 
C 3 HOH 41 341 17 HOH HOH A . 
C 3 HOH 42 342 32 HOH HOH A . 
C 3 HOH 43 343 64 HOH HOH A . 
C 3 HOH 44 344 65 HOH HOH A . 
C 3 HOH 45 345 72 HOH HOH A . 
C 3 HOH 46 346 26 HOH HOH A . 
C 3 HOH 47 347 48 HOH HOH A . 
C 3 HOH 48 348 30 HOH HOH A . 
C 3 HOH 49 349 76 HOH HOH A . 
C 3 HOH 50 350 29 HOH HOH A . 
C 3 HOH 51 351 77 HOH HOH A . 
C 3 HOH 52 352 22 HOH HOH A . 
C 3 HOH 53 353 9  HOH HOH A . 
C 3 HOH 54 354 20 HOH HOH A . 
C 3 HOH 55 355 21 HOH HOH A . 
C 3 HOH 56 356 33 HOH HOH A . 
C 3 HOH 57 357 79 HOH HOH A . 
C 3 HOH 58 358 44 HOH HOH A . 
C 3 HOH 59 359 73 HOH HOH A . 
C 3 HOH 60 360 47 HOH HOH A . 
C 3 HOH 61 361 74 HOH HOH A . 
C 3 HOH 62 362 23 HOH HOH A . 
C 3 HOH 63 363 34 HOH HOH A . 
C 3 HOH 64 364 54 HOH HOH A . 
C 3 HOH 65 365 15 HOH HOH A . 
C 3 HOH 66 366 78 HOH HOH A . 
C 3 HOH 67 367 45 HOH HOH A . 
C 3 HOH 68 368 52 HOH HOH A . 
C 3 HOH 69 369 63 HOH HOH A . 
C 3 HOH 70 370 62 HOH HOH A . 
C 3 HOH 71 371 69 HOH HOH A . 
C 3 HOH 72 372 67 HOH HOH A . 
# 
_pdbx_struct_assembly.id                   1 
_pdbx_struct_assembly.details              author_and_software_defined_assembly 
_pdbx_struct_assembly.method_details       PISA 
_pdbx_struct_assembly.oligomeric_details   tetrameric 
_pdbx_struct_assembly.oligomeric_count     4 
# 
_pdbx_struct_assembly_gen.assembly_id       1 
_pdbx_struct_assembly_gen.oper_expression   1,2,3,4 
_pdbx_struct_assembly_gen.asym_id_list      A,B,C 
# 
loop_
_pdbx_struct_assembly_prop.biol_id 
_pdbx_struct_assembly_prop.type 
_pdbx_struct_assembly_prop.value 
_pdbx_struct_assembly_prop.details 
1 'ABSA (A^2)' 9380  ? 
1 MORE         -57   ? 
1 'SSA (A^2)'  18930 ? 
# 
loop_
_pdbx_struct_oper_list.id 
_pdbx_struct_oper_list.type 
_pdbx_struct_oper_list.name 
_pdbx_struct_oper_list.symmetry_operation 
_pdbx_struct_oper_list.matrix[1][1] 
_pdbx_struct_oper_list.matrix[1][2] 
_pdbx_struct_oper_list.matrix[1][3] 
_pdbx_struct_oper_list.vector[1] 
_pdbx_struct_oper_list.matrix[2][1] 
_pdbx_struct_oper_list.matrix[2][2] 
_pdbx_struct_oper_list.matrix[2][3] 
_pdbx_struct_oper_list.vector[2] 
_pdbx_struct_oper_list.matrix[3][1] 
_pdbx_struct_oper_list.matrix[3][2] 
_pdbx_struct_oper_list.matrix[3][3] 
_pdbx_struct_oper_list.vector[3] 
1 'identity operation'         1_555  x,y,z    1.0000000000  0.0000000000  0.0000000000  0.0000000000  0.0000000000  1.0000000000  0.0000000000  0.0000000000  0.0000000000  0.0000000000  1.0000000000  0.0000000000  
2 'crystal symmetry operation' 8_555  -y,-x,-z -0.1990163573 -0.6736535829 -0.7117466823 15.0114924038 -0.6736535829 -0.4334351845 0.5986023648  -5.6954314924 -0.7117466823 0.5986023648  -0.3675484582 22.2842032045 
3 'crystal symmetry operation' 10_555 -x,-y,z  -0.2415648422 0.9683383333  -0.0629864998 3.4339105194  0.9683383333  0.2363339413  -0.0804185323 -0.6878985000 -0.0629864998 -0.0804185323 -0.9947690991 30.7729431682 
4 'crystal symmetry operation' 15_555 y,x,-z   -0.5594188005 -0.2946847505 0.7747331821  -7.1110468752 -0.2946847505 -0.8028987568 -0.5181838324 10.7102183471 0.7747331821  -0.5181838324 0.3623175573  8.1178033007 
# 
_pdbx_struct_special_symmetry.id              1 
_pdbx_struct_special_symmetry.PDB_model_num   1 
_pdbx_struct_special_symmetry.auth_asym_id    A 
_pdbx_struct_special_symmetry.auth_comp_id    HOH 
_pdbx_struct_special_symmetry.auth_seq_id     322 
_pdbx_struct_special_symmetry.PDB_ins_code    ? 
_pdbx_struct_special_symmetry.label_asym_id   C 
_pdbx_struct_special_symmetry.label_comp_id   HOH 
_pdbx_struct_special_symmetry.label_seq_id    . 
# 
loop_
_pdbx_audit_revision_history.ordinal 
_pdbx_audit_revision_history.data_content_type 
_pdbx_audit_revision_history.major_revision 
_pdbx_audit_revision_history.minor_revision 
_pdbx_audit_revision_history.revision_date 
1 'Structure model' 1 0 2018-02-28 
2 'Structure model' 1 1 2018-03-14 
3 'Structure model' 1 2 2020-01-01 
4 'Structure model' 1 3 2023-10-04 
# 
_pdbx_audit_revision_details.ordinal             1 
_pdbx_audit_revision_details.revision_ordinal    1 
_pdbx_audit_revision_details.data_content_type   'Structure model' 
_pdbx_audit_revision_details.provider            repository 
_pdbx_audit_revision_details.type                'Initial release' 
_pdbx_audit_revision_details.description         ? 
_pdbx_audit_revision_details.details             ? 
# 
loop_
_pdbx_audit_revision_group.ordinal 
_pdbx_audit_revision_group.revision_ordinal 
_pdbx_audit_revision_group.data_content_type 
_pdbx_audit_revision_group.group 
1 2 'Structure model' 'Database references'        
2 3 'Structure model' 'Author supporting evidence' 
3 4 'Structure model' 'Data collection'            
4 4 'Structure model' 'Database references'        
5 4 'Structure model' 'Refinement description'     
# 
loop_
_pdbx_audit_revision_category.ordinal 
_pdbx_audit_revision_category.revision_ordinal 
_pdbx_audit_revision_category.data_content_type 
_pdbx_audit_revision_category.category 
1 2 'Structure model' citation                      
2 3 'Structure model' pdbx_audit_support            
3 4 'Structure model' chem_comp_atom                
4 4 'Structure model' chem_comp_bond                
5 4 'Structure model' database_2                    
6 4 'Structure model' pdbx_initial_refinement_model 
# 
loop_
_pdbx_audit_revision_item.ordinal 
_pdbx_audit_revision_item.revision_ordinal 
_pdbx_audit_revision_item.data_content_type 
_pdbx_audit_revision_item.item 
1 2 'Structure model' '_citation.journal_volume'                 
2 2 'Structure model' '_citation.page_first'                     
3 2 'Structure model' '_citation.page_last'                      
4 3 'Structure model' '_pdbx_audit_support.funding_organization' 
5 4 'Structure model' '_database_2.pdbx_DOI'                     
6 4 'Structure model' '_database_2.pdbx_database_accession'      
# 
loop_
_software.citation_id 
_software.classification 
_software.compiler_name 
_software.compiler_version 
_software.contact_author 
_software.contact_author_email 
_software.date 
_software.description 
_software.dependencies 
_software.hardware 
_software.language 
_software.location 
_software.mods 
_software.name 
_software.os 
_software.os_version 
_software.type 
_software.version 
_software.pdbx_ordinal 
? refinement       ? ? ? ? ? ? ? ? ? ? ? REFMAC  ? ? ? 5.8.0155 1 
? 'data reduction' ? ? ? ? ? ? ? ? ? ? ? iMOSFLM ? ? ? .        2 
? 'data scaling'   ? ? ? ? ? ? ? ? ? ? ? Aimless ? ? ? .        3 
? phasing          ? ? ? ? ? ? ? ? ? ? ? PHASER  ? ? ? .        4 
# 
loop_
_pdbx_validate_close_contact.id 
_pdbx_validate_close_contact.PDB_model_num 
_pdbx_validate_close_contact.auth_atom_id_1 
_pdbx_validate_close_contact.auth_asym_id_1 
_pdbx_validate_close_contact.auth_comp_id_1 
_pdbx_validate_close_contact.auth_seq_id_1 
_pdbx_validate_close_contact.PDB_ins_code_1 
_pdbx_validate_close_contact.label_alt_id_1 
_pdbx_validate_close_contact.auth_atom_id_2 
_pdbx_validate_close_contact.auth_asym_id_2 
_pdbx_validate_close_contact.auth_comp_id_2 
_pdbx_validate_close_contact.auth_seq_id_2 
_pdbx_validate_close_contact.PDB_ins_code_2 
_pdbx_validate_close_contact.label_alt_id_2 
_pdbx_validate_close_contact.dist 
1 1 CG  A LEU 110 ? ? O A HOH 369 ? ? 1.66 
2 1 O   A HOH 366 ? ? O A HOH 372 ? ? 1.74 
3 1 CD2 A LEU 110 ? ? O A HOH 369 ? ? 2.01 
4 1 C43 A OLS 201 ? ? O A HOH 357 ? ? 2.13 
# 
loop_
_pdbx_validate_rmsd_bond.id 
_pdbx_validate_rmsd_bond.PDB_model_num 
_pdbx_validate_rmsd_bond.auth_atom_id_1 
_pdbx_validate_rmsd_bond.auth_asym_id_1 
_pdbx_validate_rmsd_bond.auth_comp_id_1 
_pdbx_validate_rmsd_bond.auth_seq_id_1 
_pdbx_validate_rmsd_bond.PDB_ins_code_1 
_pdbx_validate_rmsd_bond.label_alt_id_1 
_pdbx_validate_rmsd_bond.auth_atom_id_2 
_pdbx_validate_rmsd_bond.auth_asym_id_2 
_pdbx_validate_rmsd_bond.auth_comp_id_2 
_pdbx_validate_rmsd_bond.auth_seq_id_2 
_pdbx_validate_rmsd_bond.PDB_ins_code_2 
_pdbx_validate_rmsd_bond.label_alt_id_2 
_pdbx_validate_rmsd_bond.bond_value 
_pdbx_validate_rmsd_bond.bond_target_value 
_pdbx_validate_rmsd_bond.bond_deviation 
_pdbx_validate_rmsd_bond.bond_standard_deviation 
_pdbx_validate_rmsd_bond.linker_flag 
1 1 CB  A ASP 36  ? ? CG  A ASP 36  ? ? 1.648 1.513 0.135  0.021 N 
2 1 CZ  A TYR 96  ? ? CE2 A TYR 96  ? ? 1.296 1.381 -0.085 0.013 N 
3 1 CD1 A TRP 120 ? ? NE1 A TRP 120 ? ? 1.264 1.375 -0.111 0.017 N 
# 
loop_
_pdbx_validate_rmsd_angle.id 
_pdbx_validate_rmsd_angle.PDB_model_num 
_pdbx_validate_rmsd_angle.auth_atom_id_1 
_pdbx_validate_rmsd_angle.auth_asym_id_1 
_pdbx_validate_rmsd_angle.auth_comp_id_1 
_pdbx_validate_rmsd_angle.auth_seq_id_1 
_pdbx_validate_rmsd_angle.PDB_ins_code_1 
_pdbx_validate_rmsd_angle.label_alt_id_1 
_pdbx_validate_rmsd_angle.auth_atom_id_2 
_pdbx_validate_rmsd_angle.auth_asym_id_2 
_pdbx_validate_rmsd_angle.auth_comp_id_2 
_pdbx_validate_rmsd_angle.auth_seq_id_2 
_pdbx_validate_rmsd_angle.PDB_ins_code_2 
_pdbx_validate_rmsd_angle.label_alt_id_2 
_pdbx_validate_rmsd_angle.auth_atom_id_3 
_pdbx_validate_rmsd_angle.auth_asym_id_3 
_pdbx_validate_rmsd_angle.auth_comp_id_3 
_pdbx_validate_rmsd_angle.auth_seq_id_3 
_pdbx_validate_rmsd_angle.PDB_ins_code_3 
_pdbx_validate_rmsd_angle.label_alt_id_3 
_pdbx_validate_rmsd_angle.angle_value 
_pdbx_validate_rmsd_angle.angle_target_value 
_pdbx_validate_rmsd_angle.angle_deviation 
_pdbx_validate_rmsd_angle.angle_standard_deviation 
_pdbx_validate_rmsd_angle.linker_flag 
1 1 CB A TYR 22  ? ? CG A TYR 22  ? ? CD2 A TYR 22  ? ? 116.38 121.00 -4.62 0.60 N 
2 1 CB A ASP 36  ? ? CG A ASP 36  ? ? OD2 A ASP 36  ? ? 125.34 118.30 7.04  0.90 N 
3 1 NE A ARG 53  ? B CZ A ARG 53  ? B NH2 A ARG 53  ? B 123.95 120.30 3.65  0.50 N 
4 1 NE A ARG 103 ? ? CZ A ARG 103 ? ? NH2 A ARG 103 ? ? 123.54 120.30 3.24  0.50 N 
5 1 CB A LEU 110 ? ? CG A LEU 110 ? ? CD2 A LEU 110 ? ? 124.24 111.00 13.24 1.70 N 
6 1 CB A ASP 128 ? ? CG A ASP 128 ? ? OD2 A ASP 128 ? ? 111.91 118.30 -6.39 0.90 N 
# 
loop_
_pdbx_validate_torsion.id 
_pdbx_validate_torsion.PDB_model_num 
_pdbx_validate_torsion.auth_comp_id 
_pdbx_validate_torsion.auth_asym_id 
_pdbx_validate_torsion.auth_seq_id 
_pdbx_validate_torsion.PDB_ins_code 
_pdbx_validate_torsion.label_alt_id 
_pdbx_validate_torsion.phi 
_pdbx_validate_torsion.psi 
1 1 SER A 52  ? ? 66.85   -155.36 
2 1 TRP A 79  ? ? -84.80  48.25   
3 1 GLN A 101 ? ? -114.18 62.03   
# 
loop_
_pdbx_unobs_or_zero_occ_residues.id 
_pdbx_unobs_or_zero_occ_residues.PDB_model_num 
_pdbx_unobs_or_zero_occ_residues.polymer_flag 
_pdbx_unobs_or_zero_occ_residues.occupancy_flag 
_pdbx_unobs_or_zero_occ_residues.auth_asym_id 
_pdbx_unobs_or_zero_occ_residues.auth_comp_id 
_pdbx_unobs_or_zero_occ_residues.auth_seq_id 
_pdbx_unobs_or_zero_occ_residues.PDB_ins_code 
_pdbx_unobs_or_zero_occ_residues.label_asym_id 
_pdbx_unobs_or_zero_occ_residues.label_comp_id 
_pdbx_unobs_or_zero_occ_residues.label_seq_id 
1  1 Y 1 A MET 1   ? A MET 1   
2  1 Y 1 A ALA 2   ? A ALA 2   
3  1 Y 1 A SER 3   ? A SER 3   
4  1 Y 1 A MET 4   ? A MET 4   
5  1 Y 1 A THR 5   ? A THR 5   
6  1 Y 1 A GLY 6   ? A GLY 6   
7  1 Y 1 A GLY 7   ? A GLY 7   
8  1 Y 1 A GLN 8   ? A GLN 8   
9  1 Y 1 A GLN 9   ? A GLN 9   
10 1 Y 1 A MET 10  ? A MET 10  
11 1 Y 1 A GLY 11  ? A GLY 11  
12 1 Y 1 A LYS 134 ? A LYS 134 
13 1 Y 1 A PRO 135 ? A PRO 135 
14 1 Y 1 A SER 136 ? A SER 136 
15 1 Y 1 A ALA 137 ? A ALA 137 
16 1 Y 1 A ALA 138 ? A ALA 138 
17 1 Y 1 A SER 139 ? A SER 139 
18 1 Y 1 A ILE 140 ? A ILE 140 
19 1 Y 1 A ASP 141 ? A ASP 141 
20 1 Y 1 A ALA 142 ? A ALA 142 
21 1 Y 1 A ALA 143 ? A ALA 143 
22 1 Y 1 A LYS 144 ? A LYS 144 
23 1 Y 1 A LYS 145 ? A LYS 145 
24 1 Y 1 A ALA 146 ? A ALA 146 
25 1 Y 1 A GLY 147 ? A GLY 147 
26 1 Y 1 A VAL 148 ? A VAL 148 
27 1 Y 1 A ASN 149 ? A ASN 149 
28 1 Y 1 A ASN 150 ? A ASN 150 
29 1 Y 1 A GLY 151 ? A GLY 151 
30 1 Y 1 A ASN 152 ? A ASN 152 
31 1 Y 1 A PRO 153 ? A PRO 153 
32 1 Y 1 A LEU 154 ? A LEU 154 
33 1 Y 1 A ASP 155 ? A ASP 155 
34 1 Y 1 A ALA 156 ? A ALA 156 
35 1 Y 1 A VAL 157 ? A VAL 157 
36 1 Y 1 A GLN 158 ? A GLN 158 
37 1 Y 1 A GLN 159 ? A GLN 159 
# 
loop_
_chem_comp_atom.comp_id 
_chem_comp_atom.atom_id 
_chem_comp_atom.type_symbol 
_chem_comp_atom.pdbx_aromatic_flag 
_chem_comp_atom.pdbx_stereo_config 
_chem_comp_atom.pdbx_ordinal 
ALA N    N  N N 1   
ALA CA   C  N S 2   
ALA C    C  N N 3   
ALA O    O  N N 4   
ALA CB   C  N N 5   
ALA OXT  O  N N 6   
ALA H    H  N N 7   
ALA H2   H  N N 8   
ALA HA   H  N N 9   
ALA HB1  H  N N 10  
ALA HB2  H  N N 11  
ALA HB3  H  N N 12  
ALA HXT  H  N N 13  
ARG N    N  N N 14  
ARG CA   C  N S 15  
ARG C    C  N N 16  
ARG O    O  N N 17  
ARG CB   C  N N 18  
ARG CG   C  N N 19  
ARG CD   C  N N 20  
ARG NE   N  N N 21  
ARG CZ   C  N N 22  
ARG NH1  N  N N 23  
ARG NH2  N  N N 24  
ARG OXT  O  N N 25  
ARG H    H  N N 26  
ARG H2   H  N N 27  
ARG HA   H  N N 28  
ARG HB2  H  N N 29  
ARG HB3  H  N N 30  
ARG HG2  H  N N 31  
ARG HG3  H  N N 32  
ARG HD2  H  N N 33  
ARG HD3  H  N N 34  
ARG HE   H  N N 35  
ARG HH11 H  N N 36  
ARG HH12 H  N N 37  
ARG HH21 H  N N 38  
ARG HH22 H  N N 39  
ARG HXT  H  N N 40  
ASN N    N  N N 41  
ASN CA   C  N S 42  
ASN C    C  N N 43  
ASN O    O  N N 44  
ASN CB   C  N N 45  
ASN CG   C  N N 46  
ASN OD1  O  N N 47  
ASN ND2  N  N N 48  
ASN OXT  O  N N 49  
ASN H    H  N N 50  
ASN H2   H  N N 51  
ASN HA   H  N N 52  
ASN HB2  H  N N 53  
ASN HB3  H  N N 54  
ASN HD21 H  N N 55  
ASN HD22 H  N N 56  
ASN HXT  H  N N 57  
ASP N    N  N N 58  
ASP CA   C  N S 59  
ASP C    C  N N 60  
ASP O    O  N N 61  
ASP CB   C  N N 62  
ASP CG   C  N N 63  
ASP OD1  O  N N 64  
ASP OD2  O  N N 65  
ASP OXT  O  N N 66  
ASP H    H  N N 67  
ASP H2   H  N N 68  
ASP HA   H  N N 69  
ASP HB2  H  N N 70  
ASP HB3  H  N N 71  
ASP HD2  H  N N 72  
ASP HXT  H  N N 73  
GLN N    N  N N 74  
GLN CA   C  N S 75  
GLN C    C  N N 76  
GLN O    O  N N 77  
GLN CB   C  N N 78  
GLN CG   C  N N 79  
GLN CD   C  N N 80  
GLN OE1  O  N N 81  
GLN NE2  N  N N 82  
GLN OXT  O  N N 83  
GLN H    H  N N 84  
GLN H2   H  N N 85  
GLN HA   H  N N 86  
GLN HB2  H  N N 87  
GLN HB3  H  N N 88  
GLN HG2  H  N N 89  
GLN HG3  H  N N 90  
GLN HE21 H  N N 91  
GLN HE22 H  N N 92  
GLN HXT  H  N N 93  
GLU N    N  N N 94  
GLU CA   C  N S 95  
GLU C    C  N N 96  
GLU O    O  N N 97  
GLU CB   C  N N 98  
GLU CG   C  N N 99  
GLU CD   C  N N 100 
GLU OE1  O  N N 101 
GLU OE2  O  N N 102 
GLU OXT  O  N N 103 
GLU H    H  N N 104 
GLU H2   H  N N 105 
GLU HA   H  N N 106 
GLU HB2  H  N N 107 
GLU HB3  H  N N 108 
GLU HG2  H  N N 109 
GLU HG3  H  N N 110 
GLU HE2  H  N N 111 
GLU HXT  H  N N 112 
GLY N    N  N N 113 
GLY CA   C  N N 114 
GLY C    C  N N 115 
GLY O    O  N N 116 
GLY OXT  O  N N 117 
GLY H    H  N N 118 
GLY H2   H  N N 119 
GLY HA2  H  N N 120 
GLY HA3  H  N N 121 
GLY HXT  H  N N 122 
HIS N    N  N N 123 
HIS CA   C  N S 124 
HIS C    C  N N 125 
HIS O    O  N N 126 
HIS CB   C  N N 127 
HIS CG   C  Y N 128 
HIS ND1  N  Y N 129 
HIS CD2  C  Y N 130 
HIS CE1  C  Y N 131 
HIS NE2  N  Y N 132 
HIS OXT  O  N N 133 
HIS H    H  N N 134 
HIS H2   H  N N 135 
HIS HA   H  N N 136 
HIS HB2  H  N N 137 
HIS HB3  H  N N 138 
HIS HD1  H  N N 139 
HIS HD2  H  N N 140 
HIS HE1  H  N N 141 
HIS HE2  H  N N 142 
HIS HXT  H  N N 143 
HOH O    O  N N 144 
HOH H1   H  N N 145 
HOH H2   H  N N 146 
ILE N    N  N N 147 
ILE CA   C  N S 148 
ILE C    C  N N 149 
ILE O    O  N N 150 
ILE CB   C  N S 151 
ILE CG1  C  N N 152 
ILE CG2  C  N N 153 
ILE CD1  C  N N 154 
ILE OXT  O  N N 155 
ILE H    H  N N 156 
ILE H2   H  N N 157 
ILE HA   H  N N 158 
ILE HB   H  N N 159 
ILE HG12 H  N N 160 
ILE HG13 H  N N 161 
ILE HG21 H  N N 162 
ILE HG22 H  N N 163 
ILE HG23 H  N N 164 
ILE HD11 H  N N 165 
ILE HD12 H  N N 166 
ILE HD13 H  N N 167 
ILE HXT  H  N N 168 
LEU N    N  N N 169 
LEU CA   C  N S 170 
LEU C    C  N N 171 
LEU O    O  N N 172 
LEU CB   C  N N 173 
LEU CG   C  N N 174 
LEU CD1  C  N N 175 
LEU CD2  C  N N 176 
LEU OXT  O  N N 177 
LEU H    H  N N 178 
LEU H2   H  N N 179 
LEU HA   H  N N 180 
LEU HB2  H  N N 181 
LEU HB3  H  N N 182 
LEU HG   H  N N 183 
LEU HD11 H  N N 184 
LEU HD12 H  N N 185 
LEU HD13 H  N N 186 
LEU HD21 H  N N 187 
LEU HD22 H  N N 188 
LEU HD23 H  N N 189 
LEU HXT  H  N N 190 
LYS N    N  N N 191 
LYS CA   C  N S 192 
LYS C    C  N N 193 
LYS O    O  N N 194 
LYS CB   C  N N 195 
LYS CG   C  N N 196 
LYS CD   C  N N 197 
LYS CE   C  N N 198 
LYS NZ   N  N N 199 
LYS OXT  O  N N 200 
LYS H    H  N N 201 
LYS H2   H  N N 202 
LYS HA   H  N N 203 
LYS HB2  H  N N 204 
LYS HB3  H  N N 205 
LYS HG2  H  N N 206 
LYS HG3  H  N N 207 
LYS HD2  H  N N 208 
LYS HD3  H  N N 209 
LYS HE2  H  N N 210 
LYS HE3  H  N N 211 
LYS HZ1  H  N N 212 
LYS HZ2  H  N N 213 
LYS HZ3  H  N N 214 
LYS HXT  H  N N 215 
MET N    N  N N 216 
MET CA   C  N S 217 
MET C    C  N N 218 
MET O    O  N N 219 
MET CB   C  N N 220 
MET CG   C  N N 221 
MET SD   S  N N 222 
MET CE   C  N N 223 
MET OXT  O  N N 224 
MET H    H  N N 225 
MET H2   H  N N 226 
MET HA   H  N N 227 
MET HB2  H  N N 228 
MET HB3  H  N N 229 
MET HG2  H  N N 230 
MET HG3  H  N N 231 
MET HE1  H  N N 232 
MET HE2  H  N N 233 
MET HE3  H  N N 234 
MET HXT  H  N N 235 
OLS O04  O  N N 236 
OLS C13  C  N N 237 
OLS N03  N  N N 238 
OLS C11  C  N R 239 
OLS C10  C  N N 240 
OLS S01  S  N N 241 
OLS N02  N  N N 242 
OLS C12  C  N S 243 
OLS C09  C  N S 244 
OLS C08  C  N N 245 
OLS C07  C  N N 246 
OLS C06  C  N N 247 
OLS C05  C  N N 248 
OLS C01  C  N N 249 
OLS O01  O  N N 250 
OLS N01  N  N N 251 
OLS C02  C  N N 252 
OLS C37  C  N N 253 
OLS C04  C  N N 254 
OLS O14  O  N N 255 
OLS O03  O  N N 256 
OLS CO4  CO N N 257 
OLS O05  O  N N 258 
OLS O07  O  N N 259 
OLS N07  N  Y N 260 
OLS C44  C  Y N 261 
OLS C43  C  Y N 262 
OLS C42  C  Y N 263 
OLS C41  C  Y N 264 
OLS C40  C  Y N 265 
OLS CO1  CO N N 266 
OLS N04  N  Y N 267 
OLS C22  C  Y N 268 
OLS C21  C  Y N 269 
OLS C20  C  Y N 270 
OLS C19  C  Y N 271 
OLS C18  C  Y N 272 
OLS O12  O  N N 273 
OLS CO3  CO N N 274 
OLS N06  N  Y N 275 
OLS C34  C  Y N 276 
OLS C35  C  Y N 277 
OLS C30  C  Y N 278 
OLS C29  C  Y N 279 
OLS C28  C  Y N 280 
OLS O10  O  N N 281 
OLS O15  O  N N 282 
OLS O06  O  N N 283 
OLS CO2  CO N N 284 
OLS O09  O  N N 285 
OLS O08  O  N N 286 
OLS N05  N  Y N 287 
OLS C32  C  Y N 288 
OLS C33  C  Y N 289 
OLS C26  C  Y N 290 
OLS C25  C  Y N 291 
OLS C24  C  Y N 292 
OLS H1   H  N N 293 
OLS H2   H  N N 294 
OLS H3   H  N N 295 
OLS H4   H  N N 296 
OLS H5   H  N N 297 
OLS H6   H  N N 298 
OLS H7   H  N N 299 
OLS H8   H  N N 300 
OLS H9   H  N N 301 
OLS H10  H  N N 302 
OLS H11  H  N N 303 
OLS H12  H  N N 304 
OLS H13  H  N N 305 
OLS H14  H  N N 306 
OLS H15  H  N N 307 
OLS H16  H  N N 308 
OLS H17  H  N N 309 
OLS H18  H  N N 310 
OLS H19  H  N N 311 
OLS H20  H  N N 312 
OLS H21  H  N N 313 
OLS H22  H  N N 314 
OLS H23  H  N N 315 
OLS H24  H  N N 316 
OLS H25  H  N N 317 
OLS H26  H  N N 318 
OLS H27  H  N N 319 
OLS H28  H  N N 320 
OLS H29  H  N N 321 
OLS H30  H  N N 322 
OLS H31  H  N N 323 
OLS H32  H  N N 324 
OLS H33  H  N N 325 
OLS H34  H  N N 326 
OLS H35  H  N N 327 
OLS H36  H  N N 328 
OLS H41  H  N N 329 
OLS H42  H  N N 330 
OLS H43  H  N N 331 
OLS H44  H  N N 332 
OLS H45  H  N N 333 
PHE N    N  N N 334 
PHE CA   C  N S 335 
PHE C    C  N N 336 
PHE O    O  N N 337 
PHE CB   C  N N 338 
PHE CG   C  Y N 339 
PHE CD1  C  Y N 340 
PHE CD2  C  Y N 341 
PHE CE1  C  Y N 342 
PHE CE2  C  Y N 343 
PHE CZ   C  Y N 344 
PHE OXT  O  N N 345 
PHE H    H  N N 346 
PHE H2   H  N N 347 
PHE HA   H  N N 348 
PHE HB2  H  N N 349 
PHE HB3  H  N N 350 
PHE HD1  H  N N 351 
PHE HD2  H  N N 352 
PHE HE1  H  N N 353 
PHE HE2  H  N N 354 
PHE HZ   H  N N 355 
PHE HXT  H  N N 356 
PRO N    N  N N 357 
PRO CA   C  N S 358 
PRO C    C  N N 359 
PRO O    O  N N 360 
PRO CB   C  N N 361 
PRO CG   C  N N 362 
PRO CD   C  N N 363 
PRO OXT  O  N N 364 
PRO H    H  N N 365 
PRO HA   H  N N 366 
PRO HB2  H  N N 367 
PRO HB3  H  N N 368 
PRO HG2  H  N N 369 
PRO HG3  H  N N 370 
PRO HD2  H  N N 371 
PRO HD3  H  N N 372 
PRO HXT  H  N N 373 
SER N    N  N N 374 
SER CA   C  N S 375 
SER C    C  N N 376 
SER O    O  N N 377 
SER CB   C  N N 378 
SER OG   O  N N 379 
SER OXT  O  N N 380 
SER H    H  N N 381 
SER H2   H  N N 382 
SER HA   H  N N 383 
SER HB2  H  N N 384 
SER HB3  H  N N 385 
SER HG   H  N N 386 
SER HXT  H  N N 387 
THR N    N  N N 388 
THR CA   C  N S 389 
THR C    C  N N 390 
THR O    O  N N 391 
THR CB   C  N R 392 
THR OG1  O  N N 393 
THR CG2  C  N N 394 
THR OXT  O  N N 395 
THR H    H  N N 396 
THR H2   H  N N 397 
THR HA   H  N N 398 
THR HB   H  N N 399 
THR HG1  H  N N 400 
THR HG21 H  N N 401 
THR HG22 H  N N 402 
THR HG23 H  N N 403 
THR HXT  H  N N 404 
TRP N    N  N N 405 
TRP CA   C  N S 406 
TRP C    C  N N 407 
TRP O    O  N N 408 
TRP CB   C  N N 409 
TRP CG   C  Y N 410 
TRP CD1  C  Y N 411 
TRP CD2  C  Y N 412 
TRP NE1  N  Y N 413 
TRP CE2  C  Y N 414 
TRP CE3  C  Y N 415 
TRP CZ2  C  Y N 416 
TRP CZ3  C  Y N 417 
TRP CH2  C  Y N 418 
TRP OXT  O  N N 419 
TRP H    H  N N 420 
TRP H2   H  N N 421 
TRP HA   H  N N 422 
TRP HB2  H  N N 423 
TRP HB3  H  N N 424 
TRP HD1  H  N N 425 
TRP HE1  H  N N 426 
TRP HE3  H  N N 427 
TRP HZ2  H  N N 428 
TRP HZ3  H  N N 429 
TRP HH2  H  N N 430 
TRP HXT  H  N N 431 
TYR N    N  N N 432 
TYR CA   C  N S 433 
TYR C    C  N N 434 
TYR O    O  N N 435 
TYR CB   C  N N 436 
TYR CG   C  Y N 437 
TYR CD1  C  Y N 438 
TYR CD2  C  Y N 439 
TYR CE1  C  Y N 440 
TYR CE2  C  Y N 441 
TYR CZ   C  Y N 442 
TYR OH   O  N N 443 
TYR OXT  O  N N 444 
TYR H    H  N N 445 
TYR H2   H  N N 446 
TYR HA   H  N N 447 
TYR HB2  H  N N 448 
TYR HB3  H  N N 449 
TYR HD1  H  N N 450 
TYR HD2  H  N N 451 
TYR HE1  H  N N 452 
TYR HE2  H  N N 453 
TYR HH   H  N N 454 
TYR HXT  H  N N 455 
VAL N    N  N N 456 
VAL CA   C  N S 457 
VAL C    C  N N 458 
VAL O    O  N N 459 
VAL CB   C  N N 460 
VAL CG1  C  N N 461 
VAL CG2  C  N N 462 
VAL OXT  O  N N 463 
VAL H    H  N N 464 
VAL H2   H  N N 465 
VAL HA   H  N N 466 
VAL HB   H  N N 467 
VAL HG11 H  N N 468 
VAL HG12 H  N N 469 
VAL HG13 H  N N 470 
VAL HG21 H  N N 471 
VAL HG22 H  N N 472 
VAL HG23 H  N N 473 
VAL HXT  H  N N 474 
# 
loop_
_chem_comp_bond.comp_id 
_chem_comp_bond.atom_id_1 
_chem_comp_bond.atom_id_2 
_chem_comp_bond.value_order 
_chem_comp_bond.pdbx_aromatic_flag 
_chem_comp_bond.pdbx_stereo_config 
_chem_comp_bond.pdbx_ordinal 
ALA N   CA   sing N N 1   
ALA N   H    sing N N 2   
ALA N   H2   sing N N 3   
ALA CA  C    sing N N 4   
ALA CA  CB   sing N N 5   
ALA CA  HA   sing N N 6   
ALA C   O    doub N N 7   
ALA C   OXT  sing N N 8   
ALA CB  HB1  sing N N 9   
ALA CB  HB2  sing N N 10  
ALA CB  HB3  sing N N 11  
ALA OXT HXT  sing N N 12  
ARG N   CA   sing N N 13  
ARG N   H    sing N N 14  
ARG N   H2   sing N N 15  
ARG CA  C    sing N N 16  
ARG CA  CB   sing N N 17  
ARG CA  HA   sing N N 18  
ARG C   O    doub N N 19  
ARG C   OXT  sing N N 20  
ARG CB  CG   sing N N 21  
ARG CB  HB2  sing N N 22  
ARG CB  HB3  sing N N 23  
ARG CG  CD   sing N N 24  
ARG CG  HG2  sing N N 25  
ARG CG  HG3  sing N N 26  
ARG CD  NE   sing N N 27  
ARG CD  HD2  sing N N 28  
ARG CD  HD3  sing N N 29  
ARG NE  CZ   sing N N 30  
ARG NE  HE   sing N N 31  
ARG CZ  NH1  sing N N 32  
ARG CZ  NH2  doub N N 33  
ARG NH1 HH11 sing N N 34  
ARG NH1 HH12 sing N N 35  
ARG NH2 HH21 sing N N 36  
ARG NH2 HH22 sing N N 37  
ARG OXT HXT  sing N N 38  
ASN N   CA   sing N N 39  
ASN N   H    sing N N 40  
ASN N   H2   sing N N 41  
ASN CA  C    sing N N 42  
ASN CA  CB   sing N N 43  
ASN CA  HA   sing N N 44  
ASN C   O    doub N N 45  
ASN C   OXT  sing N N 46  
ASN CB  CG   sing N N 47  
ASN CB  HB2  sing N N 48  
ASN CB  HB3  sing N N 49  
ASN CG  OD1  doub N N 50  
ASN CG  ND2  sing N N 51  
ASN ND2 HD21 sing N N 52  
ASN ND2 HD22 sing N N 53  
ASN OXT HXT  sing N N 54  
ASP N   CA   sing N N 55  
ASP N   H    sing N N 56  
ASP N   H2   sing N N 57  
ASP CA  C    sing N N 58  
ASP CA  CB   sing N N 59  
ASP CA  HA   sing N N 60  
ASP C   O    doub N N 61  
ASP C   OXT  sing N N 62  
ASP CB  CG   sing N N 63  
ASP CB  HB2  sing N N 64  
ASP CB  HB3  sing N N 65  
ASP CG  OD1  doub N N 66  
ASP CG  OD2  sing N N 67  
ASP OD2 HD2  sing N N 68  
ASP OXT HXT  sing N N 69  
GLN N   CA   sing N N 70  
GLN N   H    sing N N 71  
GLN N   H2   sing N N 72  
GLN CA  C    sing N N 73  
GLN CA  CB   sing N N 74  
GLN CA  HA   sing N N 75  
GLN C   O    doub N N 76  
GLN C   OXT  sing N N 77  
GLN CB  CG   sing N N 78  
GLN CB  HB2  sing N N 79  
GLN CB  HB3  sing N N 80  
GLN CG  CD   sing N N 81  
GLN CG  HG2  sing N N 82  
GLN CG  HG3  sing N N 83  
GLN CD  OE1  doub N N 84  
GLN CD  NE2  sing N N 85  
GLN NE2 HE21 sing N N 86  
GLN NE2 HE22 sing N N 87  
GLN OXT HXT  sing N N 88  
GLU N   CA   sing N N 89  
GLU N   H    sing N N 90  
GLU N   H2   sing N N 91  
GLU CA  C    sing N N 92  
GLU CA  CB   sing N N 93  
GLU CA  HA   sing N N 94  
GLU C   O    doub N N 95  
GLU C   OXT  sing N N 96  
GLU CB  CG   sing N N 97  
GLU CB  HB2  sing N N 98  
GLU CB  HB3  sing N N 99  
GLU CG  CD   sing N N 100 
GLU CG  HG2  sing N N 101 
GLU CG  HG3  sing N N 102 
GLU CD  OE1  doub N N 103 
GLU CD  OE2  sing N N 104 
GLU OE2 HE2  sing N N 105 
GLU OXT HXT  sing N N 106 
GLY N   CA   sing N N 107 
GLY N   H    sing N N 108 
GLY N   H2   sing N N 109 
GLY CA  C    sing N N 110 
GLY CA  HA2  sing N N 111 
GLY CA  HA3  sing N N 112 
GLY C   O    doub N N 113 
GLY C   OXT  sing N N 114 
GLY OXT HXT  sing N N 115 
HIS N   CA   sing N N 116 
HIS N   H    sing N N 117 
HIS N   H2   sing N N 118 
HIS CA  C    sing N N 119 
HIS CA  CB   sing N N 120 
HIS CA  HA   sing N N 121 
HIS C   O    doub N N 122 
HIS C   OXT  sing N N 123 
HIS CB  CG   sing N N 124 
HIS CB  HB2  sing N N 125 
HIS CB  HB3  sing N N 126 
HIS CG  ND1  sing Y N 127 
HIS CG  CD2  doub Y N 128 
HIS ND1 CE1  doub Y N 129 
HIS ND1 HD1  sing N N 130 
HIS CD2 NE2  sing Y N 131 
HIS CD2 HD2  sing N N 132 
HIS CE1 NE2  sing Y N 133 
HIS CE1 HE1  sing N N 134 
HIS NE2 HE2  sing N N 135 
HIS OXT HXT  sing N N 136 
HOH O   H1   sing N N 137 
HOH O   H2   sing N N 138 
ILE N   CA   sing N N 139 
ILE N   H    sing N N 140 
ILE N   H2   sing N N 141 
ILE CA  C    sing N N 142 
ILE CA  CB   sing N N 143 
ILE CA  HA   sing N N 144 
ILE C   O    doub N N 145 
ILE C   OXT  sing N N 146 
ILE CB  CG1  sing N N 147 
ILE CB  CG2  sing N N 148 
ILE CB  HB   sing N N 149 
ILE CG1 CD1  sing N N 150 
ILE CG1 HG12 sing N N 151 
ILE CG1 HG13 sing N N 152 
ILE CG2 HG21 sing N N 153 
ILE CG2 HG22 sing N N 154 
ILE CG2 HG23 sing N N 155 
ILE CD1 HD11 sing N N 156 
ILE CD1 HD12 sing N N 157 
ILE CD1 HD13 sing N N 158 
ILE OXT HXT  sing N N 159 
LEU N   CA   sing N N 160 
LEU N   H    sing N N 161 
LEU N   H2   sing N N 162 
LEU CA  C    sing N N 163 
LEU CA  CB   sing N N 164 
LEU CA  HA   sing N N 165 
LEU C   O    doub N N 166 
LEU C   OXT  sing N N 167 
LEU CB  CG   sing N N 168 
LEU CB  HB2  sing N N 169 
LEU CB  HB3  sing N N 170 
LEU CG  CD1  sing N N 171 
LEU CG  CD2  sing N N 172 
LEU CG  HG   sing N N 173 
LEU CD1 HD11 sing N N 174 
LEU CD1 HD12 sing N N 175 
LEU CD1 HD13 sing N N 176 
LEU CD2 HD21 sing N N 177 
LEU CD2 HD22 sing N N 178 
LEU CD2 HD23 sing N N 179 
LEU OXT HXT  sing N N 180 
LYS N   CA   sing N N 181 
LYS N   H    sing N N 182 
LYS N   H2   sing N N 183 
LYS CA  C    sing N N 184 
LYS CA  CB   sing N N 185 
LYS CA  HA   sing N N 186 
LYS C   O    doub N N 187 
LYS C   OXT  sing N N 188 
LYS CB  CG   sing N N 189 
LYS CB  HB2  sing N N 190 
LYS CB  HB3  sing N N 191 
LYS CG  CD   sing N N 192 
LYS CG  HG2  sing N N 193 
LYS CG  HG3  sing N N 194 
LYS CD  CE   sing N N 195 
LYS CD  HD2  sing N N 196 
LYS CD  HD3  sing N N 197 
LYS CE  NZ   sing N N 198 
LYS CE  HE2  sing N N 199 
LYS CE  HE3  sing N N 200 
LYS NZ  HZ1  sing N N 201 
LYS NZ  HZ2  sing N N 202 
LYS NZ  HZ3  sing N N 203 
LYS OXT HXT  sing N N 204 
MET N   CA   sing N N 205 
MET N   H    sing N N 206 
MET N   H2   sing N N 207 
MET CA  C    sing N N 208 
MET CA  CB   sing N N 209 
MET CA  HA   sing N N 210 
MET C   O    doub N N 211 
MET C   OXT  sing N N 212 
MET CB  CG   sing N N 213 
MET CB  HB2  sing N N 214 
MET CB  HB3  sing N N 215 
MET CG  SD   sing N N 216 
MET CG  HG2  sing N N 217 
MET CG  HG3  sing N N 218 
MET SD  CE   sing N N 219 
MET CE  HE1  sing N N 220 
MET CE  HE2  sing N N 221 
MET CE  HE3  sing N N 222 
MET OXT HXT  sing N N 223 
OLS O04 C13  doub N N 224 
OLS C13 N03  sing N N 225 
OLS C13 N02  sing N N 226 
OLS N03 C11  sing N N 227 
OLS C11 C10  sing N N 228 
OLS C11 C12  sing N N 229 
OLS C10 S01  sing N N 230 
OLS S01 C09  sing N N 231 
OLS N02 C12  sing N N 232 
OLS C12 C09  sing N N 233 
OLS C09 C08  sing N N 234 
OLS C08 C07  sing N N 235 
OLS C07 C06  sing N N 236 
OLS C06 C05  sing N N 237 
OLS C05 C01  sing N N 238 
OLS C01 O01  doub N N 239 
OLS C01 N01  sing N N 240 
OLS N01 C02  sing N N 241 
OLS C02 C37  sing N N 242 
OLS C37 C04  sing N N 243 
OLS C04 O14  sing N N 244 
OLS C04 O03  sing N N 245 
OLS O14 CO2  sing N N 246 
OLS O03 CO4  sing N N 247 
OLS CO4 O05  sing N N 248 
OLS CO4 O07  sing N N 249 
OLS CO4 N07  sing N N 250 
OLS CO4 O12  sing N N 251 
OLS CO4 O15  sing N N 252 
OLS O05 CO1  sing N N 253 
OLS O05 CO2  sing N N 254 
OLS O07 CO1  sing N N 255 
OLS O07 CO3  sing N N 256 
OLS N07 C44  doub Y N 257 
OLS N07 C40  sing Y N 258 
OLS C44 C43  sing Y N 259 
OLS C43 C42  doub Y N 260 
OLS C42 C41  sing Y N 261 
OLS C41 C40  doub Y N 262 
OLS CO1 N04  sing N N 263 
OLS CO1 O10  sing N N 264 
OLS CO1 O06  sing N N 265 
OLS CO1 O08  sing N N 266 
OLS N04 C22  doub Y N 267 
OLS N04 C18  sing Y N 268 
OLS C22 C21  sing Y N 269 
OLS C21 C20  doub Y N 270 
OLS C20 C19  sing Y N 271 
OLS C19 C18  doub Y N 272 
OLS O12 CO3  sing N N 273 
OLS O12 CO2  sing N N 274 
OLS CO3 N06  sing N N 275 
OLS CO3 O06  sing N N 276 
OLS N06 C34  doub Y N 277 
OLS N06 C28  sing Y N 278 
OLS C34 C35  sing Y N 279 
OLS C35 C30  doub Y N 280 
OLS C30 C29  sing Y N 281 
OLS C29 C28  doub Y N 282 
OLS O06 CO2  sing N N 283 
OLS CO2 O09  sing N N 284 
OLS CO2 N05  sing N N 285 
OLS N05 C32  doub Y N 286 
OLS N05 C24  sing Y N 287 
OLS C32 C33  sing Y N 288 
OLS C33 C26  doub Y N 289 
OLS C26 C25  sing Y N 290 
OLS C25 C24  doub Y N 291 
OLS N03 H1   sing N N 292 
OLS C11 H2   sing N N 293 
OLS C10 H3   sing N N 294 
OLS C10 H4   sing N N 295 
OLS N02 H5   sing N N 296 
OLS C12 H6   sing N N 297 
OLS C09 H7   sing N N 298 
OLS C08 H8   sing N N 299 
OLS C08 H9   sing N N 300 
OLS C07 H10  sing N N 301 
OLS C07 H11  sing N N 302 
OLS C06 H12  sing N N 303 
OLS C06 H13  sing N N 304 
OLS C05 H14  sing N N 305 
OLS C05 H15  sing N N 306 
OLS N01 H16  sing N N 307 
OLS C02 H17  sing N N 308 
OLS C02 H18  sing N N 309 
OLS C37 H19  sing N N 310 
OLS C37 H20  sing N N 311 
OLS C04 H21  sing N N 312 
OLS C44 H22  sing N N 313 
OLS C43 H23  sing N N 314 
OLS C42 H24  sing N N 315 
OLS C41 H25  sing N N 316 
OLS C40 H26  sing N N 317 
OLS C22 H27  sing N N 318 
OLS C21 H28  sing N N 319 
OLS C20 H29  sing N N 320 
OLS C19 H30  sing N N 321 
OLS C18 H31  sing N N 322 
OLS C34 H32  sing N N 323 
OLS C35 H33  sing N N 324 
OLS C30 H34  sing N N 325 
OLS C29 H35  sing N N 326 
OLS C28 H36  sing N N 327 
OLS C32 H41  sing N N 328 
OLS C33 H42  sing N N 329 
OLS C26 H43  sing N N 330 
OLS C25 H44  sing N N 331 
OLS C24 H45  sing N N 332 
PHE N   CA   sing N N 333 
PHE N   H    sing N N 334 
PHE N   H2   sing N N 335 
PHE CA  C    sing N N 336 
PHE CA  CB   sing N N 337 
PHE CA  HA   sing N N 338 
PHE C   O    doub N N 339 
PHE C   OXT  sing N N 340 
PHE CB  CG   sing N N 341 
PHE CB  HB2  sing N N 342 
PHE CB  HB3  sing N N 343 
PHE CG  CD1  doub Y N 344 
PHE CG  CD2  sing Y N 345 
PHE CD1 CE1  sing Y N 346 
PHE CD1 HD1  sing N N 347 
PHE CD2 CE2  doub Y N 348 
PHE CD2 HD2  sing N N 349 
PHE CE1 CZ   doub Y N 350 
PHE CE1 HE1  sing N N 351 
PHE CE2 CZ   sing Y N 352 
PHE CE2 HE2  sing N N 353 
PHE CZ  HZ   sing N N 354 
PHE OXT HXT  sing N N 355 
PRO N   CA   sing N N 356 
PRO N   CD   sing N N 357 
PRO N   H    sing N N 358 
PRO CA  C    sing N N 359 
PRO CA  CB   sing N N 360 
PRO CA  HA   sing N N 361 
PRO C   O    doub N N 362 
PRO C   OXT  sing N N 363 
PRO CB  CG   sing N N 364 
PRO CB  HB2  sing N N 365 
PRO CB  HB3  sing N N 366 
PRO CG  CD   sing N N 367 
PRO CG  HG2  sing N N 368 
PRO CG  HG3  sing N N 369 
PRO CD  HD2  sing N N 370 
PRO CD  HD3  sing N N 371 
PRO OXT HXT  sing N N 372 
SER N   CA   sing N N 373 
SER N   H    sing N N 374 
SER N   H2   sing N N 375 
SER CA  C    sing N N 376 
SER CA  CB   sing N N 377 
SER CA  HA   sing N N 378 
SER C   O    doub N N 379 
SER C   OXT  sing N N 380 
SER CB  OG   sing N N 381 
SER CB  HB2  sing N N 382 
SER CB  HB3  sing N N 383 
SER OG  HG   sing N N 384 
SER OXT HXT  sing N N 385 
THR N   CA   sing N N 386 
THR N   H    sing N N 387 
THR N   H2   sing N N 388 
THR CA  C    sing N N 389 
THR CA  CB   sing N N 390 
THR CA  HA   sing N N 391 
THR C   O    doub N N 392 
THR C   OXT  sing N N 393 
THR CB  OG1  sing N N 394 
THR CB  CG2  sing N N 395 
THR CB  HB   sing N N 396 
THR OG1 HG1  sing N N 397 
THR CG2 HG21 sing N N 398 
THR CG2 HG22 sing N N 399 
THR CG2 HG23 sing N N 400 
THR OXT HXT  sing N N 401 
TRP N   CA   sing N N 402 
TRP N   H    sing N N 403 
TRP N   H2   sing N N 404 
TRP CA  C    sing N N 405 
TRP CA  CB   sing N N 406 
TRP CA  HA   sing N N 407 
TRP C   O    doub N N 408 
TRP C   OXT  sing N N 409 
TRP CB  CG   sing N N 410 
TRP CB  HB2  sing N N 411 
TRP CB  HB3  sing N N 412 
TRP CG  CD1  doub Y N 413 
TRP CG  CD2  sing Y N 414 
TRP CD1 NE1  sing Y N 415 
TRP CD1 HD1  sing N N 416 
TRP CD2 CE2  doub Y N 417 
TRP CD2 CE3  sing Y N 418 
TRP NE1 CE2  sing Y N 419 
TRP NE1 HE1  sing N N 420 
TRP CE2 CZ2  sing Y N 421 
TRP CE3 CZ3  doub Y N 422 
TRP CE3 HE3  sing N N 423 
TRP CZ2 CH2  doub Y N 424 
TRP CZ2 HZ2  sing N N 425 
TRP CZ3 CH2  sing Y N 426 
TRP CZ3 HZ3  sing N N 427 
TRP CH2 HH2  sing N N 428 
TRP OXT HXT  sing N N 429 
TYR N   CA   sing N N 430 
TYR N   H    sing N N 431 
TYR N   H2   sing N N 432 
TYR CA  C    sing N N 433 
TYR CA  CB   sing N N 434 
TYR CA  HA   sing N N 435 
TYR C   O    doub N N 436 
TYR C   OXT  sing N N 437 
TYR CB  CG   sing N N 438 
TYR CB  HB2  sing N N 439 
TYR CB  HB3  sing N N 440 
TYR CG  CD1  doub Y N 441 
TYR CG  CD2  sing Y N 442 
TYR CD1 CE1  sing Y N 443 
TYR CD1 HD1  sing N N 444 
TYR CD2 CE2  doub Y N 445 
TYR CD2 HD2  sing N N 446 
TYR CE1 CZ   doub Y N 447 
TYR CE1 HE1  sing N N 448 
TYR CE2 CZ   sing Y N 449 
TYR CE2 HE2  sing N N 450 
TYR CZ  OH   sing N N 451 
TYR OH  HH   sing N N 452 
TYR OXT HXT  sing N N 453 
VAL N   CA   sing N N 454 
VAL N   H    sing N N 455 
VAL N   H2   sing N N 456 
VAL CA  C    sing N N 457 
VAL CA  CB   sing N N 458 
VAL CA  HA   sing N N 459 
VAL C   O    doub N N 460 
VAL C   OXT  sing N N 461 
VAL CB  CG1  sing N N 462 
VAL CB  CG2  sing N N 463 
VAL CB  HB   sing N N 464 
VAL CG1 HG11 sing N N 465 
VAL CG1 HG12 sing N N 466 
VAL CG1 HG13 sing N N 467 
VAL CG2 HG21 sing N N 468 
VAL CG2 HG22 sing N N 469 
VAL CG2 HG23 sing N N 470 
VAL OXT HXT  sing N N 471 
# 
_pdbx_audit_support.funding_organization   
'National Institutes of Health/National Institute of General Medical Sciences (NIH/NIGMS)' 
_pdbx_audit_support.country                'United States' 
_pdbx_audit_support.grant_number           'GM 120349' 
_pdbx_audit_support.ordinal                1 
# 
_pdbx_entity_instance_feature.ordinal        1 
_pdbx_entity_instance_feature.comp_id        OLS 
_pdbx_entity_instance_feature.asym_id        ? 
_pdbx_entity_instance_feature.seq_num        ? 
_pdbx_entity_instance_feature.auth_comp_id   OLS 
_pdbx_entity_instance_feature.auth_asym_id   ? 
_pdbx_entity_instance_feature.auth_seq_num   ? 
_pdbx_entity_instance_feature.feature_type   'SUBJECT OF INVESTIGATION' 
_pdbx_entity_instance_feature.details        ? 
# 
loop_
_pdbx_entity_nonpoly.entity_id 
_pdbx_entity_nonpoly.name 
_pdbx_entity_nonpoly.comp_id 
2 'N-biotin-C-Co4(mu3-O)4(Py)4(H2O)4-beta-alanine' OLS 
3 water                                            HOH 
# 
_pdbx_initial_refinement_model.id               1 
_pdbx_initial_refinement_model.entity_id_list   ? 
_pdbx_initial_refinement_model.type             'experimental model' 
_pdbx_initial_refinement_model.source_name      PDB 
_pdbx_initial_refinement_model.accession_code   2QCB 
_pdbx_initial_refinement_model.details          ? 
# 
_pdbx_struct_assembly_auth_evidence.id                     1 
_pdbx_struct_assembly_auth_evidence.assembly_id            1 
_pdbx_struct_assembly_auth_evidence.experimental_support   'gel filtration' 
_pdbx_struct_assembly_auth_evidence.details                ? 
# 
